data_3B81
# 
_entry.id   3B81 
# 
_audit_conform.dict_name       mmcif_pdbx.dic 
_audit_conform.dict_version    5.399 
_audit_conform.dict_location   http://mmcif.pdb.org/dictionaries/ascii/mmcif_pdbx.dic 
# 
loop_
_database_2.database_id 
_database_2.database_code 
_database_2.pdbx_database_accession 
_database_2.pdbx_DOI 
PDB   3B81         pdb_00003b81 10.2210/pdb3b81/pdb 
RCSB  RCSB045194   ?            ?                   
WWPDB D_1000045194 ?            ?                   
# 
loop_
_pdbx_audit_revision_history.ordinal 
_pdbx_audit_revision_history.data_content_type 
_pdbx_audit_revision_history.major_revision 
_pdbx_audit_revision_history.minor_revision 
_pdbx_audit_revision_history.revision_date 
1 'Structure model' 1 0 2007-11-20 
2 'Structure model' 1 1 2011-07-13 
3 'Structure model' 1 2 2017-10-25 
4 'Structure model' 1 3 2019-07-24 
5 'Structure model' 1 4 2023-01-25 
6 'Structure model' 1 5 2024-11-20 
# 
_pdbx_audit_revision_details.ordinal             1 
_pdbx_audit_revision_details.revision_ordinal    1 
_pdbx_audit_revision_details.data_content_type   'Structure model' 
_pdbx_audit_revision_details.provider            repository 
_pdbx_audit_revision_details.type                'Initial release' 
_pdbx_audit_revision_details.description         ? 
_pdbx_audit_revision_details.details             ? 
# 
loop_
_pdbx_audit_revision_group.ordinal 
_pdbx_audit_revision_group.revision_ordinal 
_pdbx_audit_revision_group.data_content_type 
_pdbx_audit_revision_group.group 
1  2 'Structure model' Advisory                    
2  2 'Structure model' 'Version format compliance' 
3  3 'Structure model' 'Refinement description'    
4  4 'Structure model' 'Data collection'           
5  4 'Structure model' 'Derived calculations'      
6  4 'Structure model' 'Refinement description'    
7  5 'Structure model' 'Database references'       
8  5 'Structure model' 'Derived calculations'      
9  6 'Structure model' 'Data collection'           
10 6 'Structure model' 'Structure summary'         
# 
loop_
_pdbx_audit_revision_category.ordinal 
_pdbx_audit_revision_category.revision_ordinal 
_pdbx_audit_revision_category.data_content_type 
_pdbx_audit_revision_category.category 
1  3 'Structure model' software                  
2  4 'Structure model' software                  
3  4 'Structure model' struct_conn               
4  5 'Structure model' database_2                
5  5 'Structure model' struct_ref_seq_dif        
6  5 'Structure model' struct_site               
7  6 'Structure model' chem_comp_atom            
8  6 'Structure model' chem_comp_bond            
9  6 'Structure model' pdbx_entry_details        
10 6 'Structure model' pdbx_modification_feature 
# 
loop_
_pdbx_audit_revision_item.ordinal 
_pdbx_audit_revision_item.revision_ordinal 
_pdbx_audit_revision_item.data_content_type 
_pdbx_audit_revision_item.item 
1  3 'Structure model' '_software.classification'                     
2  3 'Structure model' '_software.name'                               
3  4 'Structure model' '_software.classification'                     
4  4 'Structure model' '_software.contact_author'                     
5  4 'Structure model' '_software.contact_author_email'               
6  4 'Structure model' '_software.language'                           
7  4 'Structure model' '_software.location'                           
8  4 'Structure model' '_software.name'                               
9  4 'Structure model' '_software.type'                               
10 4 'Structure model' '_software.version'                            
11 4 'Structure model' '_struct_conn.pdbx_leaving_atom_flag'          
12 5 'Structure model' '_database_2.pdbx_DOI'                         
13 5 'Structure model' '_database_2.pdbx_database_accession'          
14 5 'Structure model' '_struct_ref_seq_dif.details'                  
15 5 'Structure model' '_struct_site.pdbx_auth_asym_id'               
16 5 'Structure model' '_struct_site.pdbx_auth_comp_id'               
17 5 'Structure model' '_struct_site.pdbx_auth_seq_id'                
18 6 'Structure model' '_pdbx_entry_details.has_protein_modification' 
# 
_pdbx_database_status.SG_entry                        Y 
_pdbx_database_status.entry_id                        3B81 
_pdbx_database_status.deposit_site                    RCSB 
_pdbx_database_status.process_site                    RCSB 
_pdbx_database_status.recvd_initial_deposition_date   2007-10-31 
_pdbx_database_status.status_code                     REL 
_pdbx_database_status.status_code_sf                  REL 
_pdbx_database_status.status_code_mr                  ? 
_pdbx_database_status.pdb_format_compatible           Y 
_pdbx_database_status.status_code_cs                  ? 
_pdbx_database_status.methods_development_category    ? 
_pdbx_database_status.status_code_nmr_data            ? 
# 
_pdbx_database_related.db_name        TargetDB 
_pdbx_database_related.db_id          379155 
_pdbx_database_related.details        . 
_pdbx_database_related.content_type   unspecified 
# 
_audit_author.name           'Joint Center for Structural Genomics (JCSG)' 
_audit_author.pdbx_ordinal   1 
# 
_citation.id                        primary 
_citation.title                     
;Crystal structure of predicted DNA-binding transcriptional regulator of TetR/AcrR family (NP_350189.1) from Clostridium acetobutylicum at 2.10 A resolution
;
_citation.journal_abbrev            'To be published' 
_citation.journal_volume            ? 
_citation.page_first                ? 
_citation.page_last                 ? 
_citation.year                      ? 
_citation.journal_id_ASTM           ? 
_citation.country                   ? 
_citation.journal_id_ISSN           ? 
_citation.journal_id_CSD            0353 
_citation.book_publisher            ? 
_citation.pdbx_database_id_PubMed   ? 
_citation.pdbx_database_id_DOI      ? 
# 
_citation_author.citation_id        primary 
_citation_author.name               'Joint Center for Structural Genomics (JCSG)' 
_citation_author.ordinal            1 
_citation_author.identifier_ORCID   ? 
# 
loop_
_entity.id 
_entity.type 
_entity.src_method 
_entity.pdbx_description 
_entity.formula_weight 
_entity.pdbx_number_of_molecules 
_entity.pdbx_ec 
_entity.pdbx_mutation 
_entity.pdbx_fragment 
_entity.details 
1 polymer     man 'Transcriptional regulator, AcrR family' 23461.463 1  ? ? ? ? 
2 non-polymer syn 'SODIUM ION'                             22.990    1  ? ? ? ? 
3 non-polymer syn 1,2-ETHANEDIOL                           62.068    3  ? ? ? ? 
4 water       nat water                                    18.015    82 ? ? ? ? 
# 
_entity_poly.entity_id                      1 
_entity_poly.type                           'polypeptide(L)' 
_entity_poly.nstd_linkage                   no 
_entity_poly.nstd_monomer                   yes 
_entity_poly.pdbx_seq_one_letter_code       
;G(MSE)SRTNINFNNKRTELANKIWDIFIANGYENTTLAFIINKLGISKGALYHYFSSKEECADAAIENRVAFFSNEVLK
ESEEGLNSIERLKKILLAGIKITSVNEQVKEINSPSNKIFHQKL(MSE)VAIIKYFAPIYADIISQGNEEGVFKVKYPLE
TAEIILTLSHFYLDEDLFKWKKED(MSE)SLKLTAFKETLIKILDADEDTFDFIK
;
_entity_poly.pdbx_seq_one_letter_code_can   
;GMSRTNINFNNKRTELANKIWDIFIANGYENTTLAFIINKLGISKGALYHYFSSKEECADAAIENRVAFFSNEVLKESEE
GLNSIERLKKILLAGIKITSVNEQVKEINSPSNKIFHQKLMVAIIKYFAPIYADIISQGNEEGVFKVKYPLETAEIILTL
SHFYLDEDLFKWKKEDMSLKLTAFKETLIKILDADEDTFDFIK
;
_entity_poly.pdbx_strand_id                 A 
_entity_poly.pdbx_target_identifier         379155 
# 
loop_
_pdbx_entity_nonpoly.entity_id 
_pdbx_entity_nonpoly.name 
_pdbx_entity_nonpoly.comp_id 
2 'SODIUM ION'   NA  
3 1,2-ETHANEDIOL EDO 
4 water          HOH 
# 
loop_
_entity_poly_seq.entity_id 
_entity_poly_seq.num 
_entity_poly_seq.mon_id 
_entity_poly_seq.hetero 
1 1   GLY n 
1 2   MSE n 
1 3   SER n 
1 4   ARG n 
1 5   THR n 
1 6   ASN n 
1 7   ILE n 
1 8   ASN n 
1 9   PHE n 
1 10  ASN n 
1 11  ASN n 
1 12  LYS n 
1 13  ARG n 
1 14  THR n 
1 15  GLU n 
1 16  LEU n 
1 17  ALA n 
1 18  ASN n 
1 19  LYS n 
1 20  ILE n 
1 21  TRP n 
1 22  ASP n 
1 23  ILE n 
1 24  PHE n 
1 25  ILE n 
1 26  ALA n 
1 27  ASN n 
1 28  GLY n 
1 29  TYR n 
1 30  GLU n 
1 31  ASN n 
1 32  THR n 
1 33  THR n 
1 34  LEU n 
1 35  ALA n 
1 36  PHE n 
1 37  ILE n 
1 38  ILE n 
1 39  ASN n 
1 40  LYS n 
1 41  LEU n 
1 42  GLY n 
1 43  ILE n 
1 44  SER n 
1 45  LYS n 
1 46  GLY n 
1 47  ALA n 
1 48  LEU n 
1 49  TYR n 
1 50  HIS n 
1 51  TYR n 
1 52  PHE n 
1 53  SER n 
1 54  SER n 
1 55  LYS n 
1 56  GLU n 
1 57  GLU n 
1 58  CYS n 
1 59  ALA n 
1 60  ASP n 
1 61  ALA n 
1 62  ALA n 
1 63  ILE n 
1 64  GLU n 
1 65  ASN n 
1 66  ARG n 
1 67  VAL n 
1 68  ALA n 
1 69  PHE n 
1 70  PHE n 
1 71  SER n 
1 72  ASN n 
1 73  GLU n 
1 74  VAL n 
1 75  LEU n 
1 76  LYS n 
1 77  GLU n 
1 78  SER n 
1 79  GLU n 
1 80  GLU n 
1 81  GLY n 
1 82  LEU n 
1 83  ASN n 
1 84  SER n 
1 85  ILE n 
1 86  GLU n 
1 87  ARG n 
1 88  LEU n 
1 89  LYS n 
1 90  LYS n 
1 91  ILE n 
1 92  LEU n 
1 93  LEU n 
1 94  ALA n 
1 95  GLY n 
1 96  ILE n 
1 97  LYS n 
1 98  ILE n 
1 99  THR n 
1 100 SER n 
1 101 VAL n 
1 102 ASN n 
1 103 GLU n 
1 104 GLN n 
1 105 VAL n 
1 106 LYS n 
1 107 GLU n 
1 108 ILE n 
1 109 ASN n 
1 110 SER n 
1 111 PRO n 
1 112 SER n 
1 113 ASN n 
1 114 LYS n 
1 115 ILE n 
1 116 PHE n 
1 117 HIS n 
1 118 GLN n 
1 119 LYS n 
1 120 LEU n 
1 121 MSE n 
1 122 VAL n 
1 123 ALA n 
1 124 ILE n 
1 125 ILE n 
1 126 LYS n 
1 127 TYR n 
1 128 PHE n 
1 129 ALA n 
1 130 PRO n 
1 131 ILE n 
1 132 TYR n 
1 133 ALA n 
1 134 ASP n 
1 135 ILE n 
1 136 ILE n 
1 137 SER n 
1 138 GLN n 
1 139 GLY n 
1 140 ASN n 
1 141 GLU n 
1 142 GLU n 
1 143 GLY n 
1 144 VAL n 
1 145 PHE n 
1 146 LYS n 
1 147 VAL n 
1 148 LYS n 
1 149 TYR n 
1 150 PRO n 
1 151 LEU n 
1 152 GLU n 
1 153 THR n 
1 154 ALA n 
1 155 GLU n 
1 156 ILE n 
1 157 ILE n 
1 158 LEU n 
1 159 THR n 
1 160 LEU n 
1 161 SER n 
1 162 HIS n 
1 163 PHE n 
1 164 TYR n 
1 165 LEU n 
1 166 ASP n 
1 167 GLU n 
1 168 ASP n 
1 169 LEU n 
1 170 PHE n 
1 171 LYS n 
1 172 TRP n 
1 173 LYS n 
1 174 LYS n 
1 175 GLU n 
1 176 ASP n 
1 177 MSE n 
1 178 SER n 
1 179 LEU n 
1 180 LYS n 
1 181 LEU n 
1 182 THR n 
1 183 ALA n 
1 184 PHE n 
1 185 LYS n 
1 186 GLU n 
1 187 THR n 
1 188 LEU n 
1 189 ILE n 
1 190 LYS n 
1 191 ILE n 
1 192 LEU n 
1 193 ASP n 
1 194 ALA n 
1 195 ASP n 
1 196 GLU n 
1 197 ASP n 
1 198 THR n 
1 199 PHE n 
1 200 ASP n 
1 201 PHE n 
1 202 ILE n 
1 203 LYS n 
# 
_entity_src_gen.entity_id                          1 
_entity_src_gen.pdbx_src_id                        1 
_entity_src_gen.pdbx_alt_source_flag               sample 
_entity_src_gen.pdbx_seq_type                      ? 
_entity_src_gen.pdbx_beg_seq_num                   ? 
_entity_src_gen.pdbx_end_seq_num                   ? 
_entity_src_gen.gene_src_common_name               ? 
_entity_src_gen.gene_src_genus                     Clostridium 
_entity_src_gen.pdbx_gene_src_gene                 'NP_350189.1, CA_C3606' 
_entity_src_gen.gene_src_species                   'Clostridium acetobutylicum' 
_entity_src_gen.gene_src_strain                    'DSM 792, JCM 1419, LMG 5710, VKM B-1787' 
_entity_src_gen.gene_src_tissue                    ? 
_entity_src_gen.gene_src_tissue_fraction           ? 
_entity_src_gen.gene_src_details                   ? 
_entity_src_gen.pdbx_gene_src_fragment             ? 
_entity_src_gen.pdbx_gene_src_scientific_name      'Clostridium acetobutylicum ATCC 824' 
_entity_src_gen.pdbx_gene_src_ncbi_taxonomy_id     272562 
_entity_src_gen.pdbx_gene_src_variant              ? 
_entity_src_gen.pdbx_gene_src_cell_line            ? 
_entity_src_gen.pdbx_gene_src_atcc                 ? 
_entity_src_gen.pdbx_gene_src_organ                ? 
_entity_src_gen.pdbx_gene_src_organelle            ? 
_entity_src_gen.pdbx_gene_src_cell                 ? 
_entity_src_gen.pdbx_gene_src_cellular_location    ? 
_entity_src_gen.host_org_common_name               ? 
_entity_src_gen.pdbx_host_org_scientific_name      'Escherichia coli' 
_entity_src_gen.pdbx_host_org_ncbi_taxonomy_id     562 
_entity_src_gen.host_org_genus                     Escherichia 
_entity_src_gen.pdbx_host_org_gene                 ? 
_entity_src_gen.pdbx_host_org_organ                ? 
_entity_src_gen.host_org_species                   ? 
_entity_src_gen.pdbx_host_org_tissue               ? 
_entity_src_gen.pdbx_host_org_tissue_fraction      ? 
_entity_src_gen.pdbx_host_org_strain               HK100 
_entity_src_gen.pdbx_host_org_variant              ? 
_entity_src_gen.pdbx_host_org_cell_line            ? 
_entity_src_gen.pdbx_host_org_atcc                 ? 
_entity_src_gen.pdbx_host_org_culture_collection   ? 
_entity_src_gen.pdbx_host_org_cell                 ? 
_entity_src_gen.pdbx_host_org_organelle            ? 
_entity_src_gen.pdbx_host_org_cellular_location    ? 
_entity_src_gen.pdbx_host_org_vector_type          Plasmid 
_entity_src_gen.pdbx_host_org_vector               ? 
_entity_src_gen.host_org_details                   ? 
_entity_src_gen.expression_system_id               ? 
_entity_src_gen.plasmid_name                       speedET 
_entity_src_gen.plasmid_details                    ? 
_entity_src_gen.pdbx_description                   ? 
# 
loop_
_chem_comp.id 
_chem_comp.type 
_chem_comp.mon_nstd_flag 
_chem_comp.name 
_chem_comp.pdbx_synonyms 
_chem_comp.formula 
_chem_comp.formula_weight 
ALA 'L-peptide linking' y ALANINE          ?                 'C3 H7 N O2'     89.093  
ARG 'L-peptide linking' y ARGININE         ?                 'C6 H15 N4 O2 1' 175.209 
ASN 'L-peptide linking' y ASPARAGINE       ?                 'C4 H8 N2 O3'    132.118 
ASP 'L-peptide linking' y 'ASPARTIC ACID'  ?                 'C4 H7 N O4'     133.103 
CYS 'L-peptide linking' y CYSTEINE         ?                 'C3 H7 N O2 S'   121.158 
EDO non-polymer         . 1,2-ETHANEDIOL   'ETHYLENE GLYCOL' 'C2 H6 O2'       62.068  
GLN 'L-peptide linking' y GLUTAMINE        ?                 'C5 H10 N2 O3'   146.144 
GLU 'L-peptide linking' y 'GLUTAMIC ACID'  ?                 'C5 H9 N O4'     147.129 
GLY 'peptide linking'   y GLYCINE          ?                 'C2 H5 N O2'     75.067  
HIS 'L-peptide linking' y HISTIDINE        ?                 'C6 H10 N3 O2 1' 156.162 
HOH non-polymer         . WATER            ?                 'H2 O'           18.015  
ILE 'L-peptide linking' y ISOLEUCINE       ?                 'C6 H13 N O2'    131.173 
LEU 'L-peptide linking' y LEUCINE          ?                 'C6 H13 N O2'    131.173 
LYS 'L-peptide linking' y LYSINE           ?                 'C6 H15 N2 O2 1' 147.195 
MSE 'L-peptide linking' n SELENOMETHIONINE ?                 'C5 H11 N O2 Se' 196.106 
NA  non-polymer         . 'SODIUM ION'     ?                 'Na 1'           22.990  
PHE 'L-peptide linking' y PHENYLALANINE    ?                 'C9 H11 N O2'    165.189 
PRO 'L-peptide linking' y PROLINE          ?                 'C5 H9 N O2'     115.130 
SER 'L-peptide linking' y SERINE           ?                 'C3 H7 N O3'     105.093 
THR 'L-peptide linking' y THREONINE        ?                 'C4 H9 N O3'     119.119 
TRP 'L-peptide linking' y TRYPTOPHAN       ?                 'C11 H12 N2 O2'  204.225 
TYR 'L-peptide linking' y TYROSINE         ?                 'C9 H11 N O3'    181.189 
VAL 'L-peptide linking' y VALINE           ?                 'C5 H11 N O2'    117.146 
# 
loop_
_pdbx_poly_seq_scheme.asym_id 
_pdbx_poly_seq_scheme.entity_id 
_pdbx_poly_seq_scheme.seq_id 
_pdbx_poly_seq_scheme.mon_id 
_pdbx_poly_seq_scheme.ndb_seq_num 
_pdbx_poly_seq_scheme.pdb_seq_num 
_pdbx_poly_seq_scheme.auth_seq_num 
_pdbx_poly_seq_scheme.pdb_mon_id 
_pdbx_poly_seq_scheme.auth_mon_id 
_pdbx_poly_seq_scheme.pdb_strand_id 
_pdbx_poly_seq_scheme.pdb_ins_code 
_pdbx_poly_seq_scheme.hetero 
A 1 1   GLY 1   0   ?   ?   ?   A . n 
A 1 2   MSE 2   1   ?   ?   ?   A . n 
A 1 3   SER 3   2   ?   ?   ?   A . n 
A 1 4   ARG 4   3   ?   ?   ?   A . n 
A 1 5   THR 5   4   ?   ?   ?   A . n 
A 1 6   ASN 6   5   ?   ?   ?   A . n 
A 1 7   ILE 7   6   6   ILE ILE A . n 
A 1 8   ASN 8   7   7   ASN ASN A . n 
A 1 9   PHE 9   8   8   PHE PHE A . n 
A 1 10  ASN 10  9   9   ASN ASN A . n 
A 1 11  ASN 11  10  10  ASN ASN A . n 
A 1 12  LYS 12  11  11  LYS LYS A . n 
A 1 13  ARG 13  12  12  ARG ARG A . n 
A 1 14  THR 14  13  13  THR THR A . n 
A 1 15  GLU 15  14  14  GLU GLU A . n 
A 1 16  LEU 16  15  15  LEU LEU A . n 
A 1 17  ALA 17  16  16  ALA ALA A . n 
A 1 18  ASN 18  17  17  ASN ASN A . n 
A 1 19  LYS 19  18  18  LYS LYS A . n 
A 1 20  ILE 20  19  19  ILE ILE A . n 
A 1 21  TRP 21  20  20  TRP TRP A . n 
A 1 22  ASP 22  21  21  ASP ASP A . n 
A 1 23  ILE 23  22  22  ILE ILE A . n 
A 1 24  PHE 24  23  23  PHE PHE A . n 
A 1 25  ILE 25  24  24  ILE ILE A . n 
A 1 26  ALA 26  25  25  ALA ALA A . n 
A 1 27  ASN 27  26  26  ASN ASN A . n 
A 1 28  GLY 28  27  27  GLY GLY A . n 
A 1 29  TYR 29  28  28  TYR TYR A . n 
A 1 30  GLU 30  29  29  GLU GLU A . n 
A 1 31  ASN 31  30  30  ASN ASN A . n 
A 1 32  THR 32  31  31  THR THR A . n 
A 1 33  THR 33  32  32  THR THR A . n 
A 1 34  LEU 34  33  33  LEU LEU A . n 
A 1 35  ALA 35  34  34  ALA ALA A . n 
A 1 36  PHE 36  35  35  PHE PHE A . n 
A 1 37  ILE 37  36  36  ILE ILE A . n 
A 1 38  ILE 38  37  37  ILE ILE A . n 
A 1 39  ASN 39  38  38  ASN ASN A . n 
A 1 40  LYS 40  39  39  LYS LYS A . n 
A 1 41  LEU 41  40  40  LEU LEU A . n 
A 1 42  GLY 42  41  41  GLY GLY A . n 
A 1 43  ILE 43  42  42  ILE ILE A . n 
A 1 44  SER 44  43  43  SER SER A . n 
A 1 45  LYS 45  44  44  LYS LYS A . n 
A 1 46  GLY 46  45  45  GLY GLY A . n 
A 1 47  ALA 47  46  46  ALA ALA A . n 
A 1 48  LEU 48  47  47  LEU LEU A . n 
A 1 49  TYR 49  48  48  TYR TYR A . n 
A 1 50  HIS 50  49  49  HIS HIS A . n 
A 1 51  TYR 51  50  50  TYR TYR A . n 
A 1 52  PHE 52  51  51  PHE PHE A . n 
A 1 53  SER 53  52  52  SER SER A . n 
A 1 54  SER 54  53  53  SER SER A . n 
A 1 55  LYS 55  54  54  LYS LYS A . n 
A 1 56  GLU 56  55  55  GLU GLU A . n 
A 1 57  GLU 57  56  56  GLU GLU A . n 
A 1 58  CYS 58  57  57  CYS CYS A . n 
A 1 59  ALA 59  58  58  ALA ALA A . n 
A 1 60  ASP 60  59  59  ASP ASP A . n 
A 1 61  ALA 61  60  60  ALA ALA A . n 
A 1 62  ALA 62  61  61  ALA ALA A . n 
A 1 63  ILE 63  62  62  ILE ILE A . n 
A 1 64  GLU 64  63  63  GLU GLU A . n 
A 1 65  ASN 65  64  64  ASN ASN A . n 
A 1 66  ARG 66  65  65  ARG ARG A . n 
A 1 67  VAL 67  66  66  VAL VAL A . n 
A 1 68  ALA 68  67  67  ALA ALA A . n 
A 1 69  PHE 69  68  68  PHE PHE A . n 
A 1 70  PHE 70  69  69  PHE PHE A . n 
A 1 71  SER 71  70  70  SER SER A . n 
A 1 72  ASN 72  71  71  ASN ASN A . n 
A 1 73  GLU 73  72  72  GLU GLU A . n 
A 1 74  VAL 74  73  73  VAL VAL A . n 
A 1 75  LEU 75  74  74  LEU LEU A . n 
A 1 76  LYS 76  75  75  LYS LYS A . n 
A 1 77  GLU 77  76  76  GLU GLU A . n 
A 1 78  SER 78  77  77  SER SER A . n 
A 1 79  GLU 79  78  78  GLU GLU A . n 
A 1 80  GLU 80  79  79  GLU GLU A . n 
A 1 81  GLY 81  80  80  GLY GLY A . n 
A 1 82  LEU 82  81  81  LEU LEU A . n 
A 1 83  ASN 83  82  82  ASN ASN A . n 
A 1 84  SER 84  83  83  SER SER A . n 
A 1 85  ILE 85  84  84  ILE ILE A . n 
A 1 86  GLU 86  85  85  GLU GLU A . n 
A 1 87  ARG 87  86  86  ARG ARG A . n 
A 1 88  LEU 88  87  87  LEU LEU A . n 
A 1 89  LYS 89  88  88  LYS LYS A . n 
A 1 90  LYS 90  89  89  LYS LYS A . n 
A 1 91  ILE 91  90  90  ILE ILE A . n 
A 1 92  LEU 92  91  91  LEU LEU A . n 
A 1 93  LEU 93  92  92  LEU LEU A . n 
A 1 94  ALA 94  93  93  ALA ALA A . n 
A 1 95  GLY 95  94  94  GLY GLY A . n 
A 1 96  ILE 96  95  95  ILE ILE A . n 
A 1 97  LYS 97  96  ?   ?   ?   A . n 
A 1 98  ILE 98  97  ?   ?   ?   A . n 
A 1 99  THR 99  98  ?   ?   ?   A . n 
A 1 100 SER 100 99  ?   ?   ?   A . n 
A 1 101 VAL 101 100 ?   ?   ?   A . n 
A 1 102 ASN 102 101 ?   ?   ?   A . n 
A 1 103 GLU 103 102 ?   ?   ?   A . n 
A 1 104 GLN 104 103 ?   ?   ?   A . n 
A 1 105 VAL 105 104 ?   ?   ?   A . n 
A 1 106 LYS 106 105 ?   ?   ?   A . n 
A 1 107 GLU 107 106 ?   ?   ?   A . n 
A 1 108 ILE 108 107 107 ILE ILE A . n 
A 1 109 ASN 109 108 108 ASN ASN A . n 
A 1 110 SER 110 109 109 SER SER A . n 
A 1 111 PRO 111 110 110 PRO PRO A . n 
A 1 112 SER 112 111 111 SER SER A . n 
A 1 113 ASN 113 112 112 ASN ASN A . n 
A 1 114 LYS 114 113 113 LYS LYS A . n 
A 1 115 ILE 115 114 114 ILE ILE A . n 
A 1 116 PHE 116 115 115 PHE PHE A . n 
A 1 117 HIS 117 116 116 HIS HIS A . n 
A 1 118 GLN 118 117 117 GLN GLN A . n 
A 1 119 LYS 119 118 118 LYS LYS A . n 
A 1 120 LEU 120 119 119 LEU LEU A . n 
A 1 121 MSE 121 120 120 MSE MSE A . n 
A 1 122 VAL 122 121 121 VAL VAL A . n 
A 1 123 ALA 123 122 122 ALA ALA A . n 
A 1 124 ILE 124 123 123 ILE ILE A . n 
A 1 125 ILE 125 124 124 ILE ILE A . n 
A 1 126 LYS 126 125 125 LYS LYS A . n 
A 1 127 TYR 127 126 126 TYR TYR A . n 
A 1 128 PHE 128 127 127 PHE PHE A . n 
A 1 129 ALA 129 128 128 ALA ALA A . n 
A 1 130 PRO 130 129 129 PRO PRO A . n 
A 1 131 ILE 131 130 130 ILE ILE A . n 
A 1 132 TYR 132 131 131 TYR TYR A . n 
A 1 133 ALA 133 132 132 ALA ALA A . n 
A 1 134 ASP 134 133 133 ASP ASP A . n 
A 1 135 ILE 135 134 134 ILE ILE A . n 
A 1 136 ILE 136 135 135 ILE ILE A . n 
A 1 137 SER 137 136 136 SER SER A . n 
A 1 138 GLN 138 137 137 GLN GLN A . n 
A 1 139 GLY 139 138 138 GLY GLY A . n 
A 1 140 ASN 140 139 139 ASN ASN A . n 
A 1 141 GLU 141 140 140 GLU GLU A . n 
A 1 142 GLU 142 141 141 GLU GLU A . n 
A 1 143 GLY 143 142 142 GLY GLY A . n 
A 1 144 VAL 144 143 143 VAL VAL A . n 
A 1 145 PHE 145 144 144 PHE PHE A . n 
A 1 146 LYS 146 145 145 LYS LYS A . n 
A 1 147 VAL 147 146 146 VAL VAL A . n 
A 1 148 LYS 148 147 147 LYS LYS A . n 
A 1 149 TYR 149 148 148 TYR TYR A . n 
A 1 150 PRO 150 149 149 PRO PRO A . n 
A 1 151 LEU 151 150 150 LEU LEU A . n 
A 1 152 GLU 152 151 151 GLU GLU A . n 
A 1 153 THR 153 152 152 THR THR A . n 
A 1 154 ALA 154 153 153 ALA ALA A . n 
A 1 155 GLU 155 154 154 GLU GLU A . n 
A 1 156 ILE 156 155 155 ILE ILE A . n 
A 1 157 ILE 157 156 156 ILE ILE A . n 
A 1 158 LEU 158 157 157 LEU LEU A . n 
A 1 159 THR 159 158 158 THR THR A . n 
A 1 160 LEU 160 159 159 LEU LEU A . n 
A 1 161 SER 161 160 160 SER SER A . n 
A 1 162 HIS 162 161 161 HIS HIS A . n 
A 1 163 PHE 163 162 162 PHE PHE A . n 
A 1 164 TYR 164 163 163 TYR TYR A . n 
A 1 165 LEU 165 164 164 LEU LEU A . n 
A 1 166 ASP 166 165 165 ASP ASP A . n 
A 1 167 GLU 167 166 166 GLU GLU A . n 
A 1 168 ASP 168 167 167 ASP ASP A . n 
A 1 169 LEU 169 168 168 LEU LEU A . n 
A 1 170 PHE 170 169 169 PHE PHE A . n 
A 1 171 LYS 171 170 170 LYS LYS A . n 
A 1 172 TRP 172 171 171 TRP TRP A . n 
A 1 173 LYS 173 172 172 LYS LYS A . n 
A 1 174 LYS 174 173 173 LYS LYS A . n 
A 1 175 GLU 175 174 174 GLU GLU A . n 
A 1 176 ASP 176 175 175 ASP ASP A . n 
A 1 177 MSE 177 176 176 MSE MSE A . n 
A 1 178 SER 178 177 177 SER SER A . n 
A 1 179 LEU 179 178 178 LEU LEU A . n 
A 1 180 LYS 180 179 179 LYS LYS A . n 
A 1 181 LEU 181 180 180 LEU LEU A . n 
A 1 182 THR 182 181 181 THR THR A . n 
A 1 183 ALA 183 182 182 ALA ALA A . n 
A 1 184 PHE 184 183 183 PHE PHE A . n 
A 1 185 LYS 185 184 184 LYS LYS A . n 
A 1 186 GLU 186 185 185 GLU GLU A . n 
A 1 187 THR 187 186 186 THR THR A . n 
A 1 188 LEU 188 187 187 LEU LEU A . n 
A 1 189 ILE 189 188 188 ILE ILE A . n 
A 1 190 LYS 190 189 189 LYS LYS A . n 
A 1 191 ILE 191 190 190 ILE ILE A . n 
A 1 192 LEU 192 191 191 LEU LEU A . n 
A 1 193 ASP 193 192 192 ASP ASP A . n 
A 1 194 ALA 194 193 193 ALA ALA A . n 
A 1 195 ASP 195 194 194 ASP ASP A . n 
A 1 196 GLU 196 195 195 GLU GLU A . n 
A 1 197 ASP 197 196 196 ASP ASP A . n 
A 1 198 THR 198 197 197 THR THR A . n 
A 1 199 PHE 199 198 198 PHE PHE A . n 
A 1 200 ASP 200 199 199 ASP ASP A . n 
A 1 201 PHE 201 200 ?   ?   ?   A . n 
A 1 202 ILE 202 201 ?   ?   ?   A . n 
A 1 203 LYS 203 202 ?   ?   ?   A . n 
# 
loop_
_pdbx_nonpoly_scheme.asym_id 
_pdbx_nonpoly_scheme.entity_id 
_pdbx_nonpoly_scheme.mon_id 
_pdbx_nonpoly_scheme.ndb_seq_num 
_pdbx_nonpoly_scheme.pdb_seq_num 
_pdbx_nonpoly_scheme.auth_seq_num 
_pdbx_nonpoly_scheme.pdb_mon_id 
_pdbx_nonpoly_scheme.auth_mon_id 
_pdbx_nonpoly_scheme.pdb_strand_id 
_pdbx_nonpoly_scheme.pdb_ins_code 
B 2 NA  1  203 1  NA  NA  A . 
C 3 EDO 1  204 2  EDO EDO A . 
D 3 EDO 1  205 3  EDO EDO A . 
E 3 EDO 1  206 4  EDO EDO A . 
F 4 HOH 1  207 5  HOH HOH A . 
F 4 HOH 2  208 6  HOH HOH A . 
F 4 HOH 3  209 7  HOH HOH A . 
F 4 HOH 4  210 8  HOH HOH A . 
F 4 HOH 5  211 9  HOH HOH A . 
F 4 HOH 6  212 10 HOH HOH A . 
F 4 HOH 7  213 11 HOH HOH A . 
F 4 HOH 8  214 12 HOH HOH A . 
F 4 HOH 9  215 13 HOH HOH A . 
F 4 HOH 10 216 14 HOH HOH A . 
F 4 HOH 11 217 15 HOH HOH A . 
F 4 HOH 12 218 16 HOH HOH A . 
F 4 HOH 13 219 17 HOH HOH A . 
F 4 HOH 14 220 18 HOH HOH A . 
F 4 HOH 15 221 19 HOH HOH A . 
F 4 HOH 16 222 20 HOH HOH A . 
F 4 HOH 17 223 21 HOH HOH A . 
F 4 HOH 18 224 22 HOH HOH A . 
F 4 HOH 19 225 23 HOH HOH A . 
F 4 HOH 20 226 24 HOH HOH A . 
F 4 HOH 21 227 25 HOH HOH A . 
F 4 HOH 22 228 26 HOH HOH A . 
F 4 HOH 23 229 27 HOH HOH A . 
F 4 HOH 24 230 28 HOH HOH A . 
F 4 HOH 25 231 29 HOH HOH A . 
F 4 HOH 26 232 30 HOH HOH A . 
F 4 HOH 27 233 31 HOH HOH A . 
F 4 HOH 28 234 32 HOH HOH A . 
F 4 HOH 29 235 33 HOH HOH A . 
F 4 HOH 30 236 34 HOH HOH A . 
F 4 HOH 31 237 35 HOH HOH A . 
F 4 HOH 32 238 36 HOH HOH A . 
F 4 HOH 33 239 37 HOH HOH A . 
F 4 HOH 34 240 38 HOH HOH A . 
F 4 HOH 35 241 39 HOH HOH A . 
F 4 HOH 36 242 40 HOH HOH A . 
F 4 HOH 37 243 41 HOH HOH A . 
F 4 HOH 38 244 42 HOH HOH A . 
F 4 HOH 39 245 43 HOH HOH A . 
F 4 HOH 40 246 44 HOH HOH A . 
F 4 HOH 41 247 45 HOH HOH A . 
F 4 HOH 42 248 46 HOH HOH A . 
F 4 HOH 43 249 47 HOH HOH A . 
F 4 HOH 44 250 48 HOH HOH A . 
F 4 HOH 45 251 49 HOH HOH A . 
F 4 HOH 46 252 50 HOH HOH A . 
F 4 HOH 47 253 51 HOH HOH A . 
F 4 HOH 48 254 52 HOH HOH A . 
F 4 HOH 49 255 53 HOH HOH A . 
F 4 HOH 50 256 54 HOH HOH A . 
F 4 HOH 51 257 55 HOH HOH A . 
F 4 HOH 52 258 56 HOH HOH A . 
F 4 HOH 53 259 57 HOH HOH A . 
F 4 HOH 54 260 58 HOH HOH A . 
F 4 HOH 55 261 59 HOH HOH A . 
F 4 HOH 56 262 60 HOH HOH A . 
F 4 HOH 57 263 61 HOH HOH A . 
F 4 HOH 58 264 62 HOH HOH A . 
F 4 HOH 59 265 63 HOH HOH A . 
F 4 HOH 60 266 64 HOH HOH A . 
F 4 HOH 61 267 65 HOH HOH A . 
F 4 HOH 62 268 66 HOH HOH A . 
F 4 HOH 63 269 67 HOH HOH A . 
F 4 HOH 64 270 68 HOH HOH A . 
F 4 HOH 65 271 69 HOH HOH A . 
F 4 HOH 66 272 70 HOH HOH A . 
F 4 HOH 67 273 71 HOH HOH A . 
F 4 HOH 68 274 72 HOH HOH A . 
F 4 HOH 69 275 73 HOH HOH A . 
F 4 HOH 70 276 74 HOH HOH A . 
F 4 HOH 71 277 75 HOH HOH A . 
F 4 HOH 72 278 76 HOH HOH A . 
F 4 HOH 73 279 77 HOH HOH A . 
F 4 HOH 74 280 78 HOH HOH A . 
F 4 HOH 75 281 79 HOH HOH A . 
F 4 HOH 76 282 80 HOH HOH A . 
F 4 HOH 77 283 81 HOH HOH A . 
F 4 HOH 78 284 82 HOH HOH A . 
F 4 HOH 79 285 83 HOH HOH A . 
F 4 HOH 80 286 84 HOH HOH A . 
F 4 HOH 81 287 85 HOH HOH A . 
F 4 HOH 82 288 86 HOH HOH A . 
# 
loop_
_pdbx_unobs_or_zero_occ_atoms.id 
_pdbx_unobs_or_zero_occ_atoms.PDB_model_num 
_pdbx_unobs_or_zero_occ_atoms.polymer_flag 
_pdbx_unobs_or_zero_occ_atoms.occupancy_flag 
_pdbx_unobs_or_zero_occ_atoms.auth_asym_id 
_pdbx_unobs_or_zero_occ_atoms.auth_comp_id 
_pdbx_unobs_or_zero_occ_atoms.auth_seq_id 
_pdbx_unobs_or_zero_occ_atoms.PDB_ins_code 
_pdbx_unobs_or_zero_occ_atoms.auth_atom_id 
_pdbx_unobs_or_zero_occ_atoms.label_alt_id 
_pdbx_unobs_or_zero_occ_atoms.label_asym_id 
_pdbx_unobs_or_zero_occ_atoms.label_comp_id 
_pdbx_unobs_or_zero_occ_atoms.label_seq_id 
_pdbx_unobs_or_zero_occ_atoms.label_atom_id 
1  1 Y 1 A LYS 11  ? CG  ? A LYS 12  CG  
2  1 Y 1 A LYS 11  ? CD  ? A LYS 12  CD  
3  1 Y 1 A LYS 11  ? CE  ? A LYS 12  CE  
4  1 Y 1 A LYS 11  ? NZ  ? A LYS 12  NZ  
5  1 Y 1 A GLU 14  ? CG  ? A GLU 15  CG  
6  1 Y 1 A GLU 14  ? CD  ? A GLU 15  CD  
7  1 Y 1 A GLU 14  ? OE1 ? A GLU 15  OE1 
8  1 Y 1 A GLU 14  ? OE2 ? A GLU 15  OE2 
9  1 Y 1 A LYS 75  ? CD  ? A LYS 76  CD  
10 1 Y 1 A LYS 75  ? CE  ? A LYS 76  CE  
11 1 Y 1 A LYS 75  ? NZ  ? A LYS 76  NZ  
12 1 Y 1 A GLU 78  ? CD  ? A GLU 79  CD  
13 1 Y 1 A GLU 78  ? OE1 ? A GLU 79  OE1 
14 1 Y 1 A GLU 78  ? OE2 ? A GLU 79  OE2 
15 1 Y 1 A LYS 170 ? CE  ? A LYS 171 CE  
16 1 Y 1 A LYS 170 ? NZ  ? A LYS 171 NZ  
# 
loop_
_software.name 
_software.version 
_software.date 
_software.type 
_software.contact_author 
_software.contact_author_email 
_software.classification 
_software.location 
_software.language 
_software.citation_id 
_software.pdbx_ordinal 
REFMAC      5.2.0019 ?              program 'Murshudov, G.N.'            ccp4@dl.ac.uk                        refinement        
http://www.ccp4.ac.uk/main.html              Fortran_77 ? 1  
PHENIX      .        ?              package 'P.D. Adams'                 PDAdams@lbl.gov                      refinement        
http://www.phenix-online.org/                C++        ? 2  
SHELX       .        ?              package 'George Sheldrick'           gsheldr@shelx.uni-ac.gwdg.de         phasing           
http://shelx.uni-ac.gwdg.de/SHELX/           Fortran_77 ? 3  
MolProbity  3beta29  ?              package 'D.C. & J.S. Richardson lab' molprobity@kinemage.biochem.duke.edu 'model building'  
http://kinemage.biochem.duke.edu/molprobity/ ?          ? 4  
SCALA       .        ?              other   'Phil Evans'                 pre@mrc-lmb.cam.ac.uk                'data scaling'    
http://www.ccp4.ac.uk/dist/html/INDEX.html   Fortran_77 ? 5  
PDB_EXTRACT 3.000    'July 2, 2007' package PDB                          sw-help@rcsb.rutgers.edu             'data extraction' 
http://pdb.rutgers.edu/software/             C++        ? 6  
ADSC        Quantum  ?              ?       ?                            ?                                    'data collection' ? 
?          ? 7  
MOSFLM      .        ?              ?       ?                            ?                                    'data reduction'  ? 
?          ? 8  
SHELXD      .        ?              ?       ?                            ?                                    phasing           ? 
?          ? 9  
SHARP       .        ?              ?       ?                            ?                                    phasing           ? 
?          ? 10 
# 
_cell.entry_id           3B81 
_cell.length_a           89.967 
_cell.length_b           89.967 
_cell.length_c           70.274 
_cell.angle_alpha        90.000 
_cell.angle_beta         90.000 
_cell.angle_gamma        90.000 
_cell.pdbx_unique_axis   ? 
_cell.Z_PDB              8 
_cell.length_a_esd       ? 
_cell.length_b_esd       ? 
_cell.length_c_esd       ? 
_cell.angle_alpha_esd    ? 
_cell.angle_beta_esd     ? 
_cell.angle_gamma_esd    ? 
# 
_symmetry.entry_id                         3B81 
_symmetry.Int_Tables_number                94 
_symmetry.space_group_name_H-M             'P 42 21 2' 
_symmetry.pdbx_full_space_group_name_H-M   ? 
_symmetry.cell_setting                     ? 
_symmetry.space_group_name_Hall            ? 
# 
_exptl.crystals_number   1 
_exptl.method            'X-RAY DIFFRACTION' 
_exptl.entry_id          3B81 
# 
_exptl_crystal.id                    1 
_exptl_crystal.density_Matthews      3.03 
_exptl_crystal.density_meas          ? 
_exptl_crystal.density_percent_sol   59.41 
_exptl_crystal.description           ? 
_exptl_crystal.F_000                 ? 
_exptl_crystal.preparation           ? 
# 
_exptl_crystal_grow.crystal_id      1 
_exptl_crystal_grow.method          'VAPOR DIFFUSION, SITTING DROP' 
_exptl_crystal_grow.pH              ? 
_exptl_crystal_grow.temp            277 
_exptl_crystal_grow.pdbx_details    'NANODROP, 25.0% Ethylene glycol, VAPOR DIFFUSION, SITTING DROP, temperature 277K' 
_exptl_crystal_grow.temp_details    ? 
_exptl_crystal_grow.pdbx_pH_range   . 
# 
_diffrn.id                     1 
_diffrn.ambient_temp           100 
_diffrn.ambient_temp_details   ? 
_diffrn.crystal_id             1 
# 
_diffrn_detector.diffrn_id              1 
_diffrn_detector.detector               CCD 
_diffrn_detector.type                   'ADSC QUANTUM 315' 
_diffrn_detector.details                ? 
_diffrn_detector.pdbx_collection_date   2007-10-05 
# 
_diffrn_radiation.diffrn_id                        1 
_diffrn_radiation.pdbx_monochromatic_or_laue_m_l   M 
_diffrn_radiation.monochromator                    'Double crystal Si(111)' 
_diffrn_radiation.pdbx_diffrn_protocol             MAD 
_diffrn_radiation.wavelength_id                    1 
_diffrn_radiation.pdbx_scattering_type             x-ray 
# 
loop_
_diffrn_radiation_wavelength.id 
_diffrn_radiation_wavelength.wavelength 
_diffrn_radiation_wavelength.wt 
1 0.9798 1.0 
2 0.9537 1.0 
3 0.9796 1.0 
# 
_diffrn_source.diffrn_id                   1 
_diffrn_source.source                      SYNCHROTRON 
_diffrn_source.pdbx_synchrotron_beamline   8.2.2 
_diffrn_source.type                        'ALS BEAMLINE 8.2.2' 
_diffrn_source.pdbx_wavelength_list        '0.9798, 0.9537, 0.9796' 
_diffrn_source.pdbx_wavelength             ? 
_diffrn_source.pdbx_synchrotron_site       ALS 
# 
_reflns.entry_id                     3B81 
_reflns.d_resolution_high            2.10 
_reflns.d_resolution_low             29.988 
_reflns.number_obs                   17429 
_reflns.pdbx_Rmerge_I_obs            0.089 
_reflns.pdbx_netI_over_sigmaI        6.000 
_reflns.pdbx_Rsym_value              0.089 
_reflns.pdbx_redundancy              6.500 
_reflns.percent_possible_obs         100.000 
_reflns.observed_criterion_sigma_F   ? 
_reflns.observed_criterion_sigma_I   ? 
_reflns.number_all                   ? 
_reflns.B_iso_Wilson_estimate        ? 
_reflns.R_free_details               ? 
_reflns.limit_h_max                  ? 
_reflns.limit_h_min                  ? 
_reflns.limit_k_max                  ? 
_reflns.limit_k_min                  ? 
_reflns.limit_l_max                  ? 
_reflns.limit_l_min                  ? 
_reflns.observed_criterion_F_max     ? 
_reflns.observed_criterion_F_min     ? 
_reflns.pdbx_chi_squared             ? 
_reflns.pdbx_scaling_rejects         ? 
_reflns.pdbx_ordinal                 1 
_reflns.pdbx_diffrn_id               1 
# 
loop_
_reflns_shell.d_res_high 
_reflns_shell.d_res_low 
_reflns_shell.number_measured_obs 
_reflns_shell.number_measured_all 
_reflns_shell.number_unique_obs 
_reflns_shell.Rmerge_I_obs 
_reflns_shell.meanI_over_sigI_obs 
_reflns_shell.pdbx_Rsym_value 
_reflns_shell.pdbx_chi_squared 
_reflns_shell.pdbx_redundancy 
_reflns_shell.percent_possible_obs 
_reflns_shell.number_unique_all 
_reflns_shell.percent_possible_all 
_reflns_shell.pdbx_ordinal 
_reflns_shell.pdbx_diffrn_id 
2.10 2.15   ? 8668 ? 0.983 0.7  0.983 ? 6.80 ? 1282 100.00 1  1 
2.15 2.21   ? 8210 ? 0.771 0.9  0.771 ? 6.80 ? 1208 100.00 2  1 
2.21 2.28   ? 7544 ? 0.741 0.5  0.741 ? 6.30 ? 1198 100.00 3  1 
2.28 2.35   ? 7866 ? 0.501 1.5  0.501 ? 6.80 ? 1165 100.00 4  1 
2.35 2.42   ? 7703 ? 0.445 1.7  0.445 ? 6.70 ? 1144 100.00 5  1 
2.42 2.51   ? 7304 ? 0.320 2.3  0.320 ? 6.70 ? 1085 100.00 6  1 
2.51 2.60   ? 7104 ? 0.276 2.7  0.276 ? 6.70 ? 1056 100.00 7  1 
2.60 2.71   ? 6553 ? 0.217 3.3  0.217 ? 6.50 ? 1012 100.00 8  1 
2.71 2.83   ? 6606 ? 0.171 4.3  0.171 ? 6.70 ? 989  100.00 9  1 
2.83 2.97   ? 6231 ? 0.140 5.3  0.140 ? 6.70 ? 936  100.00 10 1 
2.97 3.13   ? 5876 ? 0.102 6.9  0.102 ? 6.60 ? 891  100.00 11 1 
3.13 3.32   ? 5616 ? 0.075 9.3  0.075 ? 6.50 ? 858  100.00 12 1 
3.32 3.55   ? 5107 ? 0.070 9.2  0.070 ? 6.30 ? 813  100.00 13 1 
3.55 3.83   ? 4696 ? 0.058 10.8 0.058 ? 6.30 ? 744  100.00 14 1 
3.83 4.20   ? 4290 ? 0.051 12.4 0.051 ? 6.10 ? 701  100.00 15 1 
4.20 4.70   ? 3862 ? 0.051 12.0 0.051 ? 6.00 ? 644  100.00 16 1 
4.70 5.42   ? 3182 ? 0.066 9.1  0.066 ? 5.50 ? 575  100.00 17 1 
5.42 6.64   ? 3002 ? 0.069 8.8  0.069 ? 6.10 ? 494  100.00 18 1 
6.64 9.39   ? 2414 ? 0.034 18.5 0.034 ? 6.20 ? 390  100.00 19 1 
9.39 29.988 ? 1322 ? 0.027 23.2 0.027 ? 5.40 ? 244  97.10  20 1 
# 
_refine.entry_id                                 3B81 
_refine.ls_d_res_high                            2.100 
_refine.ls_d_res_low                             29.988 
_refine.pdbx_ls_sigma_F                          0.00 
_refine.ls_percent_reflns_obs                    99.900 
_refine.ls_number_reflns_obs                     17389 
_refine.pdbx_ls_cross_valid_method               THROUGHOUT 
_refine.pdbx_R_Free_selection_details            RANDOM 
_refine.details                                  
;1. HYDROGENS HAVE BEEN ADDED IN THE RIDING POSITIONS.  
 2. ATOM RECORDS CONTAIN RESIDUAL B FACTORS ONLY.  
 3. A MET-INHIBITION PROTOCOL WAS USED FOR SELENOMETHIONINE  
 INCORPORATION DURING PROTEIN EXPRESSION. THE OCCUPANCY  
 OF THE SE ATOMS IN THE MSE RESIDUES WAS REDUCED TO 0.75  
 FOR THE REDUCED SCATTERING POWER DUE TO PARTIAL S-MET INCORPORATION.  
 4. RESIDUES 0-5, 96-106, AND 200-202 ARE DISORDERED AND NOT  
 INCLUDED IN THE MODEL.  
 5. EDO MOLECULES FROM THE CRYO SOLUTION ARE MODELED.
;
_refine.ls_R_factor_obs                          0.204 
_refine.ls_R_factor_R_work                       0.203 
_refine.ls_R_factor_R_free                       0.234 
_refine.ls_percent_reflns_R_free                 5.100 
_refine.ls_number_reflns_R_free                  882 
_refine.B_iso_mean                               41.914 
_refine.aniso_B[1][1]                            -1.650 
_refine.aniso_B[2][2]                            -1.650 
_refine.aniso_B[3][3]                            3.290 
_refine.aniso_B[1][2]                            0.000 
_refine.aniso_B[1][3]                            0.000 
_refine.aniso_B[2][3]                            0.000 
_refine.correlation_coeff_Fo_to_Fc               0.954 
_refine.correlation_coeff_Fo_to_Fc_free          0.953 
_refine.pdbx_overall_ESU_R                       0.172 
_refine.pdbx_overall_ESU_R_Free                  0.155 
_refine.overall_SU_ML                            0.148 
_refine.overall_SU_B                             11.790 
_refine.solvent_model_details                    'BABINET MODEL WITH MASK' 
_refine.pdbx_solvent_vdw_probe_radii             1.200 
_refine.pdbx_solvent_ion_probe_radii             0.800 
_refine.pdbx_solvent_shrinkage_radii             0.800 
_refine.pdbx_method_to_determine_struct          MAD 
_refine.pdbx_stereochemistry_target_values       'MAXIMUM LIKELIHOOD WITH PHASES' 
_refine.pdbx_ls_sigma_I                          ? 
_refine.ls_number_reflns_all                     ? 
_refine.ls_R_factor_all                          ? 
_refine.ls_redundancy_reflns_obs                 ? 
_refine.pdbx_data_cutoff_high_absF               ? 
_refine.pdbx_data_cutoff_low_absF                ? 
_refine.ls_number_parameters                     ? 
_refine.ls_number_restraints                     ? 
_refine.ls_R_factor_R_free_error                 ? 
_refine.ls_R_factor_R_free_error_details         ? 
_refine.pdbx_starting_model                      ? 
_refine.pdbx_stereochem_target_val_spec_case     ? 
_refine.solvent_model_param_bsol                 ? 
_refine.solvent_model_param_ksol                 ? 
_refine.occupancy_max                            ? 
_refine.occupancy_min                            ? 
_refine.pdbx_isotropic_thermal_model             ? 
_refine.B_iso_min                                ? 
_refine.B_iso_max                                ? 
_refine.overall_SU_R_Cruickshank_DPI             ? 
_refine.overall_SU_R_free                        ? 
_refine.pdbx_data_cutoff_high_rms_absF           ? 
_refine.ls_wR_factor_R_free                      ? 
_refine.ls_wR_factor_R_work                      ? 
_refine.overall_FOM_free_R_set                   ? 
_refine.overall_FOM_work_R_set                   ? 
_refine.pdbx_refine_id                           'X-RAY DIFFRACTION' 
_refine.pdbx_TLS_residual_ADP_flag               'LIKELY RESIDUAL' 
_refine.pdbx_diffrn_id                           1 
_refine.pdbx_overall_phase_error                 ? 
_refine.pdbx_overall_SU_R_free_Cruickshank_DPI   ? 
_refine.pdbx_overall_SU_R_Blow_DPI               ? 
_refine.pdbx_overall_SU_R_free_Blow_DPI          ? 
# 
_refine_hist.pdbx_refine_id                   'X-RAY DIFFRACTION' 
_refine_hist.cycle_id                         LAST 
_refine_hist.pdbx_number_atoms_protein        1468 
_refine_hist.pdbx_number_atoms_nucleic_acid   0 
_refine_hist.pdbx_number_atoms_ligand         13 
_refine_hist.number_atoms_solvent             82 
_refine_hist.number_atoms_total               1563 
_refine_hist.d_res_high                       2.100 
_refine_hist.d_res_low                        29.988 
# 
loop_
_refine_ls_restr.type 
_refine_ls_restr.number 
_refine_ls_restr.dev_ideal 
_refine_ls_restr.dev_ideal_target 
_refine_ls_restr.weight 
_refine_ls_restr.pdbx_refine_id 
_refine_ls_restr.pdbx_restraint_function 
r_bond_refined_d         1543 0.016  0.022  ? 'X-RAY DIFFRACTION' ? 
r_bond_other_d           1050 0.003  0.020  ? 'X-RAY DIFFRACTION' ? 
r_angle_refined_deg      2084 1.514  1.963  ? 'X-RAY DIFFRACTION' ? 
r_angle_other_deg        2586 1.298  3.000  ? 'X-RAY DIFFRACTION' ? 
r_dihedral_angle_1_deg   193  3.409  5.000  ? 'X-RAY DIFFRACTION' ? 
r_dihedral_angle_2_deg   71   33.353 25.634 ? 'X-RAY DIFFRACTION' ? 
r_dihedral_angle_3_deg   288  11.533 15.000 ? 'X-RAY DIFFRACTION' ? 
r_dihedral_angle_4_deg   3    20.909 15.000 ? 'X-RAY DIFFRACTION' ? 
r_chiral_restr           238  0.098  0.200  ? 'X-RAY DIFFRACTION' ? 
r_gen_planes_refined     1684 0.006  0.020  ? 'X-RAY DIFFRACTION' ? 
r_gen_planes_other       305  0.002  0.020  ? 'X-RAY DIFFRACTION' ? 
r_nbd_refined            302  0.176  0.200  ? 'X-RAY DIFFRACTION' ? 
r_nbd_other              898  0.124  0.200  ? 'X-RAY DIFFRACTION' ? 
r_nbtor_refined          740  0.159  0.200  ? 'X-RAY DIFFRACTION' ? 
r_nbtor_other            691  0.072  0.200  ? 'X-RAY DIFFRACTION' ? 
r_xyhbond_nbd_refined    48   0.096  0.200  ? 'X-RAY DIFFRACTION' ? 
r_symmetry_vdw_refined   13   0.128  0.200  ? 'X-RAY DIFFRACTION' ? 
r_symmetry_vdw_other     39   0.135  0.200  ? 'X-RAY DIFFRACTION' ? 
r_symmetry_hbond_refined 15   0.089  0.200  ? 'X-RAY DIFFRACTION' ? 
r_mcbond_it              927  1.621  3.000  ? 'X-RAY DIFFRACTION' ? 
r_mcbond_other           375  0.329  3.000  ? 'X-RAY DIFFRACTION' ? 
r_mcangle_it             1501 3.054  5.000  ? 'X-RAY DIFFRACTION' ? 
r_scbond_it              633  4.707  8.000  ? 'X-RAY DIFFRACTION' ? 
r_scangle_it             577  7.034  11.000 ? 'X-RAY DIFFRACTION' ? 
# 
_refine_ls_shell.d_res_high                       2.100 
_refine_ls_shell.d_res_low                        2.155 
_refine_ls_shell.pdbx_total_number_of_bins_used   20 
_refine_ls_shell.percent_reflns_obs               99.920 
_refine_ls_shell.number_reflns_R_work             1223 
_refine_ls_shell.R_factor_all                     ? 
_refine_ls_shell.R_factor_R_work                  0.274 
_refine_ls_shell.R_factor_R_free                  0.292 
_refine_ls_shell.percent_reflns_R_free            ? 
_refine_ls_shell.number_reflns_R_free             56 
_refine_ls_shell.R_factor_R_free_error            ? 
_refine_ls_shell.number_reflns_all                1279 
_refine_ls_shell.number_reflns_obs                ? 
_refine_ls_shell.redundancy_reflns_obs            ? 
_refine_ls_shell.pdbx_refine_id                   'X-RAY DIFFRACTION' 
# 
_struct.entry_id                  3B81 
_struct.title                     
;Crystal structure of predicted DNA-binding transcriptional regulator of TetR/AcrR family (NP_350189.1) from Clostridium acetobutylicum at 2.10 A resolution
;
_struct.pdbx_model_details        ? 
_struct.pdbx_CASP_flag            ? 
_struct.pdbx_model_type_details   ? 
# 
_struct_keywords.text            
;NP_350189.1, predicted DNA-binding transcriptional regulator of TetR/AcrR family, Bacterial regulatory proteins, tetR family, Structural Genomics, Joint Center for Structural Genomics, JCSG, Protein Structure Initiative, PSI-2, Transcription regulation, TRANSCRIPTION REGULATOR
;
_struct_keywords.pdbx_keywords   'TRANSCRIPTION REGULATOR' 
_struct_keywords.entry_id        3B81 
# 
loop_
_struct_asym.id 
_struct_asym.pdbx_blank_PDB_chainid_flag 
_struct_asym.pdbx_modified 
_struct_asym.entity_id 
_struct_asym.details 
A N N 1 ? 
B N N 2 ? 
C N N 3 ? 
D N N 3 ? 
E N N 3 ? 
F N N 4 ? 
# 
_struct_ref.id                         1 
_struct_ref.db_name                    UNP 
_struct_ref.db_code                    Q97D74_CLOAB 
_struct_ref.pdbx_db_accession          Q97D74 
_struct_ref.entity_id                  1 
_struct_ref.pdbx_seq_one_letter_code   
;MSRTNINFNNKRTELANKIWDIFIANGYENTTLAFIINKLGISKGALYHYFSSKEECADAAIENRVAFFSNEVLKESEEG
LNSIERLKKILLAGIKITSVNEQVKEINSPSNKIFHQKLMVAIIKYFAPIYADIISQGNEEGVFKVKYPLETAEIILTLS
HFYLDEDLFKWKKEDMSLKLTAFKETLIKILDADEDTFDFIK
;
_struct_ref.pdbx_align_begin           1 
_struct_ref.pdbx_db_isoform            ? 
# 
_struct_ref_seq.align_id                      1 
_struct_ref_seq.ref_id                        1 
_struct_ref_seq.pdbx_PDB_id_code              3B81 
_struct_ref_seq.pdbx_strand_id                A 
_struct_ref_seq.seq_align_beg                 2 
_struct_ref_seq.pdbx_seq_align_beg_ins_code   ? 
_struct_ref_seq.seq_align_end                 203 
_struct_ref_seq.pdbx_seq_align_end_ins_code   ? 
_struct_ref_seq.pdbx_db_accession             Q97D74 
_struct_ref_seq.db_align_beg                  1 
_struct_ref_seq.pdbx_db_align_beg_ins_code    ? 
_struct_ref_seq.db_align_end                  202 
_struct_ref_seq.pdbx_db_align_end_ins_code    ? 
_struct_ref_seq.pdbx_auth_seq_align_beg       1 
_struct_ref_seq.pdbx_auth_seq_align_end       202 
# 
_struct_ref_seq_dif.align_id                     1 
_struct_ref_seq_dif.pdbx_pdb_id_code             3B81 
_struct_ref_seq_dif.mon_id                       GLY 
_struct_ref_seq_dif.pdbx_pdb_strand_id           A 
_struct_ref_seq_dif.seq_num                      1 
_struct_ref_seq_dif.pdbx_pdb_ins_code            ? 
_struct_ref_seq_dif.pdbx_seq_db_name             UNP 
_struct_ref_seq_dif.pdbx_seq_db_accession_code   Q97D74 
_struct_ref_seq_dif.db_mon_id                    ? 
_struct_ref_seq_dif.pdbx_seq_db_seq_num          ? 
_struct_ref_seq_dif.details                      'expression tag' 
_struct_ref_seq_dif.pdbx_auth_seq_num            0 
_struct_ref_seq_dif.pdbx_ordinal                 1 
# 
_pdbx_struct_assembly.id                   1 
_pdbx_struct_assembly.details              software_defined_assembly 
_pdbx_struct_assembly.method_details       PISA 
_pdbx_struct_assembly.oligomeric_details   dimeric 
_pdbx_struct_assembly.oligomeric_count     2 
# 
_pdbx_struct_assembly_prop.biol_id   1 
_pdbx_struct_assembly_prop.type      'ABSA (A^2)' 
_pdbx_struct_assembly_prop.value     3150 
_pdbx_struct_assembly_prop.details   ? 
# 
_pdbx_struct_assembly_gen.assembly_id       1 
_pdbx_struct_assembly_gen.oper_expression   1,2 
_pdbx_struct_assembly_gen.asym_id_list      A,B,C,D,E,F 
# 
loop_
_pdbx_struct_oper_list.id 
_pdbx_struct_oper_list.type 
_pdbx_struct_oper_list.name 
_pdbx_struct_oper_list.symmetry_operation 
_pdbx_struct_oper_list.matrix[1][1] 
_pdbx_struct_oper_list.matrix[1][2] 
_pdbx_struct_oper_list.matrix[1][3] 
_pdbx_struct_oper_list.vector[1] 
_pdbx_struct_oper_list.matrix[2][1] 
_pdbx_struct_oper_list.matrix[2][2] 
_pdbx_struct_oper_list.matrix[2][3] 
_pdbx_struct_oper_list.vector[2] 
_pdbx_struct_oper_list.matrix[3][1] 
_pdbx_struct_oper_list.matrix[3][2] 
_pdbx_struct_oper_list.matrix[3][3] 
_pdbx_struct_oper_list.vector[3] 
1 'identity operation'         1_555 x,y,z    1.0000000000  0.0000000000 0.0000000000  0.0000000000 0.0000000000 1.0000000000 0.0000000000  0.0000000000  0.0000000000  0.0000000000  1.0000000000  0.0000000000   
2 'crystal symmetry operation' 7_556 y,x,-z+1 -0.9752324494 0.2193689869 -0.0282651258 6.6681262501 0.2193689869 0.9429758347 -0.2503474043 -3.7738744812 -0.0282651258 -0.2503474043 -0.9677433853 -23.4464856388 
# 
_struct_biol.id        1 
_struct_biol.details   ? 
# 
loop_
_struct_conf.conf_type_id 
_struct_conf.id 
_struct_conf.pdbx_PDB_helix_id 
_struct_conf.beg_label_comp_id 
_struct_conf.beg_label_asym_id 
_struct_conf.beg_label_seq_id 
_struct_conf.pdbx_beg_PDB_ins_code 
_struct_conf.end_label_comp_id 
_struct_conf.end_label_asym_id 
_struct_conf.end_label_seq_id 
_struct_conf.pdbx_end_PDB_ins_code 
_struct_conf.beg_auth_comp_id 
_struct_conf.beg_auth_asym_id 
_struct_conf.beg_auth_seq_id 
_struct_conf.end_auth_comp_id 
_struct_conf.end_auth_asym_id 
_struct_conf.end_auth_seq_id 
_struct_conf.pdbx_PDB_helix_class 
_struct_conf.details 
_struct_conf.pdbx_PDB_helix_length 
HELX_P HELX_P1  1  ASN A 8   ? GLY A 28  ? ASN A 7   GLY A 27  1 ? 21 
HELX_P HELX_P2  2  THR A 33  ? GLY A 42  ? THR A 32  GLY A 41  1 ? 10 
HELX_P HELX_P3  3  SER A 44  ? HIS A 50  ? SER A 43  HIS A 49  1 ? 7  
HELX_P HELX_P4  4  SER A 54  ? SER A 78  ? SER A 53  SER A 77  1 ? 25 
HELX_P HELX_P5  5  ASN A 83  ? LEU A 93  ? ASN A 82  LEU A 92  1 ? 11 
HELX_P HELX_P6  6  SER A 110 ? GLY A 143 ? SER A 109 GLY A 142 1 ? 34 
HELX_P HELX_P7  7  TYR A 149 ? PHE A 163 ? TYR A 148 PHE A 162 1 ? 15 
HELX_P HELX_P8  8  ASP A 166 ? LYS A 171 ? ASP A 165 LYS A 170 1 ? 6  
HELX_P HELX_P9  9  LYS A 173 ? GLU A 175 ? LYS A 172 GLU A 174 5 ? 3  
HELX_P HELX_P10 10 ASP A 176 ? ASP A 193 ? ASP A 175 ASP A 192 1 ? 18 
# 
_struct_conf_type.id          HELX_P 
_struct_conf_type.criteria    ? 
_struct_conf_type.reference   ? 
# 
loop_
_struct_conn.id 
_struct_conn.conn_type_id 
_struct_conn.pdbx_leaving_atom_flag 
_struct_conn.pdbx_PDB_id 
_struct_conn.ptnr1_label_asym_id 
_struct_conn.ptnr1_label_comp_id 
_struct_conn.ptnr1_label_seq_id 
_struct_conn.ptnr1_label_atom_id 
_struct_conn.pdbx_ptnr1_label_alt_id 
_struct_conn.pdbx_ptnr1_PDB_ins_code 
_struct_conn.pdbx_ptnr1_standard_comp_id 
_struct_conn.ptnr1_symmetry 
_struct_conn.ptnr2_label_asym_id 
_struct_conn.ptnr2_label_comp_id 
_struct_conn.ptnr2_label_seq_id 
_struct_conn.ptnr2_label_atom_id 
_struct_conn.pdbx_ptnr2_label_alt_id 
_struct_conn.pdbx_ptnr2_PDB_ins_code 
_struct_conn.ptnr1_auth_asym_id 
_struct_conn.ptnr1_auth_comp_id 
_struct_conn.ptnr1_auth_seq_id 
_struct_conn.ptnr2_auth_asym_id 
_struct_conn.ptnr2_auth_comp_id 
_struct_conn.ptnr2_auth_seq_id 
_struct_conn.ptnr2_symmetry 
_struct_conn.pdbx_ptnr3_label_atom_id 
_struct_conn.pdbx_ptnr3_label_seq_id 
_struct_conn.pdbx_ptnr3_label_comp_id 
_struct_conn.pdbx_ptnr3_label_asym_id 
_struct_conn.pdbx_ptnr3_label_alt_id 
_struct_conn.pdbx_ptnr3_PDB_ins_code 
_struct_conn.details 
_struct_conn.pdbx_dist_value 
_struct_conn.pdbx_value_order 
_struct_conn.pdbx_role 
covale1 covale both ? A LEU 120 C ? ? ? 1_555 A MSE 121 N ? ? A LEU 119 A MSE 120 1_555 ? ? ? ? ? ? ? 1.345 ? ? 
covale2 covale both ? A MSE 121 C ? ? ? 1_555 A VAL 122 N ? ? A MSE 120 A VAL 121 1_555 ? ? ? ? ? ? ? 1.335 ? ? 
covale3 covale both ? A ASP 176 C ? ? ? 1_555 A MSE 177 N ? ? A ASP 175 A MSE 176 1_555 ? ? ? ? ? ? ? 1.334 ? ? 
covale4 covale both ? A MSE 177 C ? ? ? 1_555 A SER 178 N ? ? A MSE 176 A SER 177 1_555 ? ? ? ? ? ? ? 1.329 ? ? 
# 
_struct_conn_type.id          covale 
_struct_conn_type.criteria    ? 
_struct_conn_type.reference   ? 
# 
loop_
_pdbx_modification_feature.ordinal 
_pdbx_modification_feature.label_comp_id 
_pdbx_modification_feature.label_asym_id 
_pdbx_modification_feature.label_seq_id 
_pdbx_modification_feature.label_alt_id 
_pdbx_modification_feature.modified_residue_label_comp_id 
_pdbx_modification_feature.modified_residue_label_asym_id 
_pdbx_modification_feature.modified_residue_label_seq_id 
_pdbx_modification_feature.modified_residue_label_alt_id 
_pdbx_modification_feature.auth_comp_id 
_pdbx_modification_feature.auth_asym_id 
_pdbx_modification_feature.auth_seq_id 
_pdbx_modification_feature.PDB_ins_code 
_pdbx_modification_feature.symmetry 
_pdbx_modification_feature.modified_residue_auth_comp_id 
_pdbx_modification_feature.modified_residue_auth_asym_id 
_pdbx_modification_feature.modified_residue_auth_seq_id 
_pdbx_modification_feature.modified_residue_PDB_ins_code 
_pdbx_modification_feature.modified_residue_symmetry 
_pdbx_modification_feature.comp_id_linking_atom 
_pdbx_modification_feature.modified_residue_id_linking_atom 
_pdbx_modification_feature.modified_residue_id 
_pdbx_modification_feature.ref_pcm_id 
_pdbx_modification_feature.ref_comp_id 
_pdbx_modification_feature.type 
_pdbx_modification_feature.category 
1 MSE A 121 ? . . . . MSE A 120 ? 1_555 . . . . . . . MET 1 MSE Selenomethionine 'Named protein modification' 
2 MSE A 177 ? . . . . MSE A 176 ? 1_555 . . . . . . . MET 1 MSE Selenomethionine 'Named protein modification' 
# 
loop_
_struct_site.id 
_struct_site.pdbx_evidence_code 
_struct_site.pdbx_auth_asym_id 
_struct_site.pdbx_auth_comp_id 
_struct_site.pdbx_auth_seq_id 
_struct_site.pdbx_auth_ins_code 
_struct_site.pdbx_num_residues 
_struct_site.details 
AC1 Software A NA  203 ? 3 'BINDING SITE FOR RESIDUE NA A 203'  
AC2 Software A EDO 204 ? 4 'BINDING SITE FOR RESIDUE EDO A 204' 
AC3 Software A EDO 205 ? 4 'BINDING SITE FOR RESIDUE EDO A 205' 
AC4 Software A EDO 206 ? 7 'BINDING SITE FOR RESIDUE EDO A 206' 
# 
loop_
_struct_site_gen.id 
_struct_site_gen.site_id 
_struct_site_gen.pdbx_num_res 
_struct_site_gen.label_comp_id 
_struct_site_gen.label_asym_id 
_struct_site_gen.label_seq_id 
_struct_site_gen.pdbx_auth_ins_code 
_struct_site_gen.auth_comp_id 
_struct_site_gen.auth_asym_id 
_struct_site_gen.auth_seq_id 
_struct_site_gen.label_atom_id 
_struct_site_gen.label_alt_id 
_struct_site_gen.symmetry 
_struct_site_gen.details 
1  AC1 3 GLU A 152 ? GLU A 151 . ? 1_555 ? 
2  AC1 3 GLU A 155 ? GLU A 154 . ? 1_555 ? 
3  AC1 3 LYS A 180 ? LYS A 179 . ? 7_556 ? 
4  AC2 4 ARG A 13  ? ARG A 12  . ? 1_555 ? 
5  AC2 4 GLU A 57  ? GLU A 56  . ? 1_555 ? 
6  AC2 4 ALA A 61  ? ALA A 60  . ? 1_555 ? 
7  AC2 4 GLU A 64  ? GLU A 63  . ? 1_555 ? 
8  AC3 4 ILE A 91  ? ILE A 90  . ? 1_555 ? 
9  AC3 4 ALA A 94  ? ALA A 93  . ? 1_555 ? 
10 AC3 4 TYR A 132 ? TYR A 131 . ? 1_555 ? 
11 AC3 4 HIS A 162 ? HIS A 161 . ? 1_555 ? 
12 AC4 7 GLY A 46  ? GLY A 45  . ? 1_555 ? 
13 AC4 7 GLY A 143 ? GLY A 142 . ? 5_545 ? 
14 AC4 7 LYS A 146 ? LYS A 145 . ? 6_455 ? 
15 AC4 7 LYS A 148 ? LYS A 147 . ? 6_455 ? 
16 AC4 7 ASP A 195 ? ASP A 194 . ? 5_545 ? 
17 AC4 7 HOH F .   ? HOH A 232 . ? 5_545 ? 
18 AC4 7 HOH F .   ? HOH A 266 . ? 1_555 ? 
# 
_pdbx_entry_details.entry_id                   3B81 
_pdbx_entry_details.compound_details           ? 
_pdbx_entry_details.source_details             ? 
_pdbx_entry_details.nonpolymer_details         ? 
_pdbx_entry_details.sequence_details           
;REMARK 999 SEQUENCE:  THE CONSTRUCT WAS EXPRESSED WITH A PURIFICATION
REMARK 999 TAG MGSDKIHHHHHHENLYFQG. THE TAG WAS REMOVED WITH TEV PROTEASE
REMARK 999 LEAVING ONLY A GLYCINE (0) FOLLOWED BY THE TARGET SEQUENCE.
;
_pdbx_entry_details.has_ligand_of_interest     ? 
_pdbx_entry_details.has_protein_modification   Y 
# 
_pdbx_validate_rmsd_angle.id                         1 
_pdbx_validate_rmsd_angle.PDB_model_num              1 
_pdbx_validate_rmsd_angle.auth_atom_id_1             NE 
_pdbx_validate_rmsd_angle.auth_asym_id_1             A 
_pdbx_validate_rmsd_angle.auth_comp_id_1             ARG 
_pdbx_validate_rmsd_angle.auth_seq_id_1              86 
_pdbx_validate_rmsd_angle.PDB_ins_code_1             ? 
_pdbx_validate_rmsd_angle.label_alt_id_1             ? 
_pdbx_validate_rmsd_angle.auth_atom_id_2             CZ 
_pdbx_validate_rmsd_angle.auth_asym_id_2             A 
_pdbx_validate_rmsd_angle.auth_comp_id_2             ARG 
_pdbx_validate_rmsd_angle.auth_seq_id_2              86 
_pdbx_validate_rmsd_angle.PDB_ins_code_2             ? 
_pdbx_validate_rmsd_angle.label_alt_id_2             ? 
_pdbx_validate_rmsd_angle.auth_atom_id_3             NH1 
_pdbx_validate_rmsd_angle.auth_asym_id_3             A 
_pdbx_validate_rmsd_angle.auth_comp_id_3             ARG 
_pdbx_validate_rmsd_angle.auth_seq_id_3              86 
_pdbx_validate_rmsd_angle.PDB_ins_code_3             ? 
_pdbx_validate_rmsd_angle.label_alt_id_3             ? 
_pdbx_validate_rmsd_angle.angle_value                123.47 
_pdbx_validate_rmsd_angle.angle_target_value         120.30 
_pdbx_validate_rmsd_angle.angle_deviation            3.17 
_pdbx_validate_rmsd_angle.angle_standard_deviation   0.50 
_pdbx_validate_rmsd_angle.linker_flag                N 
# 
loop_
_pdbx_validate_torsion.id 
_pdbx_validate_torsion.PDB_model_num 
_pdbx_validate_torsion.auth_comp_id 
_pdbx_validate_torsion.auth_asym_id 
_pdbx_validate_torsion.auth_seq_id 
_pdbx_validate_torsion.PDB_ins_code 
_pdbx_validate_torsion.label_alt_id 
_pdbx_validate_torsion.phi 
_pdbx_validate_torsion.psi 
1 1 ASN A 108 ? ? -108.09 63.21 
2 1 PHE A 198 ? ? -109.52 47.71 
# 
_pdbx_SG_project.project_name          'PSI, Protein Structure Initiative' 
_pdbx_SG_project.full_name_of_center   'Joint Center for Structural Genomics' 
_pdbx_SG_project.id                    1 
_pdbx_SG_project.initial_of_center     JCSG 
# 
loop_
_pdbx_struct_mod_residue.id 
_pdbx_struct_mod_residue.label_asym_id 
_pdbx_struct_mod_residue.label_comp_id 
_pdbx_struct_mod_residue.label_seq_id 
_pdbx_struct_mod_residue.auth_asym_id 
_pdbx_struct_mod_residue.auth_comp_id 
_pdbx_struct_mod_residue.auth_seq_id 
_pdbx_struct_mod_residue.PDB_ins_code 
_pdbx_struct_mod_residue.parent_comp_id 
_pdbx_struct_mod_residue.details 
1 A MSE 121 A MSE 120 ? MET SELENOMETHIONINE 
2 A MSE 177 A MSE 176 ? MET SELENOMETHIONINE 
# 
loop_
_pdbx_struct_special_symmetry.id 
_pdbx_struct_special_symmetry.PDB_model_num 
_pdbx_struct_special_symmetry.auth_asym_id 
_pdbx_struct_special_symmetry.auth_comp_id 
_pdbx_struct_special_symmetry.auth_seq_id 
_pdbx_struct_special_symmetry.PDB_ins_code 
_pdbx_struct_special_symmetry.label_asym_id 
_pdbx_struct_special_symmetry.label_comp_id 
_pdbx_struct_special_symmetry.label_seq_id 
1 1 A HOH 285 ? F HOH . 
2 1 A HOH 287 ? F HOH . 
# 
_pdbx_refine_tls.id               1 
_pdbx_refine_tls.details          ? 
_pdbx_refine_tls.method           refined 
_pdbx_refine_tls.origin_x         0.1787 
_pdbx_refine_tls.origin_y         -0.1805 
_pdbx_refine_tls.origin_z         -0.3082 
_pdbx_refine_tls.T[1][1]          0.1028 
_pdbx_refine_tls.T[2][2]          0.0335 
_pdbx_refine_tls.T[3][3]          0.0067 
_pdbx_refine_tls.T[1][2]          -0.0382 
_pdbx_refine_tls.T[1][3]          0.0757 
_pdbx_refine_tls.T[2][3]          0.0191 
_pdbx_refine_tls.L[1][1]          1.1617 
_pdbx_refine_tls.L[2][2]          4.8672 
_pdbx_refine_tls.L[3][3]          0.5862 
_pdbx_refine_tls.L[1][2]          1.2352 
_pdbx_refine_tls.L[1][3]          -0.1003 
_pdbx_refine_tls.L[2][3]          -1.5394 
_pdbx_refine_tls.S[1][1]          0.1302 
_pdbx_refine_tls.S[2][2]          -0.1989 
_pdbx_refine_tls.S[3][3]          0.0687 
_pdbx_refine_tls.S[1][2]          -0.2350 
_pdbx_refine_tls.S[1][3]          -0.2023 
_pdbx_refine_tls.S[2][3]          -0.0069 
_pdbx_refine_tls.S[2][1]          0.7459 
_pdbx_refine_tls.S[3][1]          -0.1020 
_pdbx_refine_tls.S[3][2]          -0.0402 
_pdbx_refine_tls.pdbx_refine_id   'X-RAY DIFFRACTION' 
# 
loop_
_pdbx_refine_tls_group.id 
_pdbx_refine_tls_group.refine_tls_id 
_pdbx_refine_tls_group.beg_label_asym_id 
_pdbx_refine_tls_group.beg_label_seq_id 
_pdbx_refine_tls_group.end_label_asym_id 
_pdbx_refine_tls_group.end_label_seq_id 
_pdbx_refine_tls_group.selection 
_pdbx_refine_tls_group.beg_auth_asym_id 
_pdbx_refine_tls_group.beg_auth_seq_id 
_pdbx_refine_tls_group.end_auth_asym_id 
_pdbx_refine_tls_group.end_auth_seq_id 
_pdbx_refine_tls_group.pdbx_refine_id 
_pdbx_refine_tls_group.selection_details 
1 1 A 7   A 96  ? A 6   A 95  'X-RAY DIFFRACTION' ? 
2 1 A 108 A 200 ? A 107 A 199 'X-RAY DIFFRACTION' ? 
# 
_phasing.method   MAD 
# 
_pdbx_database_remark.id     999 
_pdbx_database_remark.text   
;
SEQUENCE
THE CONSTRUCT WAS EXPRESSED WITH A PURIFICATION TAG
MGSDKIHHHHHHENLYFQG. THE TAG WAS REMOVED WITH TEV PROTEASE
LEAVING ONLY A GLYCINE (0) FOLLOWED BY THE TARGET SEQUENCE.
;
# 
loop_
_pdbx_unobs_or_zero_occ_residues.id 
_pdbx_unobs_or_zero_occ_residues.PDB_model_num 
_pdbx_unobs_or_zero_occ_residues.polymer_flag 
_pdbx_unobs_or_zero_occ_residues.occupancy_flag 
_pdbx_unobs_or_zero_occ_residues.auth_asym_id 
_pdbx_unobs_or_zero_occ_residues.auth_comp_id 
_pdbx_unobs_or_zero_occ_residues.auth_seq_id 
_pdbx_unobs_or_zero_occ_residues.PDB_ins_code 
_pdbx_unobs_or_zero_occ_residues.label_asym_id 
_pdbx_unobs_or_zero_occ_residues.label_comp_id 
_pdbx_unobs_or_zero_occ_residues.label_seq_id 
1  1 Y 1 A GLY 0   ? A GLY 1   
2  1 Y 1 A MSE 1   ? A MSE 2   
3  1 Y 1 A SER 2   ? A SER 3   
4  1 Y 1 A ARG 3   ? A ARG 4   
5  1 Y 1 A THR 4   ? A THR 5   
6  1 Y 1 A ASN 5   ? A ASN 6   
7  1 Y 1 A LYS 96  ? A LYS 97  
8  1 Y 1 A ILE 97  ? A ILE 98  
9  1 Y 1 A THR 98  ? A THR 99  
10 1 Y 1 A SER 99  ? A SER 100 
11 1 Y 1 A VAL 100 ? A VAL 101 
12 1 Y 1 A ASN 101 ? A ASN 102 
13 1 Y 1 A GLU 102 ? A GLU 103 
14 1 Y 1 A GLN 103 ? A GLN 104 
15 1 Y 1 A VAL 104 ? A VAL 105 
16 1 Y 1 A LYS 105 ? A LYS 106 
17 1 Y 1 A GLU 106 ? A GLU 107 
18 1 Y 1 A PHE 200 ? A PHE 201 
19 1 Y 1 A ILE 201 ? A ILE 202 
20 1 Y 1 A LYS 202 ? A LYS 203 
# 
loop_
_chem_comp_atom.comp_id 
_chem_comp_atom.atom_id 
_chem_comp_atom.type_symbol 
_chem_comp_atom.pdbx_aromatic_flag 
_chem_comp_atom.pdbx_stereo_config 
_chem_comp_atom.pdbx_ordinal 
ALA N    N  N N 1   
ALA CA   C  N S 2   
ALA C    C  N N 3   
ALA O    O  N N 4   
ALA CB   C  N N 5   
ALA OXT  O  N N 6   
ALA H    H  N N 7   
ALA H2   H  N N 8   
ALA HA   H  N N 9   
ALA HB1  H  N N 10  
ALA HB2  H  N N 11  
ALA HB3  H  N N 12  
ALA HXT  H  N N 13  
ARG N    N  N N 14  
ARG CA   C  N S 15  
ARG C    C  N N 16  
ARG O    O  N N 17  
ARG CB   C  N N 18  
ARG CG   C  N N 19  
ARG CD   C  N N 20  
ARG NE   N  N N 21  
ARG CZ   C  N N 22  
ARG NH1  N  N N 23  
ARG NH2  N  N N 24  
ARG OXT  O  N N 25  
ARG H    H  N N 26  
ARG H2   H  N N 27  
ARG HA   H  N N 28  
ARG HB2  H  N N 29  
ARG HB3  H  N N 30  
ARG HG2  H  N N 31  
ARG HG3  H  N N 32  
ARG HD2  H  N N 33  
ARG HD3  H  N N 34  
ARG HE   H  N N 35  
ARG HH11 H  N N 36  
ARG HH12 H  N N 37  
ARG HH21 H  N N 38  
ARG HH22 H  N N 39  
ARG HXT  H  N N 40  
ASN N    N  N N 41  
ASN CA   C  N S 42  
ASN C    C  N N 43  
ASN O    O  N N 44  
ASN CB   C  N N 45  
ASN CG   C  N N 46  
ASN OD1  O  N N 47  
ASN ND2  N  N N 48  
ASN OXT  O  N N 49  
ASN H    H  N N 50  
ASN H2   H  N N 51  
ASN HA   H  N N 52  
ASN HB2  H  N N 53  
ASN HB3  H  N N 54  
ASN HD21 H  N N 55  
ASN HD22 H  N N 56  
ASN HXT  H  N N 57  
ASP N    N  N N 58  
ASP CA   C  N S 59  
ASP C    C  N N 60  
ASP O    O  N N 61  
ASP CB   C  N N 62  
ASP CG   C  N N 63  
ASP OD1  O  N N 64  
ASP OD2  O  N N 65  
ASP OXT  O  N N 66  
ASP H    H  N N 67  
ASP H2   H  N N 68  
ASP HA   H  N N 69  
ASP HB2  H  N N 70  
ASP HB3  H  N N 71  
ASP HD2  H  N N 72  
ASP HXT  H  N N 73  
CYS N    N  N N 74  
CYS CA   C  N R 75  
CYS C    C  N N 76  
CYS O    O  N N 77  
CYS CB   C  N N 78  
CYS SG   S  N N 79  
CYS OXT  O  N N 80  
CYS H    H  N N 81  
CYS H2   H  N N 82  
CYS HA   H  N N 83  
CYS HB2  H  N N 84  
CYS HB3  H  N N 85  
CYS HG   H  N N 86  
CYS HXT  H  N N 87  
EDO C1   C  N N 88  
EDO O1   O  N N 89  
EDO C2   C  N N 90  
EDO O2   O  N N 91  
EDO H11  H  N N 92  
EDO H12  H  N N 93  
EDO HO1  H  N N 94  
EDO H21  H  N N 95  
EDO H22  H  N N 96  
EDO HO2  H  N N 97  
GLN N    N  N N 98  
GLN CA   C  N S 99  
GLN C    C  N N 100 
GLN O    O  N N 101 
GLN CB   C  N N 102 
GLN CG   C  N N 103 
GLN CD   C  N N 104 
GLN OE1  O  N N 105 
GLN NE2  N  N N 106 
GLN OXT  O  N N 107 
GLN H    H  N N 108 
GLN H2   H  N N 109 
GLN HA   H  N N 110 
GLN HB2  H  N N 111 
GLN HB3  H  N N 112 
GLN HG2  H  N N 113 
GLN HG3  H  N N 114 
GLN HE21 H  N N 115 
GLN HE22 H  N N 116 
GLN HXT  H  N N 117 
GLU N    N  N N 118 
GLU CA   C  N S 119 
GLU C    C  N N 120 
GLU O    O  N N 121 
GLU CB   C  N N 122 
GLU CG   C  N N 123 
GLU CD   C  N N 124 
GLU OE1  O  N N 125 
GLU OE2  O  N N 126 
GLU OXT  O  N N 127 
GLU H    H  N N 128 
GLU H2   H  N N 129 
GLU HA   H  N N 130 
GLU HB2  H  N N 131 
GLU HB3  H  N N 132 
GLU HG2  H  N N 133 
GLU HG3  H  N N 134 
GLU HE2  H  N N 135 
GLU HXT  H  N N 136 
GLY N    N  N N 137 
GLY CA   C  N N 138 
GLY C    C  N N 139 
GLY O    O  N N 140 
GLY OXT  O  N N 141 
GLY H    H  N N 142 
GLY H2   H  N N 143 
GLY HA2  H  N N 144 
GLY HA3  H  N N 145 
GLY HXT  H  N N 146 
HIS N    N  N N 147 
HIS CA   C  N S 148 
HIS C    C  N N 149 
HIS O    O  N N 150 
HIS CB   C  N N 151 
HIS CG   C  Y N 152 
HIS ND1  N  Y N 153 
HIS CD2  C  Y N 154 
HIS CE1  C  Y N 155 
HIS NE2  N  Y N 156 
HIS OXT  O  N N 157 
HIS H    H  N N 158 
HIS H2   H  N N 159 
HIS HA   H  N N 160 
HIS HB2  H  N N 161 
HIS HB3  H  N N 162 
HIS HD1  H  N N 163 
HIS HD2  H  N N 164 
HIS HE1  H  N N 165 
HIS HE2  H  N N 166 
HIS HXT  H  N N 167 
HOH O    O  N N 168 
HOH H1   H  N N 169 
HOH H2   H  N N 170 
ILE N    N  N N 171 
ILE CA   C  N S 172 
ILE C    C  N N 173 
ILE O    O  N N 174 
ILE CB   C  N S 175 
ILE CG1  C  N N 176 
ILE CG2  C  N N 177 
ILE CD1  C  N N 178 
ILE OXT  O  N N 179 
ILE H    H  N N 180 
ILE H2   H  N N 181 
ILE HA   H  N N 182 
ILE HB   H  N N 183 
ILE HG12 H  N N 184 
ILE HG13 H  N N 185 
ILE HG21 H  N N 186 
ILE HG22 H  N N 187 
ILE HG23 H  N N 188 
ILE HD11 H  N N 189 
ILE HD12 H  N N 190 
ILE HD13 H  N N 191 
ILE HXT  H  N N 192 
LEU N    N  N N 193 
LEU CA   C  N S 194 
LEU C    C  N N 195 
LEU O    O  N N 196 
LEU CB   C  N N 197 
LEU CG   C  N N 198 
LEU CD1  C  N N 199 
LEU CD2  C  N N 200 
LEU OXT  O  N N 201 
LEU H    H  N N 202 
LEU H2   H  N N 203 
LEU HA   H  N N 204 
LEU HB2  H  N N 205 
LEU HB3  H  N N 206 
LEU HG   H  N N 207 
LEU HD11 H  N N 208 
LEU HD12 H  N N 209 
LEU HD13 H  N N 210 
LEU HD21 H  N N 211 
LEU HD22 H  N N 212 
LEU HD23 H  N N 213 
LEU HXT  H  N N 214 
LYS N    N  N N 215 
LYS CA   C  N S 216 
LYS C    C  N N 217 
LYS O    O  N N 218 
LYS CB   C  N N 219 
LYS CG   C  N N 220 
LYS CD   C  N N 221 
LYS CE   C  N N 222 
LYS NZ   N  N N 223 
LYS OXT  O  N N 224 
LYS H    H  N N 225 
LYS H2   H  N N 226 
LYS HA   H  N N 227 
LYS HB2  H  N N 228 
LYS HB3  H  N N 229 
LYS HG2  H  N N 230 
LYS HG3  H  N N 231 
LYS HD2  H  N N 232 
LYS HD3  H  N N 233 
LYS HE2  H  N N 234 
LYS HE3  H  N N 235 
LYS HZ1  H  N N 236 
LYS HZ2  H  N N 237 
LYS HZ3  H  N N 238 
LYS HXT  H  N N 239 
MSE N    N  N N 240 
MSE CA   C  N S 241 
MSE C    C  N N 242 
MSE O    O  N N 243 
MSE OXT  O  N N 244 
MSE CB   C  N N 245 
MSE CG   C  N N 246 
MSE SE   SE N N 247 
MSE CE   C  N N 248 
MSE H    H  N N 249 
MSE H2   H  N N 250 
MSE HA   H  N N 251 
MSE HXT  H  N N 252 
MSE HB2  H  N N 253 
MSE HB3  H  N N 254 
MSE HG2  H  N N 255 
MSE HG3  H  N N 256 
MSE HE1  H  N N 257 
MSE HE2  H  N N 258 
MSE HE3  H  N N 259 
NA  NA   NA N N 260 
PHE N    N  N N 261 
PHE CA   C  N S 262 
PHE C    C  N N 263 
PHE O    O  N N 264 
PHE CB   C  N N 265 
PHE CG   C  Y N 266 
PHE CD1  C  Y N 267 
PHE CD2  C  Y N 268 
PHE CE1  C  Y N 269 
PHE CE2  C  Y N 270 
PHE CZ   C  Y N 271 
PHE OXT  O  N N 272 
PHE H    H  N N 273 
PHE H2   H  N N 274 
PHE HA   H  N N 275 
PHE HB2  H  N N 276 
PHE HB3  H  N N 277 
PHE HD1  H  N N 278 
PHE HD2  H  N N 279 
PHE HE1  H  N N 280 
PHE HE2  H  N N 281 
PHE HZ   H  N N 282 
PHE HXT  H  N N 283 
PRO N    N  N N 284 
PRO CA   C  N S 285 
PRO C    C  N N 286 
PRO O    O  N N 287 
PRO CB   C  N N 288 
PRO CG   C  N N 289 
PRO CD   C  N N 290 
PRO OXT  O  N N 291 
PRO H    H  N N 292 
PRO HA   H  N N 293 
PRO HB2  H  N N 294 
PRO HB3  H  N N 295 
PRO HG2  H  N N 296 
PRO HG3  H  N N 297 
PRO HD2  H  N N 298 
PRO HD3  H  N N 299 
PRO HXT  H  N N 300 
SER N    N  N N 301 
SER CA   C  N S 302 
SER C    C  N N 303 
SER O    O  N N 304 
SER CB   C  N N 305 
SER OG   O  N N 306 
SER OXT  O  N N 307 
SER H    H  N N 308 
SER H2   H  N N 309 
SER HA   H  N N 310 
SER HB2  H  N N 311 
SER HB3  H  N N 312 
SER HG   H  N N 313 
SER HXT  H  N N 314 
THR N    N  N N 315 
THR CA   C  N S 316 
THR C    C  N N 317 
THR O    O  N N 318 
THR CB   C  N R 319 
THR OG1  O  N N 320 
THR CG2  C  N N 321 
THR OXT  O  N N 322 
THR H    H  N N 323 
THR H2   H  N N 324 
THR HA   H  N N 325 
THR HB   H  N N 326 
THR HG1  H  N N 327 
THR HG21 H  N N 328 
THR HG22 H  N N 329 
THR HG23 H  N N 330 
THR HXT  H  N N 331 
TRP N    N  N N 332 
TRP CA   C  N S 333 
TRP C    C  N N 334 
TRP O    O  N N 335 
TRP CB   C  N N 336 
TRP CG   C  Y N 337 
TRP CD1  C  Y N 338 
TRP CD2  C  Y N 339 
TRP NE1  N  Y N 340 
TRP CE2  C  Y N 341 
TRP CE3  C  Y N 342 
TRP CZ2  C  Y N 343 
TRP CZ3  C  Y N 344 
TRP CH2  C  Y N 345 
TRP OXT  O  N N 346 
TRP H    H  N N 347 
TRP H2   H  N N 348 
TRP HA   H  N N 349 
TRP HB2  H  N N 350 
TRP HB3  H  N N 351 
TRP HD1  H  N N 352 
TRP HE1  H  N N 353 
TRP HE3  H  N N 354 
TRP HZ2  H  N N 355 
TRP HZ3  H  N N 356 
TRP HH2  H  N N 357 
TRP HXT  H  N N 358 
TYR N    N  N N 359 
TYR CA   C  N S 360 
TYR C    C  N N 361 
TYR O    O  N N 362 
TYR CB   C  N N 363 
TYR CG   C  Y N 364 
TYR CD1  C  Y N 365 
TYR CD2  C  Y N 366 
TYR CE1  C  Y N 367 
TYR CE2  C  Y N 368 
TYR CZ   C  Y N 369 
TYR OH   O  N N 370 
TYR OXT  O  N N 371 
TYR H    H  N N 372 
TYR H2   H  N N 373 
TYR HA   H  N N 374 
TYR HB2  H  N N 375 
TYR HB3  H  N N 376 
TYR HD1  H  N N 377 
TYR HD2  H  N N 378 
TYR HE1  H  N N 379 
TYR HE2  H  N N 380 
TYR HH   H  N N 381 
TYR HXT  H  N N 382 
VAL N    N  N N 383 
VAL CA   C  N S 384 
VAL C    C  N N 385 
VAL O    O  N N 386 
VAL CB   C  N N 387 
VAL CG1  C  N N 388 
VAL CG2  C  N N 389 
VAL OXT  O  N N 390 
VAL H    H  N N 391 
VAL H2   H  N N 392 
VAL HA   H  N N 393 
VAL HB   H  N N 394 
VAL HG11 H  N N 395 
VAL HG12 H  N N 396 
VAL HG13 H  N N 397 
VAL HG21 H  N N 398 
VAL HG22 H  N N 399 
VAL HG23 H  N N 400 
VAL HXT  H  N N 401 
# 
loop_
_chem_comp_bond.comp_id 
_chem_comp_bond.atom_id_1 
_chem_comp_bond.atom_id_2 
_chem_comp_bond.value_order 
_chem_comp_bond.pdbx_aromatic_flag 
_chem_comp_bond.pdbx_stereo_config 
_chem_comp_bond.pdbx_ordinal 
ALA N   CA   sing N N 1   
ALA N   H    sing N N 2   
ALA N   H2   sing N N 3   
ALA CA  C    sing N N 4   
ALA CA  CB   sing N N 5   
ALA CA  HA   sing N N 6   
ALA C   O    doub N N 7   
ALA C   OXT  sing N N 8   
ALA CB  HB1  sing N N 9   
ALA CB  HB2  sing N N 10  
ALA CB  HB3  sing N N 11  
ALA OXT HXT  sing N N 12  
ARG N   CA   sing N N 13  
ARG N   H    sing N N 14  
ARG N   H2   sing N N 15  
ARG CA  C    sing N N 16  
ARG CA  CB   sing N N 17  
ARG CA  HA   sing N N 18  
ARG C   O    doub N N 19  
ARG C   OXT  sing N N 20  
ARG CB  CG   sing N N 21  
ARG CB  HB2  sing N N 22  
ARG CB  HB3  sing N N 23  
ARG CG  CD   sing N N 24  
ARG CG  HG2  sing N N 25  
ARG CG  HG3  sing N N 26  
ARG CD  NE   sing N N 27  
ARG CD  HD2  sing N N 28  
ARG CD  HD3  sing N N 29  
ARG NE  CZ   sing N N 30  
ARG NE  HE   sing N N 31  
ARG CZ  NH1  sing N N 32  
ARG CZ  NH2  doub N N 33  
ARG NH1 HH11 sing N N 34  
ARG NH1 HH12 sing N N 35  
ARG NH2 HH21 sing N N 36  
ARG NH2 HH22 sing N N 37  
ARG OXT HXT  sing N N 38  
ASN N   CA   sing N N 39  
ASN N   H    sing N N 40  
ASN N   H2   sing N N 41  
ASN CA  C    sing N N 42  
ASN CA  CB   sing N N 43  
ASN CA  HA   sing N N 44  
ASN C   O    doub N N 45  
ASN C   OXT  sing N N 46  
ASN CB  CG   sing N N 47  
ASN CB  HB2  sing N N 48  
ASN CB  HB3  sing N N 49  
ASN CG  OD1  doub N N 50  
ASN CG  ND2  sing N N 51  
ASN ND2 HD21 sing N N 52  
ASN ND2 HD22 sing N N 53  
ASN OXT HXT  sing N N 54  
ASP N   CA   sing N N 55  
ASP N   H    sing N N 56  
ASP N   H2   sing N N 57  
ASP CA  C    sing N N 58  
ASP CA  CB   sing N N 59  
ASP CA  HA   sing N N 60  
ASP C   O    doub N N 61  
ASP C   OXT  sing N N 62  
ASP CB  CG   sing N N 63  
ASP CB  HB2  sing N N 64  
ASP CB  HB3  sing N N 65  
ASP CG  OD1  doub N N 66  
ASP CG  OD2  sing N N 67  
ASP OD2 HD2  sing N N 68  
ASP OXT HXT  sing N N 69  
CYS N   CA   sing N N 70  
CYS N   H    sing N N 71  
CYS N   H2   sing N N 72  
CYS CA  C    sing N N 73  
CYS CA  CB   sing N N 74  
CYS CA  HA   sing N N 75  
CYS C   O    doub N N 76  
CYS C   OXT  sing N N 77  
CYS CB  SG   sing N N 78  
CYS CB  HB2  sing N N 79  
CYS CB  HB3  sing N N 80  
CYS SG  HG   sing N N 81  
CYS OXT HXT  sing N N 82  
EDO C1  O1   sing N N 83  
EDO C1  C2   sing N N 84  
EDO C1  H11  sing N N 85  
EDO C1  H12  sing N N 86  
EDO O1  HO1  sing N N 87  
EDO C2  O2   sing N N 88  
EDO C2  H21  sing N N 89  
EDO C2  H22  sing N N 90  
EDO O2  HO2  sing N N 91  
GLN N   CA   sing N N 92  
GLN N   H    sing N N 93  
GLN N   H2   sing N N 94  
GLN CA  C    sing N N 95  
GLN CA  CB   sing N N 96  
GLN CA  HA   sing N N 97  
GLN C   O    doub N N 98  
GLN C   OXT  sing N N 99  
GLN CB  CG   sing N N 100 
GLN CB  HB2  sing N N 101 
GLN CB  HB3  sing N N 102 
GLN CG  CD   sing N N 103 
GLN CG  HG2  sing N N 104 
GLN CG  HG3  sing N N 105 
GLN CD  OE1  doub N N 106 
GLN CD  NE2  sing N N 107 
GLN NE2 HE21 sing N N 108 
GLN NE2 HE22 sing N N 109 
GLN OXT HXT  sing N N 110 
GLU N   CA   sing N N 111 
GLU N   H    sing N N 112 
GLU N   H2   sing N N 113 
GLU CA  C    sing N N 114 
GLU CA  CB   sing N N 115 
GLU CA  HA   sing N N 116 
GLU C   O    doub N N 117 
GLU C   OXT  sing N N 118 
GLU CB  CG   sing N N 119 
GLU CB  HB2  sing N N 120 
GLU CB  HB3  sing N N 121 
GLU CG  CD   sing N N 122 
GLU CG  HG2  sing N N 123 
GLU CG  HG3  sing N N 124 
GLU CD  OE1  doub N N 125 
GLU CD  OE2  sing N N 126 
GLU OE2 HE2  sing N N 127 
GLU OXT HXT  sing N N 128 
GLY N   CA   sing N N 129 
GLY N   H    sing N N 130 
GLY N   H2   sing N N 131 
GLY CA  C    sing N N 132 
GLY CA  HA2  sing N N 133 
GLY CA  HA3  sing N N 134 
GLY C   O    doub N N 135 
GLY C   OXT  sing N N 136 
GLY OXT HXT  sing N N 137 
HIS N   CA   sing N N 138 
HIS N   H    sing N N 139 
HIS N   H2   sing N N 140 
HIS CA  C    sing N N 141 
HIS CA  CB   sing N N 142 
HIS CA  HA   sing N N 143 
HIS C   O    doub N N 144 
HIS C   OXT  sing N N 145 
HIS CB  CG   sing N N 146 
HIS CB  HB2  sing N N 147 
HIS CB  HB3  sing N N 148 
HIS CG  ND1  sing Y N 149 
HIS CG  CD2  doub Y N 150 
HIS ND1 CE1  doub Y N 151 
HIS ND1 HD1  sing N N 152 
HIS CD2 NE2  sing Y N 153 
HIS CD2 HD2  sing N N 154 
HIS CE1 NE2  sing Y N 155 
HIS CE1 HE1  sing N N 156 
HIS NE2 HE2  sing N N 157 
HIS OXT HXT  sing N N 158 
HOH O   H1   sing N N 159 
HOH O   H2   sing N N 160 
ILE N   CA   sing N N 161 
ILE N   H    sing N N 162 
ILE N   H2   sing N N 163 
ILE CA  C    sing N N 164 
ILE CA  CB   sing N N 165 
ILE CA  HA   sing N N 166 
ILE C   O    doub N N 167 
ILE C   OXT  sing N N 168 
ILE CB  CG1  sing N N 169 
ILE CB  CG2  sing N N 170 
ILE CB  HB   sing N N 171 
ILE CG1 CD1  sing N N 172 
ILE CG1 HG12 sing N N 173 
ILE CG1 HG13 sing N N 174 
ILE CG2 HG21 sing N N 175 
ILE CG2 HG22 sing N N 176 
ILE CG2 HG23 sing N N 177 
ILE CD1 HD11 sing N N 178 
ILE CD1 HD12 sing N N 179 
ILE CD1 HD13 sing N N 180 
ILE OXT HXT  sing N N 181 
LEU N   CA   sing N N 182 
LEU N   H    sing N N 183 
LEU N   H2   sing N N 184 
LEU CA  C    sing N N 185 
LEU CA  CB   sing N N 186 
LEU CA  HA   sing N N 187 
LEU C   O    doub N N 188 
LEU C   OXT  sing N N 189 
LEU CB  CG   sing N N 190 
LEU CB  HB2  sing N N 191 
LEU CB  HB3  sing N N 192 
LEU CG  CD1  sing N N 193 
LEU CG  CD2  sing N N 194 
LEU CG  HG   sing N N 195 
LEU CD1 HD11 sing N N 196 
LEU CD1 HD12 sing N N 197 
LEU CD1 HD13 sing N N 198 
LEU CD2 HD21 sing N N 199 
LEU CD2 HD22 sing N N 200 
LEU CD2 HD23 sing N N 201 
LEU OXT HXT  sing N N 202 
LYS N   CA   sing N N 203 
LYS N   H    sing N N 204 
LYS N   H2   sing N N 205 
LYS CA  C    sing N N 206 
LYS CA  CB   sing N N 207 
LYS CA  HA   sing N N 208 
LYS C   O    doub N N 209 
LYS C   OXT  sing N N 210 
LYS CB  CG   sing N N 211 
LYS CB  HB2  sing N N 212 
LYS CB  HB3  sing N N 213 
LYS CG  CD   sing N N 214 
LYS CG  HG2  sing N N 215 
LYS CG  HG3  sing N N 216 
LYS CD  CE   sing N N 217 
LYS CD  HD2  sing N N 218 
LYS CD  HD3  sing N N 219 
LYS CE  NZ   sing N N 220 
LYS CE  HE2  sing N N 221 
LYS CE  HE3  sing N N 222 
LYS NZ  HZ1  sing N N 223 
LYS NZ  HZ2  sing N N 224 
LYS NZ  HZ3  sing N N 225 
LYS OXT HXT  sing N N 226 
MSE N   CA   sing N N 227 
MSE N   H    sing N N 228 
MSE N   H2   sing N N 229 
MSE CA  C    sing N N 230 
MSE CA  CB   sing N N 231 
MSE CA  HA   sing N N 232 
MSE C   O    doub N N 233 
MSE C   OXT  sing N N 234 
MSE OXT HXT  sing N N 235 
MSE CB  CG   sing N N 236 
MSE CB  HB2  sing N N 237 
MSE CB  HB3  sing N N 238 
MSE CG  SE   sing N N 239 
MSE CG  HG2  sing N N 240 
MSE CG  HG3  sing N N 241 
MSE SE  CE   sing N N 242 
MSE CE  HE1  sing N N 243 
MSE CE  HE2  sing N N 244 
MSE CE  HE3  sing N N 245 
PHE N   CA   sing N N 246 
PHE N   H    sing N N 247 
PHE N   H2   sing N N 248 
PHE CA  C    sing N N 249 
PHE CA  CB   sing N N 250 
PHE CA  HA   sing N N 251 
PHE C   O    doub N N 252 
PHE C   OXT  sing N N 253 
PHE CB  CG   sing N N 254 
PHE CB  HB2  sing N N 255 
PHE CB  HB3  sing N N 256 
PHE CG  CD1  doub Y N 257 
PHE CG  CD2  sing Y N 258 
PHE CD1 CE1  sing Y N 259 
PHE CD1 HD1  sing N N 260 
PHE CD2 CE2  doub Y N 261 
PHE CD2 HD2  sing N N 262 
PHE CE1 CZ   doub Y N 263 
PHE CE1 HE1  sing N N 264 
PHE CE2 CZ   sing Y N 265 
PHE CE2 HE2  sing N N 266 
PHE CZ  HZ   sing N N 267 
PHE OXT HXT  sing N N 268 
PRO N   CA   sing N N 269 
PRO N   CD   sing N N 270 
PRO N   H    sing N N 271 
PRO CA  C    sing N N 272 
PRO CA  CB   sing N N 273 
PRO CA  HA   sing N N 274 
PRO C   O    doub N N 275 
PRO C   OXT  sing N N 276 
PRO CB  CG   sing N N 277 
PRO CB  HB2  sing N N 278 
PRO CB  HB3  sing N N 279 
PRO CG  CD   sing N N 280 
PRO CG  HG2  sing N N 281 
PRO CG  HG3  sing N N 282 
PRO CD  HD2  sing N N 283 
PRO CD  HD3  sing N N 284 
PRO OXT HXT  sing N N 285 
SER N   CA   sing N N 286 
SER N   H    sing N N 287 
SER N   H2   sing N N 288 
SER CA  C    sing N N 289 
SER CA  CB   sing N N 290 
SER CA  HA   sing N N 291 
SER C   O    doub N N 292 
SER C   OXT  sing N N 293 
SER CB  OG   sing N N 294 
SER CB  HB2  sing N N 295 
SER CB  HB3  sing N N 296 
SER OG  HG   sing N N 297 
SER OXT HXT  sing N N 298 
THR N   CA   sing N N 299 
THR N   H    sing N N 300 
THR N   H2   sing N N 301 
THR CA  C    sing N N 302 
THR CA  CB   sing N N 303 
THR CA  HA   sing N N 304 
THR C   O    doub N N 305 
THR C   OXT  sing N N 306 
THR CB  OG1  sing N N 307 
THR CB  CG2  sing N N 308 
THR CB  HB   sing N N 309 
THR OG1 HG1  sing N N 310 
THR CG2 HG21 sing N N 311 
THR CG2 HG22 sing N N 312 
THR CG2 HG23 sing N N 313 
THR OXT HXT  sing N N 314 
TRP N   CA   sing N N 315 
TRP N   H    sing N N 316 
TRP N   H2   sing N N 317 
TRP CA  C    sing N N 318 
TRP CA  CB   sing N N 319 
TRP CA  HA   sing N N 320 
TRP C   O    doub N N 321 
TRP C   OXT  sing N N 322 
TRP CB  CG   sing N N 323 
TRP CB  HB2  sing N N 324 
TRP CB  HB3  sing N N 325 
TRP CG  CD1  doub Y N 326 
TRP CG  CD2  sing Y N 327 
TRP CD1 NE1  sing Y N 328 
TRP CD1 HD1  sing N N 329 
TRP CD2 CE2  doub Y N 330 
TRP CD2 CE3  sing Y N 331 
TRP NE1 CE2  sing Y N 332 
TRP NE1 HE1  sing N N 333 
TRP CE2 CZ2  sing Y N 334 
TRP CE3 CZ3  doub Y N 335 
TRP CE3 HE3  sing N N 336 
TRP CZ2 CH2  doub Y N 337 
TRP CZ2 HZ2  sing N N 338 
TRP CZ3 CH2  sing Y N 339 
TRP CZ3 HZ3  sing N N 340 
TRP CH2 HH2  sing N N 341 
TRP OXT HXT  sing N N 342 
TYR N   CA   sing N N 343 
TYR N   H    sing N N 344 
TYR N   H2   sing N N 345 
TYR CA  C    sing N N 346 
TYR CA  CB   sing N N 347 
TYR CA  HA   sing N N 348 
TYR C   O    doub N N 349 
TYR C   OXT  sing N N 350 
TYR CB  CG   sing N N 351 
TYR CB  HB2  sing N N 352 
TYR CB  HB3  sing N N 353 
TYR CG  CD1  doub Y N 354 
TYR CG  CD2  sing Y N 355 
TYR CD1 CE1  sing Y N 356 
TYR CD1 HD1  sing N N 357 
TYR CD2 CE2  doub Y N 358 
TYR CD2 HD2  sing N N 359 
TYR CE1 CZ   doub Y N 360 
TYR CE1 HE1  sing N N 361 
TYR CE2 CZ   sing Y N 362 
TYR CE2 HE2  sing N N 363 
TYR CZ  OH   sing N N 364 
TYR OH  HH   sing N N 365 
TYR OXT HXT  sing N N 366 
VAL N   CA   sing N N 367 
VAL N   H    sing N N 368 
VAL N   H2   sing N N 369 
VAL CA  C    sing N N 370 
VAL CA  CB   sing N N 371 
VAL CA  HA   sing N N 372 
VAL C   O    doub N N 373 
VAL C   OXT  sing N N 374 
VAL CB  CG1  sing N N 375 
VAL CB  CG2  sing N N 376 
VAL CB  HB   sing N N 377 
VAL CG1 HG11 sing N N 378 
VAL CG1 HG12 sing N N 379 
VAL CG1 HG13 sing N N 380 
VAL CG2 HG21 sing N N 381 
VAL CG2 HG22 sing N N 382 
VAL CG2 HG23 sing N N 383 
VAL OXT HXT  sing N N 384 
# 
_atom_sites.entry_id                    3B81 
_atom_sites.fract_transf_matrix[1][1]   -0.00425336 
_atom_sites.fract_transf_matrix[1][2]   0.00755856 
_atom_sites.fract_transf_matrix[1][3]   -0.00695128 
_atom_sites.fract_transf_matrix[2][1]   0.00600261 
_atom_sites.fract_transf_matrix[2][2]   0.00793472 
_atom_sites.fract_transf_matrix[2][3]   0.00495502 
_atom_sites.fract_transf_matrix[3][1]   0.01066695 
_atom_sites.fract_transf_matrix[3][2]   -0.00237856 
_atom_sites.fract_transf_matrix[3][3]   -0.00911326 
_atom_sites.fract_transf_vector[1]      0.228718 
_atom_sites.fract_transf_vector[2]      0.334814 
_atom_sites.fract_transf_vector[3]      0.353110 
# 
loop_
_atom_type.symbol 
C  
N  
NA 
O  
S  
SE 
# 
loop_
_atom_site.group_PDB 
_atom_site.id 
_atom_site.type_symbol 
_atom_site.label_atom_id 
_atom_site.label_alt_id 
_atom_site.label_comp_id 
_atom_site.label_asym_id 
_atom_site.label_entity_id 
_atom_site.label_seq_id 
_atom_site.pdbx_PDB_ins_code 
_atom_site.Cartn_x 
_atom_site.Cartn_y 
_atom_site.Cartn_z 
_atom_site.occupancy 
_atom_site.B_iso_or_equiv 
_atom_site.pdbx_formal_charge 
_atom_site.auth_seq_id 
_atom_site.auth_comp_id 
_atom_site.auth_asym_id 
_atom_site.auth_atom_id 
_atom_site.pdbx_PDB_model_num 
ATOM   1    N  N   . ILE A 1 7   ? -22.127 -9.212  8.395   1.00 94.23  ? 6   ILE A N   1 
ATOM   2    C  CA  . ILE A 1 7   ? -22.797 -8.447  9.491   1.00 95.00  ? 6   ILE A CA  1 
ATOM   3    C  C   . ILE A 1 7   ? -22.089 -8.812  10.804  1.00 93.81  ? 6   ILE A C   1 
ATOM   4    O  O   . ILE A 1 7   ? -21.555 -7.943  11.499  1.00 94.31  ? 6   ILE A O   1 
ATOM   5    C  CB  . ILE A 1 7   ? -24.345 -8.744  9.539   1.00 95.93  ? 6   ILE A CB  1 
ATOM   6    C  CG1 . ILE A 1 7   ? -25.008 -8.499  8.167   1.00 97.20  ? 6   ILE A CG1 1 
ATOM   7    C  CG2 . ILE A 1 7   ? -25.044 -7.908  10.624  1.00 96.18  ? 6   ILE A CG2 1 
ATOM   8    C  CD1 . ILE A 1 7   ? -24.853 -7.076  7.619   1.00 98.30  ? 6   ILE A CD1 1 
ATOM   9    N  N   . ASN A 1 8   ? -22.131 -10.102 11.132  1.00 92.28  ? 7   ASN A N   1 
ATOM   10   C  CA  . ASN A 1 8   ? -21.426 -10.716 12.274  1.00 91.00  ? 7   ASN A CA  1 
ATOM   11   C  C   . ASN A 1 8   ? -20.307 -11.659 11.709  1.00 88.79  ? 7   ASN A C   1 
ATOM   12   O  O   . ASN A 1 8   ? -19.221 -11.779 12.293  1.00 88.13  ? 7   ASN A O   1 
ATOM   13   C  CB  . ASN A 1 8   ? -22.446 -11.443 13.167  1.00 91.31  ? 7   ASN A CB  1 
ATOM   14   C  CG  . ASN A 1 8   ? -21.982 -11.594 14.610  1.00 93.72  ? 7   ASN A CG  1 
ATOM   15   O  OD1 . ASN A 1 8   ? -20.794 -11.771 14.886  1.00 97.05  ? 7   ASN A OD1 1 
ATOM   16   N  ND2 . ASN A 1 8   ? -22.932 -11.534 15.543  1.00 95.28  ? 7   ASN A ND2 1 
ATOM   17   N  N   . PHE A 1 9   ? -20.633 -12.351 10.603  1.00 85.87  ? 8   PHE A N   1 
ATOM   18   C  CA  . PHE A 1 9   ? -19.728 -13.139 9.724   1.00 82.79  ? 8   PHE A CA  1 
ATOM   19   C  C   . PHE A 1 9   ? -18.466 -12.336 9.300   1.00 80.96  ? 8   PHE A C   1 
ATOM   20   O  O   . PHE A 1 9   ? -17.384 -12.911 9.168   1.00 80.61  ? 8   PHE A O   1 
ATOM   21   C  CB  . PHE A 1 9   ? -20.569 -13.575 8.486   1.00 82.17  ? 8   PHE A CB  1 
ATOM   22   C  CG  . PHE A 1 9   ? -19.803 -14.251 7.369   1.00 80.84  ? 8   PHE A CG  1 
ATOM   23   C  CD1 . PHE A 1 9   ? -19.161 -13.485 6.376   1.00 78.55  ? 8   PHE A CD1 1 
ATOM   24   C  CD2 . PHE A 1 9   ? -19.810 -15.648 7.244   1.00 79.99  ? 8   PHE A CD2 1 
ATOM   25   C  CE1 . PHE A 1 9   ? -18.478 -14.097 5.314   1.00 77.58  ? 8   PHE A CE1 1 
ATOM   26   C  CE2 . PHE A 1 9   ? -19.134 -16.282 6.185   1.00 80.63  ? 8   PHE A CE2 1 
ATOM   27   C  CZ  . PHE A 1 9   ? -18.466 -15.500 5.211   1.00 79.81  ? 8   PHE A CZ  1 
ATOM   28   N  N   . ASN A 1 10  ? -18.639 -11.029 9.058   1.00 78.60  ? 9   ASN A N   1 
ATOM   29   C  CA  . ASN A 1 10  ? -17.551 -10.111 8.668   1.00 76.50  ? 9   ASN A CA  1 
ATOM   30   C  C   . ASN A 1 10  ? -16.485 -9.917  9.755   1.00 73.32  ? 9   ASN A C   1 
ATOM   31   O  O   . ASN A 1 10  ? -15.304 -9.873  9.437   1.00 73.05  ? 9   ASN A O   1 
ATOM   32   C  CB  . ASN A 1 10  ? -18.110 -8.737  8.236   1.00 77.49  ? 9   ASN A CB  1 
ATOM   33   C  CG  . ASN A 1 10  ? -18.942 -8.801  6.943   1.00 79.70  ? 9   ASN A CG  1 
ATOM   34   O  OD1 . ASN A 1 10  ? -19.483 -9.848  6.571   1.00 78.40  ? 9   ASN A OD1 1 
ATOM   35   N  ND2 . ASN A 1 10  ? -19.051 -7.662  6.262   1.00 81.80  ? 9   ASN A ND2 1 
ATOM   36   N  N   . ASN A 1 11  ? -16.912 -9.797  11.015  1.00 70.13  ? 10  ASN A N   1 
ATOM   37   C  CA  . ASN A 1 11  ? -16.007 -9.670  12.181  1.00 68.50  ? 10  ASN A CA  1 
ATOM   38   C  C   . ASN A 1 11  ? -15.065 -10.881 12.312  1.00 66.83  ? 10  ASN A C   1 
ATOM   39   O  O   . ASN A 1 11  ? -13.878 -10.724 12.609  1.00 66.53  ? 10  ASN A O   1 
ATOM   40   C  CB  . ASN A 1 11  ? -16.784 -9.592  13.521  1.00 69.89  ? 10  ASN A CB  1 
ATOM   41   C  CG  . ASN A 1 11  ? -17.809 -8.456  13.585  1.00 71.07  ? 10  ASN A CG  1 
ATOM   42   O  OD1 . ASN A 1 11  ? -17.663 -7.421  12.938  1.00 70.32  ? 10  ASN A OD1 1 
ATOM   43   N  ND2 . ASN A 1 11  ? -18.859 -8.659  14.392  1.00 74.21  ? 10  ASN A ND2 1 
ATOM   44   N  N   . LYS A 1 12  ? -15.634 -12.080 12.124  1.00 65.15  ? 11  LYS A N   1 
ATOM   45   C  CA  . LYS A 1 12  ? -14.918 -13.362 12.244  1.00 63.57  ? 11  LYS A CA  1 
ATOM   46   C  C   . LYS A 1 12  ? -13.937 -13.584 11.092  1.00 62.43  ? 11  LYS A C   1 
ATOM   47   O  O   . LYS A 1 12  ? -12.789 -13.968 11.324  1.00 61.38  ? 11  LYS A O   1 
ATOM   48   C  CB  . LYS A 1 12  ? -15.916 -14.526 12.322  1.00 62.61  ? 11  LYS A CB  1 
ATOM   49   N  N   . ARG A 1 13  ? -14.419 -13.333 9.870   1.00 61.30  ? 12  ARG A N   1 
ATOM   50   C  CA  . ARG A 1 13  ? -13.647 -13.444 8.621   1.00 60.46  ? 12  ARG A CA  1 
ATOM   51   C  C   . ARG A 1 13  ? -12.406 -12.557 8.605   1.00 59.58  ? 12  ARG A C   1 
ATOM   52   O  O   . ARG A 1 13  ? -11.350 -12.998 8.156   1.00 60.44  ? 12  ARG A O   1 
ATOM   53   C  CB  . ARG A 1 13  ? -14.537 -13.108 7.416   1.00 60.08  ? 12  ARG A CB  1 
ATOM   54   C  CG  . ARG A 1 13  ? -13.920 -13.387 6.063   1.00 59.97  ? 12  ARG A CG  1 
ATOM   55   C  CD  . ARG A 1 13  ? -14.976 -13.372 4.958   1.00 59.81  ? 12  ARG A CD  1 
ATOM   56   N  NE  . ARG A 1 13  ? -14.412 -13.676 3.638   1.00 53.66  ? 12  ARG A NE  1 
ATOM   57   C  CZ  . ARG A 1 13  ? -13.694 -12.833 2.897   1.00 57.76  ? 12  ARG A CZ  1 
ATOM   58   N  NH1 . ARG A 1 13  ? -13.440 -11.582 3.293   1.00 61.84  ? 12  ARG A NH1 1 
ATOM   59   N  NH2 . ARG A 1 13  ? -13.227 -13.247 1.725   1.00 59.11  ? 12  ARG A NH2 1 
ATOM   60   N  N   . THR A 1 14  ? -12.536 -11.326 9.101   1.00 59.03  ? 13  THR A N   1 
ATOM   61   C  CA  . THR A 1 14  ? -11.403 -10.387 9.171   1.00 58.86  ? 13  THR A CA  1 
ATOM   62   C  C   . THR A 1 14  ? -10.422 -10.740 10.323  1.00 57.55  ? 13  THR A C   1 
ATOM   63   O  O   . THR A 1 14  ? -9.244  -10.385 10.251  1.00 60.40  ? 13  THR A O   1 
ATOM   64   C  CB  . THR A 1 14  ? -11.850 -8.879  9.239   1.00 59.37  ? 13  THR A CB  1 
ATOM   65   O  OG1 . THR A 1 14  ? -12.333 -8.552  10.543  1.00 60.09  ? 13  THR A OG1 1 
ATOM   66   C  CG2 . THR A 1 14  ? -12.916 -8.554  8.174   1.00 56.55  ? 13  THR A CG2 1 
ATOM   67   N  N   . GLU A 1 15  ? -10.906 -11.396 11.384  1.00 55.99  ? 14  GLU A N   1 
ATOM   68   C  CA  . GLU A 1 15  ? -10.033 -11.884 12.476  1.00 54.29  ? 14  GLU A CA  1 
ATOM   69   C  C   . GLU A 1 15  ? -9.092  -12.968 11.913  1.00 51.81  ? 14  GLU A C   1 
ATOM   70   O  O   . GLU A 1 15  ? -7.894  -12.987 12.248  1.00 50.63  ? 14  GLU A O   1 
ATOM   71   C  CB  . GLU A 1 15  ? -10.849 -12.441 13.662  1.00 52.99  ? 14  GLU A CB  1 
ATOM   72   N  N   . LEU A 1 16  ? -9.653  -13.844 11.061  1.00 48.20  ? 15  LEU A N   1 
ATOM   73   C  CA  . LEU A 1 16  ? -8.896  -14.918 10.388  1.00 46.74  ? 15  LEU A CA  1 
ATOM   74   C  C   . LEU A 1 16  ? -7.961  -14.360 9.330   1.00 44.11  ? 15  LEU A C   1 
ATOM   75   O  O   . LEU A 1 16  ? -6.808  -14.796 9.255   1.00 43.69  ? 15  LEU A O   1 
ATOM   76   C  CB  . LEU A 1 16  ? -9.811  -15.966 9.737   1.00 46.11  ? 15  LEU A CB  1 
ATOM   77   C  CG  . LEU A 1 16  ? -10.588 -16.906 10.653  1.00 50.62  ? 15  LEU A CG  1 
ATOM   78   C  CD1 . LEU A 1 16  ? -11.423 -17.821 9.788   1.00 52.35  ? 15  LEU A CD1 1 
ATOM   79   C  CD2 . LEU A 1 16  ? -9.671  -17.732 11.569  1.00 51.15  ? 15  LEU A CD2 1 
ATOM   80   N  N   . ALA A 1 17  ? -8.472  -13.428 8.514   1.00 42.04  ? 16  ALA A N   1 
ATOM   81   C  CA  . ALA A 1 17  ? -7.669  -12.735 7.474   1.00 43.14  ? 16  ALA A CA  1 
ATOM   82   C  C   . ALA A 1 17  ? -6.406  -12.114 8.059   1.00 42.88  ? 16  ALA A C   1 
ATOM   83   O  O   . ALA A 1 17  ? -5.335  -12.239 7.473   1.00 45.69  ? 16  ALA A O   1 
ATOM   84   C  CB  . ALA A 1 17  ? -8.505  -11.667 6.763   1.00 43.34  ? 16  ALA A CB  1 
ATOM   85   N  N   . ASN A 1 18  ? -6.552  -11.463 9.216   1.00 44.78  ? 17  ASN A N   1 
ATOM   86   C  CA  . ASN A 1 18  ? -5.436  -10.888 9.996   1.00 47.25  ? 17  ASN A CA  1 
ATOM   87   C  C   . ASN A 1 18  ? -4.390  -11.938 10.396  1.00 44.79  ? 17  ASN A C   1 
ATOM   88   O  O   . ASN A 1 18  ? -3.185  -11.687 10.337  1.00 45.18  ? 17  ASN A O   1 
ATOM   89   C  CB  . ASN A 1 18  ? -5.981  -10.215 11.280  1.00 49.74  ? 17  ASN A CB  1 
ATOM   90   C  CG  . ASN A 1 18  ? -4.876  -9.594  12.162  1.00 57.03  ? 17  ASN A CG  1 
ATOM   91   O  OD1 . ASN A 1 18  ? -4.819  -9.854  13.374  1.00 67.79  ? 17  ASN A OD1 1 
ATOM   92   N  ND2 . ASN A 1 18  ? -3.985  -8.807  11.549  1.00 64.87  ? 17  ASN A ND2 1 
ATOM   93   N  N   . LYS A 1 19  ? -4.868  -13.095 10.843  1.00 44.63  ? 18  LYS A N   1 
ATOM   94   C  CA  . LYS A 1 19  ? -3.987  -14.201 11.221  1.00 43.08  ? 18  LYS A CA  1 
ATOM   95   C  C   . LYS A 1 19  ? -3.329  -14.832 9.989   1.00 40.66  ? 18  LYS A C   1 
ATOM   96   O  O   . LYS A 1 19  ? -2.175  -15.238 10.061  1.00 38.69  ? 18  LYS A O   1 
ATOM   97   C  CB  . LYS A 1 19  ? -4.730  -15.252 12.046  1.00 43.71  ? 18  LYS A CB  1 
ATOM   98   C  CG  . LYS A 1 19  ? -5.030  -14.851 13.505  1.00 49.89  ? 18  LYS A CG  1 
ATOM   99   C  CD  . LYS A 1 19  ? -5.518  -16.076 14.320  1.00 53.37  ? 18  LYS A CD  1 
ATOM   100  C  CE  . LYS A 1 19  ? -5.394  -15.915 15.845  1.00 59.57  ? 18  LYS A CE  1 
ATOM   101  N  NZ  . LYS A 1 19  ? -6.387  -14.988 16.450  1.00 65.32  ? 18  LYS A NZ  1 
ATOM   102  N  N   . ILE A 1 20  ? -4.074  -14.924 8.882   1.00 40.55  ? 19  ILE A N   1 
ATOM   103  C  CA  . ILE A 1 20  ? -3.557  -15.453 7.593   1.00 39.89  ? 19  ILE A CA  1 
ATOM   104  C  C   . ILE A 1 20  ? -2.472  -14.538 7.047   1.00 40.08  ? 19  ILE A C   1 
ATOM   105  O  O   . ILE A 1 20  ? -1.456  -15.019 6.550   1.00 41.00  ? 19  ILE A O   1 
ATOM   106  C  CB  . ILE A 1 20  ? -4.703  -15.701 6.561   1.00 39.43  ? 19  ILE A CB  1 
ATOM   107  C  CG1 . ILE A 1 20  ? -5.549  -16.899 7.013   1.00 39.91  ? 19  ILE A CG1 1 
ATOM   108  C  CG2 . ILE A 1 20  ? -4.152  -15.949 5.135   1.00 33.04  ? 19  ILE A CG2 1 
ATOM   109  C  CD1 . ILE A 1 20  ? -6.863  -17.025 6.315   1.00 39.33  ? 19  ILE A CD1 1 
ATOM   110  N  N   . TRP A 1 21  ? -2.686  -13.229 7.146   1.00 41.85  ? 20  TRP A N   1 
ATOM   111  C  CA  . TRP A 1 21  ? -1.665  -12.251 6.764   1.00 45.56  ? 20  TRP A CA  1 
ATOM   112  C  C   . TRP A 1 21  ? -0.329  -12.612 7.419   1.00 46.84  ? 20  TRP A C   1 
ATOM   113  O  O   . TRP A 1 21  ? 0.665   -12.807 6.717   1.00 46.16  ? 20  TRP A O   1 
ATOM   114  C  CB  . TRP A 1 21  ? -2.080  -10.808 7.139   1.00 47.80  ? 20  TRP A CB  1 
ATOM   115  C  CG  . TRP A 1 21  ? -0.935  -9.819  7.067   1.00 49.26  ? 20  TRP A CG  1 
ATOM   116  C  CD1 . TRP A 1 21  ? -0.101  -9.470  8.082   1.00 52.13  ? 20  TRP A CD1 1 
ATOM   117  C  CD2 . TRP A 1 21  ? -0.484  -9.116  5.921   1.00 47.51  ? 20  TRP A CD2 1 
ATOM   118  N  NE1 . TRP A 1 21  ? 0.836   -8.581  7.652   1.00 52.08  ? 20  TRP A NE1 1 
ATOM   119  C  CE2 . TRP A 1 21  ? 0.628   -8.336  6.324   1.00 54.69  ? 20  TRP A CE2 1 
ATOM   120  C  CE3 . TRP A 1 21  ? -0.912  -9.054  4.587   1.00 49.70  ? 20  TRP A CE3 1 
ATOM   121  C  CZ2 . TRP A 1 21  ? 1.334   -7.497  5.433   1.00 51.63  ? 20  TRP A CZ2 1 
ATOM   122  C  CZ3 . TRP A 1 21  ? -0.216  -8.215  3.697   1.00 50.42  ? 20  TRP A CZ3 1 
ATOM   123  C  CH2 . TRP A 1 21  ? 0.892   -7.444  4.134   1.00 51.41  ? 20  TRP A CH2 1 
ATOM   124  N  N   . ASP A 1 22  ? -0.340  -12.744 8.750   1.00 48.04  ? 21  ASP A N   1 
ATOM   125  C  CA  . ASP A 1 22  ? 0.873   -13.065 9.530   1.00 49.00  ? 21  ASP A CA  1 
ATOM   126  C  C   . ASP A 1 22  ? 1.518   -14.368 9.052   1.00 50.00  ? 21  ASP A C   1 
ATOM   127  O  O   . ASP A 1 22  ? 2.738   -14.446 8.962   1.00 51.18  ? 21  ASP A O   1 
ATOM   128  C  CB  . ASP A 1 22  ? 0.580   -13.142 11.045  1.00 49.83  ? 21  ASP A CB  1 
ATOM   129  C  CG  . ASP A 1 22  ? 0.125   -11.799 11.657  1.00 52.15  ? 21  ASP A CG  1 
ATOM   130  O  OD1 . ASP A 1 22  ? 0.532   -10.713 11.177  1.00 48.84  ? 21  ASP A OD1 1 
ATOM   131  O  OD2 . ASP A 1 22  ? -0.627  -11.839 12.661  1.00 53.10  ? 21  ASP A OD2 1 
ATOM   132  N  N   . ILE A 1 23  ? 0.690   -15.361 8.711   1.00 50.84  ? 22  ILE A N   1 
ATOM   133  C  CA  . ILE A 1 23  ? 1.169   -16.651 8.196   1.00 51.35  ? 22  ILE A CA  1 
ATOM   134  C  C   . ILE A 1 23  ? 1.824   -16.485 6.813   1.00 51.32  ? 22  ILE A C   1 
ATOM   135  O  O   . ILE A 1 23  ? 2.877   -17.055 6.579   1.00 51.80  ? 22  ILE A O   1 
ATOM   136  C  CB  . ILE A 1 23  ? 0.039   -17.742 8.147   1.00 51.29  ? 22  ILE A CB  1 
ATOM   137  C  CG1 . ILE A 1 23  ? -0.472  -18.069 9.558   1.00 53.38  ? 22  ILE A CG1 1 
ATOM   138  C  CG2 . ILE A 1 23  ? 0.536   -19.044 7.501   1.00 45.17  ? 22  ILE A CG2 1 
ATOM   139  C  CD1 . ILE A 1 23  ? -1.734  -18.938 9.608   1.00 48.61  ? 22  ILE A CD1 1 
ATOM   140  N  N   . PHE A 1 24  ? 1.200   -15.731 5.911   1.00 51.73  ? 23  PHE A N   1 
ATOM   141  C  CA  . PHE A 1 24  ? 1.775   -15.510 4.575   1.00 53.63  ? 23  PHE A CA  1 
ATOM   142  C  C   . PHE A 1 24  ? 3.089   -14.695 4.601   1.00 56.65  ? 23  PHE A C   1 
ATOM   143  O  O   . PHE A 1 24  ? 4.012   -14.987 3.829   1.00 57.28  ? 23  PHE A O   1 
ATOM   144  C  CB  . PHE A 1 24  ? 0.790   -14.826 3.607   1.00 52.31  ? 23  PHE A CB  1 
ATOM   145  C  CG  . PHE A 1 24  ? -0.283  -15.726 3.040   1.00 47.97  ? 23  PHE A CG  1 
ATOM   146  C  CD1 . PHE A 1 24  ? 0.011   -16.987 2.528   1.00 52.05  ? 23  PHE A CD1 1 
ATOM   147  C  CD2 . PHE A 1 24  ? -1.579  -15.247 2.890   1.00 46.37  ? 23  PHE A CD2 1 
ATOM   148  C  CE1 . PHE A 1 24  ? -0.984  -17.784 1.957   1.00 51.92  ? 23  PHE A CE1 1 
ATOM   149  C  CE2 . PHE A 1 24  ? -2.581  -16.029 2.301   1.00 44.71  ? 23  PHE A CE2 1 
ATOM   150  C  CZ  . PHE A 1 24  ? -2.282  -17.299 1.839   1.00 51.88  ? 23  PHE A CZ  1 
ATOM   151  N  N   . ILE A 1 25  ? 3.157   -13.684 5.470   1.00 59.07  ? 24  ILE A N   1 
ATOM   152  C  CA  . ILE A 1 25  ? 4.355   -12.832 5.606   1.00 60.22  ? 24  ILE A CA  1 
ATOM   153  C  C   . ILE A 1 25  ? 5.496   -13.627 6.226   1.00 61.32  ? 24  ILE A C   1 
ATOM   154  O  O   . ILE A 1 25  ? 6.580   -13.708 5.637   1.00 62.00  ? 24  ILE A O   1 
ATOM   155  C  CB  . ILE A 1 25  ? 4.067   -11.539 6.444   1.00 59.29  ? 24  ILE A CB  1 
ATOM   156  C  CG1 . ILE A 1 25  ? 3.097   -10.612 5.705   1.00 56.43  ? 24  ILE A CG1 1 
ATOM   157  C  CG2 . ILE A 1 25  ? 5.348   -10.756 6.763   1.00 60.12  ? 24  ILE A CG2 1 
ATOM   158  C  CD1 . ILE A 1 25  ? 3.545   -10.160 4.333   1.00 54.11  ? 24  ILE A CD1 1 
ATOM   159  N  N   . ALA A 1 26  ? 5.229   -14.219 7.389   1.00 62.43  ? 25  ALA A N   1 
ATOM   160  C  CA  . ALA A 1 26  ? 6.229   -14.999 8.124   1.00 62.95  ? 25  ALA A CA  1 
ATOM   161  C  C   . ALA A 1 26  ? 6.751   -16.242 7.395   1.00 63.53  ? 25  ALA A C   1 
ATOM   162  O  O   . ALA A 1 26  ? 7.909   -16.605 7.585   1.00 65.70  ? 25  ALA A O   1 
ATOM   163  C  CB  . ALA A 1 26  ? 5.697   -15.394 9.513   1.00 62.53  ? 25  ALA A CB  1 
ATOM   164  N  N   . ASN A 1 27  ? 5.923   -16.850 6.544   1.00 64.24  ? 26  ASN A N   1 
ATOM   165  C  CA  . ASN A 1 27  ? 6.233   -18.130 5.864   1.00 64.44  ? 26  ASN A CA  1 
ATOM   166  C  C   . ASN A 1 27  ? 6.362   -18.075 4.323   1.00 62.93  ? 26  ASN A C   1 
ATOM   167  O  O   . ASN A 1 27  ? 6.850   -19.040 3.722   1.00 61.53  ? 26  ASN A O   1 
ATOM   168  C  CB  . ASN A 1 27  ? 5.120   -19.148 6.253   1.00 64.28  ? 26  ASN A CB  1 
ATOM   169  C  CG  . ASN A 1 27  ? 5.598   -20.594 6.277   1.00 67.96  ? 26  ASN A CG  1 
ATOM   170  O  OD1 . ASN A 1 27  ? 5.205   -21.406 5.432   1.00 72.20  ? 26  ASN A OD1 1 
ATOM   171  N  ND2 . ASN A 1 27  ? 6.447   -20.926 7.258   1.00 64.90  ? 26  ASN A ND2 1 
ATOM   172  N  N   . GLY A 1 28  ? 5.923   -16.975 3.692   1.00 61.73  ? 27  GLY A N   1 
ATOM   173  C  CA  . GLY A 1 28  ? 5.908   -16.844 2.225   1.00 60.93  ? 27  GLY A CA  1 
ATOM   174  C  C   . GLY A 1 28  ? 4.599   -17.365 1.658   1.00 60.79  ? 27  GLY A C   1 
ATOM   175  O  O   . GLY A 1 28  ? 4.049   -18.329 2.174   1.00 61.52  ? 27  GLY A O   1 
ATOM   176  N  N   . TYR A 1 29  ? 4.104   -16.741 0.589   1.00 60.90  ? 28  TYR A N   1 
ATOM   177  C  CA  . TYR A 1 29  ? 2.825   -17.131 -0.038  1.00 59.97  ? 28  TYR A CA  1 
ATOM   178  C  C   . TYR A 1 29  ? 2.879   -18.485 -0.759  1.00 62.23  ? 28  TYR A C   1 
ATOM   179  O  O   . TYR A 1 29  ? 2.037   -19.351 -0.495  1.00 63.27  ? 28  TYR A O   1 
ATOM   180  C  CB  . TYR A 1 29  ? 2.320   -16.032 -0.989  1.00 58.91  ? 28  TYR A CB  1 
ATOM   181  C  CG  . TYR A 1 29  ? 1.042   -16.363 -1.718  1.00 54.39  ? 28  TYR A CG  1 
ATOM   182  C  CD1 . TYR A 1 29  ? -0.199  -16.282 -1.070  1.00 60.80  ? 28  TYR A CD1 1 
ATOM   183  C  CD2 . TYR A 1 29  ? 1.056   -16.752 -3.054  1.00 52.00  ? 28  TYR A CD2 1 
ATOM   184  C  CE1 . TYR A 1 29  ? -1.411  -16.579 -1.754  1.00 58.69  ? 28  TYR A CE1 1 
ATOM   185  C  CE2 . TYR A 1 29  ? -0.145  -17.073 -3.743  1.00 56.86  ? 28  TYR A CE2 1 
ATOM   186  C  CZ  . TYR A 1 29  ? -1.373  -16.972 -3.087  1.00 57.48  ? 28  TYR A CZ  1 
ATOM   187  O  OH  . TYR A 1 29  ? -2.535  -17.285 -3.749  1.00 52.99  ? 28  TYR A OH  1 
ATOM   188  N  N   . GLU A 1 30  ? 3.859   -18.648 -1.652  1.00 63.30  ? 29  GLU A N   1 
ATOM   189  C  CA  . GLU A 1 30  ? 4.051   -19.868 -2.470  1.00 65.56  ? 29  GLU A CA  1 
ATOM   190  C  C   . GLU A 1 30  ? 4.052   -21.149 -1.639  1.00 64.21  ? 29  GLU A C   1 
ATOM   191  O  O   . GLU A 1 30  ? 3.302   -22.080 -1.919  1.00 63.03  ? 29  GLU A O   1 
ATOM   192  C  CB  . GLU A 1 30  ? 5.392   -19.789 -3.229  1.00 67.84  ? 29  GLU A CB  1 
ATOM   193  C  CG  . GLU A 1 30  ? 5.703   -20.965 -4.218  1.00 78.02  ? 29  GLU A CG  1 
ATOM   194  C  CD  . GLU A 1 30  ? 7.159   -20.970 -4.710  1.00 88.89  ? 29  GLU A CD  1 
ATOM   195  O  OE1 . GLU A 1 30  ? 8.087   -20.790 -3.882  1.00 91.15  ? 29  GLU A OE1 1 
ATOM   196  O  OE2 . GLU A 1 30  ? 7.379   -21.195 -5.923  1.00 97.67  ? 29  GLU A OE2 1 
ATOM   197  N  N   . ASN A 1 31  ? 4.903   -21.155 -0.614  1.00 65.35  ? 30  ASN A N   1 
ATOM   198  C  CA  . ASN A 1 31  ? 5.125   -22.326 0.250   1.00 67.08  ? 30  ASN A CA  1 
ATOM   199  C  C   . ASN A 1 31  ? 4.081   -22.569 1.346   1.00 64.98  ? 30  ASN A C   1 
ATOM   200  O  O   . ASN A 1 31  ? 4.137   -23.614 2.018   1.00 65.60  ? 30  ASN A O   1 
ATOM   201  C  CB  . ASN A 1 31  ? 6.555   -22.278 0.839   1.00 68.49  ? 30  ASN A CB  1 
ATOM   202  C  CG  . ASN A 1 31  ? 7.640   -22.388 -0.250  1.00 75.36  ? 30  ASN A CG  1 
ATOM   203  O  OD1 . ASN A 1 31  ? 7.618   -23.311 -1.079  1.00 79.51  ? 30  ASN A OD1 1 
ATOM   204  N  ND2 . ASN A 1 31  ? 8.599   -21.454 -0.240  1.00 79.27  ? 30  ASN A ND2 1 
ATOM   205  N  N   . THR A 1 32  ? 3.144   -21.627 1.523   1.00 62.22  ? 31  THR A N   1 
ATOM   206  C  CA  . THR A 1 32  ? 2.065   -21.767 2.497   1.00 59.62  ? 31  THR A CA  1 
ATOM   207  C  C   . THR A 1 32  ? 0.953   -22.579 1.836   1.00 56.58  ? 31  THR A C   1 
ATOM   208  O  O   . THR A 1 32  ? 0.407   -22.174 0.820   1.00 53.49  ? 31  THR A O   1 
ATOM   209  C  CB  . THR A 1 32  ? 1.554   -20.410 2.997   1.00 60.43  ? 31  THR A CB  1 
ATOM   210  O  OG1 . THR A 1 32  ? 2.631   -19.721 3.640   1.00 61.81  ? 31  THR A OG1 1 
ATOM   211  C  CG2 . THR A 1 32  ? 0.429   -20.589 4.015   1.00 59.68  ? 31  THR A CG2 1 
ATOM   212  N  N   . THR A 1 33  ? 0.684   -23.756 2.399   1.00 55.06  ? 32  THR A N   1 
ATOM   213  C  CA  . THR A 1 33  ? -0.366  -24.655 1.929   1.00 54.09  ? 32  THR A CA  1 
ATOM   214  C  C   . THR A 1 33  ? -1.597  -24.413 2.788   1.00 52.99  ? 32  THR A C   1 
ATOM   215  O  O   . THR A 1 33  ? -1.478  -23.963 3.939   1.00 50.29  ? 32  THR A O   1 
ATOM   216  C  CB  . THR A 1 33  ? 0.071   -26.138 2.070   1.00 55.07  ? 32  THR A CB  1 
ATOM   217  O  OG1 . THR A 1 33  ? 0.268   -26.456 3.454   1.00 49.65  ? 32  THR A OG1 1 
ATOM   218  C  CG2 . THR A 1 33  ? 1.386   -26.399 1.302   1.00 52.88  ? 32  THR A CG2 1 
ATOM   219  N  N   . LEU A 1 34  ? -2.772  -24.736 2.252   1.00 53.06  ? 33  LEU A N   1 
ATOM   220  C  CA  . LEU A 1 34  ? -4.034  -24.621 3.015   1.00 51.67  ? 33  LEU A CA  1 
ATOM   221  C  C   . LEU A 1 34  ? -3.962  -25.504 4.303   1.00 49.14  ? 33  LEU A C   1 
ATOM   222  O  O   . LEU A 1 34  ? -4.464  -25.093 5.349   1.00 46.33  ? 33  LEU A O   1 
ATOM   223  C  CB  . LEU A 1 34  ? -5.290  -24.836 2.107   1.00 52.82  ? 33  LEU A CB  1 
ATOM   224  C  CG  . LEU A 1 34  ? -5.542  -23.759 0.973   1.00 57.99  ? 33  LEU A CG  1 
ATOM   225  C  CD1 . LEU A 1 34  ? -6.396  -24.266 -0.208  1.00 57.26  ? 33  LEU A CD1 1 
ATOM   226  C  CD2 . LEU A 1 34  ? -6.141  -22.402 1.438   1.00 47.63  ? 33  LEU A CD2 1 
ATOM   227  N  N   . ALA A 1 35  ? -3.268  -26.654 4.243   1.00 47.10  ? 34  ALA A N   1 
ATOM   228  C  CA  . ALA A 1 35  ? -3.029  -27.499 5.433   1.00 45.85  ? 34  ALA A CA  1 
ATOM   229  C  C   . ALA A 1 35  ? -2.149  -26.812 6.498   1.00 46.06  ? 34  ALA A C   1 
ATOM   230  O  O   . ALA A 1 35  ? -2.395  -26.958 7.700   1.00 46.67  ? 34  ALA A O   1 
ATOM   231  C  CB  . ALA A 1 35  ? -2.415  -28.838 5.051   1.00 46.57  ? 34  ALA A CB  1 
ATOM   232  N  N   . PHE A 1 36  ? -1.113  -26.089 6.058   1.00 44.49  ? 35  PHE A N   1 
ATOM   233  C  CA  . PHE A 1 36  ? -0.248  -25.331 6.971   1.00 42.92  ? 35  PHE A CA  1 
ATOM   234  C  C   . PHE A 1 36  ? -1.055  -24.238 7.692   1.00 40.25  ? 35  PHE A C   1 
ATOM   235  O  O   . PHE A 1 36  ? -0.918  -24.063 8.908   1.00 37.56  ? 35  PHE A O   1 
ATOM   236  C  CB  . PHE A 1 36  ? 0.940   -24.691 6.222   1.00 44.09  ? 35  PHE A CB  1 
ATOM   237  C  CG  . PHE A 1 36  ? 1.926   -24.007 7.135   1.00 47.62  ? 35  PHE A CG  1 
ATOM   238  C  CD1 . PHE A 1 36  ? 2.949   -24.735 7.743   1.00 49.65  ? 35  PHE A CD1 1 
ATOM   239  C  CD2 . PHE A 1 36  ? 1.816   -22.635 7.411   1.00 53.52  ? 35  PHE A CD2 1 
ATOM   240  C  CE1 . PHE A 1 36  ? 3.853   -24.119 8.618   1.00 48.72  ? 35  PHE A CE1 1 
ATOM   241  C  CE2 . PHE A 1 36  ? 2.718   -22.002 8.289   1.00 53.66  ? 35  PHE A CE2 1 
ATOM   242  C  CZ  . PHE A 1 36  ? 3.738   -22.747 8.891   1.00 49.58  ? 35  PHE A CZ  1 
ATOM   243  N  N   . ILE A 1 37  ? -1.873  -23.515 6.917   1.00 39.16  ? 36  ILE A N   1 
ATOM   244  C  CA  . ILE A 1 37  ? -2.752  -22.433 7.413   1.00 39.16  ? 36  ILE A CA  1 
ATOM   245  C  C   . ILE A 1 37  ? -3.701  -22.909 8.527   1.00 38.28  ? 36  ILE A C   1 
ATOM   246  O  O   . ILE A 1 37  ? -3.726  -22.334 9.623   1.00 38.22  ? 36  ILE A O   1 
ATOM   247  C  CB  . ILE A 1 37  ? -3.595  -21.797 6.242   1.00 39.08  ? 36  ILE A CB  1 
ATOM   248  C  CG1 . ILE A 1 37  ? -2.692  -21.011 5.271   1.00 41.34  ? 36  ILE A CG1 1 
ATOM   249  C  CG2 . ILE A 1 37  ? -4.690  -20.855 6.783   1.00 43.68  ? 36  ILE A CG2 1 
ATOM   250  C  CD1 . ILE A 1 37  ? -3.396  -20.476 4.008   1.00 36.22  ? 36  ILE A CD1 1 
ATOM   251  N  N   . ILE A 1 38  ? -4.433  -23.985 8.254   1.00 37.84  ? 37  ILE A N   1 
ATOM   252  C  CA  . ILE A 1 38  ? -5.433  -24.489 9.199   1.00 37.07  ? 37  ILE A CA  1 
ATOM   253  C  C   . ILE A 1 38  ? -4.787  -25.073 10.483  1.00 40.16  ? 37  ILE A C   1 
ATOM   254  O  O   . ILE A 1 38  ? -5.360  -24.956 11.578  1.00 41.67  ? 37  ILE A O   1 
ATOM   255  C  CB  . ILE A 1 38  ? -6.481  -25.464 8.515   1.00 38.10  ? 37  ILE A CB  1 
ATOM   256  C  CG1 . ILE A 1 38  ? -5.885  -26.807 8.101   1.00 34.00  ? 37  ILE A CG1 1 
ATOM   257  C  CG2 . ILE A 1 38  ? -7.196  -24.795 7.323   1.00 31.80  ? 37  ILE A CG2 1 
ATOM   258  C  CD1 . ILE A 1 38  ? -6.941  -27.877 7.925   1.00 30.55  ? 37  ILE A CD1 1 
ATOM   259  N  N   . ASN A 1 39  ? -3.628  -25.721 10.325  1.00 41.16  ? 38  ASN A N   1 
ATOM   260  C  CA  A ASN A 1 39  ? -2.821  -26.279 11.435  0.50 41.37  ? 38  ASN A CA  1 
ATOM   261  C  CA  B ASN A 1 39  ? -2.918  -26.283 11.473  0.50 41.82  ? 38  ASN A CA  1 
ATOM   262  C  C   . ASN A 1 39  ? -2.302  -25.160 12.326  1.00 41.44  ? 38  ASN A C   1 
ATOM   263  O  O   . ASN A 1 39  ? -2.324  -25.251 13.550  1.00 42.39  ? 38  ASN A O   1 
ATOM   264  C  CB  A ASN A 1 39  ? -1.615  -27.073 10.892  0.50 41.05  ? 38  ASN A CB  1 
ATOM   265  C  CB  B ASN A 1 39  ? -1.930  -27.373 11.031  0.50 41.98  ? 38  ASN A CB  1 
ATOM   266  C  CG  A ASN A 1 39  ? -0.662  -27.564 11.996  0.50 41.08  ? 38  ASN A CG  1 
ATOM   267  C  CG  B ASN A 1 39  ? -2.650  -28.616 10.455  0.50 43.54  ? 38  ASN A CG  1 
ATOM   268  O  OD1 A ASN A 1 39  ? 0.458   -27.064 12.120  0.50 44.94  ? 38  ASN A OD1 1 
ATOM   269  O  OD1 B ASN A 1 39  ? -3.623  -29.120 11.037  0.50 45.05  ? 38  ASN A OD1 1 
ATOM   270  N  ND2 A ASN A 1 39  ? -1.113  -28.506 12.807  0.50 26.28  ? 38  ASN A ND2 1 
ATOM   271  N  ND2 B ASN A 1 39  ? -2.166  -29.112 9.324   0.50 39.94  ? 38  ASN A ND2 1 
ATOM   272  N  N   . LYS A 1 40  ? -1.803  -24.104 11.689  1.00 42.21  ? 39  LYS A N   1 
ATOM   273  C  CA  . LYS A 1 40  ? -1.272  -22.950 12.412  1.00 43.23  ? 39  LYS A CA  1 
ATOM   274  C  C   . LYS A 1 40  ? -2.419  -22.193 13.108  1.00 42.08  ? 39  LYS A C   1 
ATOM   275  O  O   . LYS A 1 40  ? -2.269  -21.761 14.252  1.00 42.21  ? 39  LYS A O   1 
ATOM   276  C  CB  . LYS A 1 40  ? -0.488  -22.035 11.464  1.00 44.19  ? 39  LYS A CB  1 
ATOM   277  C  CG  . LYS A 1 40  ? 0.303   -20.899 12.134  1.00 52.83  ? 39  LYS A CG  1 
ATOM   278  C  CD  . LYS A 1 40  ? 1.493   -21.361 12.992  1.00 58.42  ? 39  LYS A CD  1 
ATOM   279  C  CE  . LYS A 1 40  ? 2.292   -20.130 13.497  1.00 65.17  ? 39  LYS A CE  1 
ATOM   280  N  NZ  . LYS A 1 40  ? 3.607   -20.467 14.145  1.00 64.73  ? 39  LYS A NZ  1 
ATOM   281  N  N   . LEU A 1 41  ? -3.557  -22.056 12.422  1.00 40.23  ? 40  LEU A N   1 
ATOM   282  C  CA  . LEU A 1 41  ? -4.749  -21.391 12.985  1.00 37.83  ? 40  LEU A CA  1 
ATOM   283  C  C   . LEU A 1 41  ? -5.504  -22.204 14.044  1.00 36.98  ? 40  LEU A C   1 
ATOM   284  O  O   . LEU A 1 41  ? -6.260  -21.634 14.828  1.00 37.82  ? 40  LEU A O   1 
ATOM   285  C  CB  . LEU A 1 41  ? -5.725  -20.999 11.857  1.00 37.96  ? 40  LEU A CB  1 
ATOM   286  C  CG  . LEU A 1 41  ? -5.327  -19.855 10.921  1.00 40.11  ? 40  LEU A CG  1 
ATOM   287  C  CD1 . LEU A 1 41  ? -6.222  -19.815 9.666   1.00 35.27  ? 40  LEU A CD1 1 
ATOM   288  C  CD2 . LEU A 1 41  ? -5.388  -18.541 11.667  1.00 38.66  ? 40  LEU A CD2 1 
ATOM   289  N  N   . GLY A 1 42  ? -5.293  -23.517 14.071  1.00 34.04  ? 41  GLY A N   1 
ATOM   290  C  CA  . GLY A 1 42  ? -6.019  -24.397 14.947  1.00 35.56  ? 41  GLY A CA  1 
ATOM   291  C  C   . GLY A 1 42  ? -7.451  -24.659 14.490  1.00 35.05  ? 41  GLY A C   1 
ATOM   292  O  O   . GLY A 1 42  ? -8.300  -24.965 15.318  1.00 35.04  ? 41  GLY A O   1 
ATOM   293  N  N   . ILE A 1 43  ? -7.714  -24.554 13.182  1.00 34.46  ? 42  ILE A N   1 
ATOM   294  C  CA  . ILE A 1 43  ? -9.040  -24.783 12.631  1.00 33.44  ? 42  ILE A CA  1 
ATOM   295  C  C   . ILE A 1 43  ? -9.046  -25.946 11.624  1.00 33.08  ? 42  ILE A C   1 
ATOM   296  O  O   . ILE A 1 43  ? -7.998  -26.400 11.161  1.00 32.59  ? 42  ILE A O   1 
ATOM   297  C  CB  . ILE A 1 43  ? -9.661  -23.499 12.007  1.00 33.58  ? 42  ILE A CB  1 
ATOM   298  C  CG1 . ILE A 1 43  ? -8.962  -23.078 10.721  1.00 31.13  ? 42  ILE A CG1 1 
ATOM   299  C  CG2 . ILE A 1 43  ? -9.675  -22.347 13.019  1.00 30.89  ? 42  ILE A CG2 1 
ATOM   300  C  CD1 . ILE A 1 43  ? -9.630  -21.918 10.055  1.00 31.60  ? 42  ILE A CD1 1 
ATOM   301  N  N   . SER A 1 44  ? -10.257 -26.397 11.298  1.00 29.81  ? 43  SER A N   1 
ATOM   302  C  CA  . SER A 1 44  ? -10.471 -27.454 10.315  1.00 28.59  ? 43  SER A CA  1 
ATOM   303  C  C   . SER A 1 44  ? -10.500 -26.864 8.917   1.00 28.29  ? 43  SER A C   1 
ATOM   304  O  O   . SER A 1 44  ? -10.569 -25.646 8.740   1.00 26.08  ? 43  SER A O   1 
ATOM   305  C  CB  . SER A 1 44  ? -11.812 -28.149 10.573  1.00 27.69  ? 43  SER A CB  1 
ATOM   306  O  OG  . SER A 1 44  ? -12.912 -27.291 10.289  1.00 23.90  ? 43  SER A OG  1 
ATOM   307  N  N   . LYS A 1 45  ? -10.471 -27.757 7.934   1.00 31.95  ? 44  LYS A N   1 
ATOM   308  C  CA  . LYS A 1 45  ? -10.623 -27.390 6.507   1.00 32.87  ? 44  LYS A CA  1 
ATOM   309  C  C   . LYS A 1 45  ? -12.006 -26.704 6.297   1.00 30.18  ? 44  LYS A C   1 
ATOM   310  O  O   . LYS A 1 45  ? -12.104 -25.671 5.637   1.00 31.30  ? 44  LYS A O   1 
ATOM   311  C  CB  . LYS A 1 45  ? -10.525 -28.656 5.628   1.00 35.46  ? 44  LYS A CB  1 
ATOM   312  C  CG  . LYS A 1 45  ? -10.059 -28.388 4.200   1.00 39.24  ? 44  LYS A CG  1 
ATOM   313  C  CD  . LYS A 1 45  ? -10.550 -29.436 3.173   1.00 40.51  ? 44  LYS A CD  1 
ATOM   314  C  CE  . LYS A 1 45  ? -10.260 -30.860 3.507   1.00 45.02  ? 44  LYS A CE  1 
ATOM   315  N  NZ  . LYS A 1 45  ? -10.864 -31.721 2.456   1.00 50.82  ? 44  LYS A NZ  1 
ATOM   316  N  N   . GLY A 1 46  ? -13.048 -27.298 6.887   1.00 29.12  ? 45  GLY A N   1 
ATOM   317  C  CA  . GLY A 1 46  ? -14.422 -26.791 6.843   1.00 29.47  ? 45  GLY A CA  1 
ATOM   318  C  C   . GLY A 1 46  ? -14.572 -25.393 7.394   1.00 30.55  ? 45  GLY A C   1 
ATOM   319  O  O   . GLY A 1 46  ? -15.253 -24.561 6.786   1.00 28.83  ? 45  GLY A O   1 
ATOM   320  N  N   . ALA A 1 47  ? -13.913 -25.134 8.531   1.00 33.15  ? 46  ALA A N   1 
ATOM   321  C  CA  . ALA A 1 47  ? -13.921 -23.810 9.182   1.00 33.44  ? 46  ALA A CA  1 
ATOM   322  C  C   . ALA A 1 47  ? -13.325 -22.760 8.267   1.00 34.42  ? 46  ALA A C   1 
ATOM   323  O  O   . ALA A 1 47  ? -13.845 -21.649 8.191   1.00 36.17  ? 46  ALA A O   1 
ATOM   324  C  CB  . ALA A 1 47  ? -13.190 -23.843 10.531  1.00 32.96  ? 46  ALA A CB  1 
ATOM   325  N  N   . LEU A 1 48  ? -12.255 -23.120 7.553   1.00 35.42  ? 47  LEU A N   1 
ATOM   326  C  CA  . LEU A 1 48  ? -11.634 -22.232 6.578   1.00 36.20  ? 47  LEU A CA  1 
ATOM   327  C  C   . LEU A 1 48  ? -12.549 -22.041 5.350   1.00 37.25  ? 47  LEU A C   1 
ATOM   328  O  O   . LEU A 1 48  ? -12.821 -20.904 4.976   1.00 36.41  ? 47  LEU A O   1 
ATOM   329  C  CB  . LEU A 1 48  ? -10.240 -22.743 6.146   1.00 35.91  ? 47  LEU A CB  1 
ATOM   330  C  CG  . LEU A 1 48  ? -9.386  -21.821 5.258   1.00 37.40  ? 47  LEU A CG  1 
ATOM   331  C  CD1 . LEU A 1 48  ? -8.985  -20.555 6.015   1.00 32.94  ? 47  LEU A CD1 1 
ATOM   332  C  CD2 . LEU A 1 48  ? -8.152  -22.524 4.735   1.00 36.66  ? 47  LEU A CD2 1 
ATOM   333  N  N   . TYR A 1 49  ? -13.033 -23.145 4.756   1.00 40.84  ? 48  TYR A N   1 
ATOM   334  C  CA  . TYR A 1 49  ? -13.933 -23.089 3.567   1.00 41.80  ? 48  TYR A CA  1 
ATOM   335  C  C   . TYR A 1 49  ? -15.276 -22.395 3.781   1.00 44.60  ? 48  TYR A C   1 
ATOM   336  O  O   . TYR A 1 49  ? -15.962 -22.103 2.807   1.00 46.38  ? 48  TYR A O   1 
ATOM   337  C  CB  . TYR A 1 49  ? -14.143 -24.459 2.898   1.00 42.37  ? 48  TYR A CB  1 
ATOM   338  C  CG  . TYR A 1 49  ? -13.000 -24.867 2.007   1.00 40.93  ? 48  TYR A CG  1 
ATOM   339  C  CD1 . TYR A 1 49  ? -12.731 -24.168 0.821   1.00 43.93  ? 48  TYR A CD1 1 
ATOM   340  C  CD2 . TYR A 1 49  ? -12.197 -25.957 2.315   1.00 49.74  ? 48  TYR A CD2 1 
ATOM   341  C  CE1 . TYR A 1 49  ? -11.683 -24.532 -0.018  1.00 44.42  ? 48  TYR A CE1 1 
ATOM   342  C  CE2 . TYR A 1 49  ? -11.134 -26.323 1.472   1.00 53.72  ? 48  TYR A CE2 1 
ATOM   343  C  CZ  . TYR A 1 49  ? -10.889 -25.605 0.317   1.00 48.18  ? 48  TYR A CZ  1 
ATOM   344  O  OH  . TYR A 1 49  ? -9.842  -25.991 -0.483  1.00 55.42  ? 48  TYR A OH  1 
ATOM   345  N  N   . HIS A 1 50  ? -15.646 -22.165 5.042   1.00 46.50  ? 49  HIS A N   1 
ATOM   346  C  CA  . HIS A 1 50  ? -16.831 -21.401 5.411   1.00 48.73  ? 49  HIS A CA  1 
ATOM   347  C  C   . HIS A 1 50  ? -16.648 -19.915 5.067   1.00 49.06  ? 49  HIS A C   1 
ATOM   348  O  O   . HIS A 1 50  ? -17.625 -19.238 4.716   1.00 50.29  ? 49  HIS A O   1 
ATOM   349  C  CB  . HIS A 1 50  ? -17.123 -21.589 6.909   1.00 50.17  ? 49  HIS A CB  1 
ATOM   350  C  CG  . HIS A 1 50  ? -18.379 -20.919 7.383   1.00 60.93  ? 49  HIS A CG  1 
ATOM   351  N  ND1 . HIS A 1 50  ? -19.632 -21.274 6.924   1.00 66.96  ? 49  HIS A ND1 1 
ATOM   352  C  CD2 . HIS A 1 50  ? -18.576 -19.952 8.311   1.00 63.72  ? 49  HIS A CD2 1 
ATOM   353  C  CE1 . HIS A 1 50  ? -20.539 -20.520 7.517   1.00 69.33  ? 49  HIS A CE1 1 
ATOM   354  N  NE2 . HIS A 1 50  ? -19.926 -19.715 8.368   1.00 67.65  ? 49  HIS A NE2 1 
ATOM   355  N  N   . TYR A 1 51  ? -15.410 -19.419 5.160   1.00 47.16  ? 50  TYR A N   1 
ATOM   356  C  CA  . TYR A 1 51  ? -15.100 -18.013 4.872   1.00 46.60  ? 50  TYR A CA  1 
ATOM   357  C  C   . TYR A 1 51  ? -14.409 -17.761 3.532   1.00 46.22  ? 50  TYR A C   1 
ATOM   358  O  O   . TYR A 1 51  ? -14.553 -16.677 2.999   1.00 48.34  ? 50  TYR A O   1 
ATOM   359  C  CB  . TYR A 1 51  ? -14.251 -17.416 5.994   1.00 46.08  ? 50  TYR A CB  1 
ATOM   360  C  CG  . TYR A 1 51  ? -14.912 -17.488 7.346   1.00 47.79  ? 50  TYR A CG  1 
ATOM   361  C  CD1 . TYR A 1 51  ? -16.025 -16.697 7.637   1.00 54.28  ? 50  TYR A CD1 1 
ATOM   362  C  CD2 . TYR A 1 51  ? -14.435 -18.341 8.342   1.00 51.03  ? 50  TYR A CD2 1 
ATOM   363  C  CE1 . TYR A 1 51  ? -16.661 -16.753 8.890   1.00 53.61  ? 50  TYR A CE1 1 
ATOM   364  C  CE2 . TYR A 1 51  ? -15.054 -18.402 9.605   1.00 54.50  ? 50  TYR A CE2 1 
ATOM   365  C  CZ  . TYR A 1 51  ? -16.168 -17.597 9.875   1.00 57.69  ? 50  TYR A CZ  1 
ATOM   366  O  OH  . TYR A 1 51  ? -16.797 -17.656 11.107  1.00 59.08  ? 50  TYR A OH  1 
ATOM   367  N  N   . PHE A 1 52  ? -13.681 -18.740 2.987   1.00 44.69  ? 51  PHE A N   1 
ATOM   368  C  CA  . PHE A 1 52  ? -12.885 -18.550 1.757   1.00 43.71  ? 51  PHE A CA  1 
ATOM   369  C  C   . PHE A 1 52  ? -13.057 -19.711 0.775   1.00 45.43  ? 51  PHE A C   1 
ATOM   370  O  O   . PHE A 1 52  ? -13.251 -20.831 1.197   1.00 49.14  ? 51  PHE A O   1 
ATOM   371  C  CB  . PHE A 1 52  ? -11.395 -18.394 2.134   1.00 42.85  ? 51  PHE A CB  1 
ATOM   372  C  CG  . PHE A 1 52  ? -11.133 -17.387 3.238   1.00 37.73  ? 51  PHE A CG  1 
ATOM   373  C  CD1 . PHE A 1 52  ? -11.213 -16.022 2.996   1.00 38.93  ? 51  PHE A CD1 1 
ATOM   374  C  CD2 . PHE A 1 52  ? -10.834 -17.809 4.535   1.00 44.06  ? 51  PHE A CD2 1 
ATOM   375  C  CE1 . PHE A 1 52  ? -10.984 -15.085 4.032   1.00 41.33  ? 51  PHE A CE1 1 
ATOM   376  C  CE2 . PHE A 1 52  ? -10.604 -16.885 5.589   1.00 41.71  ? 51  PHE A CE2 1 
ATOM   377  C  CZ  . PHE A 1 52  ? -10.677 -15.520 5.336   1.00 36.61  ? 51  PHE A CZ  1 
ATOM   378  N  N   . SER A 1 53  ? -13.009 -19.443 -0.528  1.00 46.79  ? 52  SER A N   1 
ATOM   379  C  CA  . SER A 1 53  ? -13.122 -20.487 -1.575  1.00 48.90  ? 52  SER A CA  1 
ATOM   380  C  C   . SER A 1 53  ? -11.763 -20.984 -2.068  1.00 48.05  ? 52  SER A C   1 
ATOM   381  O  O   . SER A 1 53  ? -11.671 -22.077 -2.665  1.00 47.99  ? 52  SER A O   1 
ATOM   382  C  CB  . SER A 1 53  ? -13.930 -19.977 -2.790  1.00 51.99  ? 52  SER A CB  1 
ATOM   383  O  OG  . SER A 1 53  ? -15.273 -19.587 -2.455  1.00 59.60  ? 52  SER A OG  1 
ATOM   384  N  N   . SER A 1 54  ? -10.714 -20.191 -1.833  1.00 46.78  ? 53  SER A N   1 
ATOM   385  C  CA  . SER A 1 54  ? -9.379  -20.522 -2.293  1.00 46.47  ? 53  SER A CA  1 
ATOM   386  C  C   . SER A 1 54  ? -8.276  -19.840 -1.508  1.00 44.24  ? 53  SER A C   1 
ATOM   387  O  O   . SER A 1 54  ? -8.525  -18.944 -0.697  1.00 42.15  ? 53  SER A O   1 
ATOM   388  C  CB  . SER A 1 54  ? -9.248  -20.098 -3.772  1.00 49.11  ? 53  SER A CB  1 
ATOM   389  O  OG  . SER A 1 54  ? -9.330  -18.679 -3.929  1.00 48.03  ? 53  SER A OG  1 
ATOM   390  N  N   . LYS A 1 55  ? -7.050  -20.270 -1.811  1.00 43.12  ? 54  LYS A N   1 
ATOM   391  C  CA  . LYS A 1 55  ? -5.837  -19.687 -1.269  1.00 44.41  ? 54  LYS A CA  1 
ATOM   392  C  C   . LYS A 1 55  ? -5.709  -18.212 -1.718  1.00 44.03  ? 54  LYS A C   1 
ATOM   393  O  O   . LYS A 1 55  ? -5.260  -17.367 -0.931  1.00 41.51  ? 54  LYS A O   1 
ATOM   394  C  CB  . LYS A 1 55  ? -4.625  -20.523 -1.703  1.00 45.34  ? 54  LYS A CB  1 
ATOM   395  C  CG  . LYS A 1 55  ? -3.265  -20.074 -1.160  1.00 48.59  ? 54  LYS A CG  1 
ATOM   396  C  CD  . LYS A 1 55  ? -2.174  -21.004 -1.674  1.00 48.19  ? 54  LYS A CD  1 
ATOM   397  C  CE  . LYS A 1 55  ? -0.825  -20.437 -1.452  1.00 48.09  ? 54  LYS A CE  1 
ATOM   398  N  NZ  . LYS A 1 55  ? 0.259   -21.346 -1.943  1.00 50.35  ? 54  LYS A NZ  1 
ATOM   399  N  N   . GLU A 1 56  ? -6.131  -17.921 -2.957  1.00 45.44  ? 55  GLU A N   1 
ATOM   400  C  CA  . GLU A 1 56  ? -6.107  -16.565 -3.507  1.00 46.36  ? 55  GLU A CA  1 
ATOM   401  C  C   . GLU A 1 56  ? -7.019  -15.632 -2.719  1.00 43.86  ? 55  GLU A C   1 
ATOM   402  O  O   . GLU A 1 56  ? -6.632  -14.506 -2.404  1.00 43.27  ? 55  GLU A O   1 
ATOM   403  C  CB  . GLU A 1 56  ? -6.497  -16.525 -4.996  1.00 48.61  ? 55  GLU A CB  1 
ATOM   404  C  CG  . GLU A 1 56  ? -6.403  -15.081 -5.593  1.00 59.10  ? 55  GLU A CG  1 
ATOM   405  C  CD  . GLU A 1 56  ? -6.726  -14.947 -7.073  1.00 68.89  ? 55  GLU A CD  1 
ATOM   406  O  OE1 . GLU A 1 56  ? -7.254  -15.907 -7.698  1.00 74.56  ? 55  GLU A OE1 1 
ATOM   407  O  OE2 . GLU A 1 56  ? -6.451  -13.835 -7.596  1.00 65.89  ? 55  GLU A OE2 1 
ATOM   408  N  N   . GLU A 1 57  ? -8.233  -16.092 -2.438  1.00 43.04  ? 56  GLU A N   1 
ATOM   409  C  CA  . GLU A 1 57  ? -9.190  -15.323 -1.642  1.00 42.30  ? 56  GLU A CA  1 
ATOM   410  C  C   . GLU A 1 57  ? -8.648  -15.066 -0.228  1.00 41.12  ? 56  GLU A C   1 
ATOM   411  O  O   . GLU A 1 57  ? -8.798  -13.962 0.287   1.00 40.54  ? 56  GLU A O   1 
ATOM   412  C  CB  . GLU A 1 57  ? -10.543 -16.025 -1.602  1.00 42.17  ? 56  GLU A CB  1 
ATOM   413  C  CG  . GLU A 1 57  ? -11.678 -15.207 -0.998  1.00 43.83  ? 56  GLU A CG  1 
ATOM   414  C  CD  . GLU A 1 57  ? -13.017 -15.951 -1.020  1.00 48.31  ? 56  GLU A CD  1 
ATOM   415  O  OE1 . GLU A 1 57  ? -13.202 -16.900 -1.814  1.00 56.37  ? 56  GLU A OE1 1 
ATOM   416  O  OE2 . GLU A 1 57  ? -13.904 -15.605 -0.230  1.00 51.40  ? 56  GLU A OE2 1 
ATOM   417  N  N   . CYS A 1 58  ? -8.004  -16.069 0.380   1.00 41.49  ? 57  CYS A N   1 
ATOM   418  C  CA  . CYS A 1 58  ? -7.324  -15.886 1.679   1.00 40.56  ? 57  CYS A CA  1 
ATOM   419  C  C   . CYS A 1 58  ? -6.304  -14.759 1.575   1.00 40.17  ? 57  CYS A C   1 
ATOM   420  O  O   . CYS A 1 58  ? -6.311  -13.892 2.433   1.00 41.74  ? 57  CYS A O   1 
ATOM   421  C  CB  . CYS A 1 58  ? -6.617  -17.149 2.184   1.00 38.92  ? 57  CYS A CB  1 
ATOM   422  S  SG  . CYS A 1 58  ? -7.686  -18.500 2.599   1.00 40.12  ? 57  CYS A SG  1 
ATOM   423  N  N   . ALA A 1 59  ? -5.475  -14.765 0.518   1.00 39.79  ? 58  ALA A N   1 
ATOM   424  C  CA  . ALA A 1 59  ? -4.500  -13.685 0.259   1.00 39.73  ? 58  ALA A CA  1 
ATOM   425  C  C   . ALA A 1 59  ? -5.171  -12.310 0.084   1.00 39.91  ? 58  ALA A C   1 
ATOM   426  O  O   . ALA A 1 59  ? -4.763  -11.349 0.705   1.00 41.24  ? 58  ALA A O   1 
ATOM   427  C  CB  . ALA A 1 59  ? -3.595  -14.011 -0.970  1.00 37.17  ? 58  ALA A CB  1 
ATOM   428  N  N   . ASP A 1 60  ? -6.210  -12.229 -0.739  1.00 42.24  ? 59  ASP A N   1 
ATOM   429  C  CA  . ASP A 1 60  ? -6.945  -10.956 -0.965  1.00 42.82  ? 59  ASP A CA  1 
ATOM   430  C  C   . ASP A 1 60  ? -7.574  -10.400 0.312   1.00 43.06  ? 59  ASP A C   1 
ATOM   431  O  O   . ASP A 1 60  ? -7.554  -9.180  0.535   1.00 43.03  ? 59  ASP A O   1 
ATOM   432  C  CB  . ASP A 1 60  ? -8.060  -11.113 -2.036  1.00 44.00  ? 59  ASP A CB  1 
ATOM   433  C  CG  . ASP A 1 60  ? -7.513  -11.415 -3.449  1.00 48.36  ? 59  ASP A CG  1 
ATOM   434  O  OD1 . ASP A 1 60  ? -6.387  -10.990 -3.791  1.00 50.70  ? 59  ASP A OD1 1 
ATOM   435  O  OD2 . ASP A 1 60  ? -8.233  -12.068 -4.224  1.00 54.08  ? 59  ASP A OD2 1 
ATOM   436  N  N   . ALA A 1 61  ? -8.142  -11.290 1.125   1.00 40.13  ? 60  ALA A N   1 
ATOM   437  C  CA  . ALA A 1 61  ? -8.754  -10.923 2.410   1.00 41.45  ? 60  ALA A CA  1 
ATOM   438  C  C   . ALA A 1 61  ? -7.700  -10.441 3.403   1.00 42.22  ? 60  ALA A C   1 
ATOM   439  O  O   . ALA A 1 61  ? -7.921  -9.444  4.102   1.00 42.74  ? 60  ALA A O   1 
ATOM   440  C  CB  . ALA A 1 61  ? -9.550  -12.105 2.997   1.00 39.97  ? 60  ALA A CB  1 
ATOM   441  N  N   . ALA A 1 62  ? -6.572  -11.158 3.467   1.00 40.88  ? 61  ALA A N   1 
ATOM   442  C  CA  . ALA A 1 62  ? -5.428  -10.775 4.306   1.00 41.32  ? 61  ALA A CA  1 
ATOM   443  C  C   . ALA A 1 62  ? -4.907  -9.375  3.923   1.00 43.04  ? 61  ALA A C   1 
ATOM   444  O  O   . ALA A 1 62  ? -4.632  -8.547  4.800   1.00 42.88  ? 61  ALA A O   1 
ATOM   445  C  CB  . ALA A 1 62  ? -4.289  -11.807 4.170   1.00 38.36  ? 61  ALA A CB  1 
ATOM   446  N  N   . ILE A 1 63  ? -4.771  -9.144  2.607   1.00 44.14  ? 62  ILE A N   1 
ATOM   447  C  CA  . ILE A 1 63  ? -4.270  -7.879  2.052   1.00 43.62  ? 62  ILE A CA  1 
ATOM   448  C  C   . ILE A 1 63  ? -5.283  -6.758  2.290   1.00 45.61  ? 62  ILE A C   1 
ATOM   449  O  O   . ILE A 1 63  ? -4.899  -5.730  2.814   1.00 43.90  ? 62  ILE A O   1 
ATOM   450  C  CB  . ILE A 1 63  ? -3.888  -8.000  0.545   1.00 42.49  ? 62  ILE A CB  1 
ATOM   451  C  CG1 . ILE A 1 63  ? -2.672  -8.918  0.375   1.00 39.18  ? 62  ILE A CG1 1 
ATOM   452  C  CG2 . ILE A 1 63  ? -3.560  -6.650  -0.058  1.00 41.11  ? 62  ILE A CG2 1 
ATOM   453  C  CD1 . ILE A 1 63  ? -2.537  -9.448  -1.009  1.00 41.61  ? 62  ILE A CD1 1 
ATOM   454  N  N   . GLU A 1 64  ? -6.552  -6.967  1.918   1.00 49.79  ? 63  GLU A N   1 
ATOM   455  C  CA  . GLU A 1 64  ? -7.615  -5.956  2.132   1.00 52.70  ? 63  GLU A CA  1 
ATOM   456  C  C   . GLU A 1 64  ? -7.657  -5.462  3.588   1.00 52.61  ? 63  GLU A C   1 
ATOM   457  O  O   . GLU A 1 64  ? -7.623  -4.251  3.827   1.00 53.78  ? 63  GLU A O   1 
ATOM   458  C  CB  . GLU A 1 64  ? -9.014  -6.450  1.677   1.00 54.33  ? 63  GLU A CB  1 
ATOM   459  C  CG  . GLU A 1 64  ? -10.236 -5.691  2.348   1.00 66.59  ? 63  GLU A CG  1 
ATOM   460  C  CD  . GLU A 1 64  ? -11.619 -6.001  1.761   1.00 79.53  ? 63  GLU A CD  1 
ATOM   461  O  OE1 . GLU A 1 64  ? -11.734 -6.185  0.528   1.00 89.50  ? 63  GLU A OE1 1 
ATOM   462  O  OE2 . GLU A 1 64  ? -12.602 -6.032  2.547   1.00 85.88  ? 63  GLU A OE2 1 
ATOM   463  N  N   . ASN A 1 65  ? -7.722  -6.408  4.527   1.00 52.88  ? 64  ASN A N   1 
ATOM   464  C  CA  A ASN A 1 65  ? -7.825  -6.062  5.938   0.50 52.56  ? 64  ASN A CA  1 
ATOM   465  C  CA  B ASN A 1 65  ? -7.764  -6.139  5.990   0.50 52.24  ? 64  ASN A CA  1 
ATOM   466  C  C   . ASN A 1 65  ? -6.552  -5.360  6.472   1.00 52.62  ? 64  ASN A C   1 
ATOM   467  O  O   . ASN A 1 65  ? -6.669  -4.421  7.266   1.00 52.12  ? 64  ASN A O   1 
ATOM   468  C  CB  A ASN A 1 65  ? -8.304  -7.291  6.741   0.50 52.78  ? 64  ASN A CB  1 
ATOM   469  C  CB  B ASN A 1 65  ? -7.833  -7.453  6.809   0.50 52.02  ? 64  ASN A CB  1 
ATOM   470  C  CG  A ASN A 1 65  ? -9.776  -7.674  6.405   0.50 52.07  ? 64  ASN A CG  1 
ATOM   471  C  CG  B ASN A 1 65  ? -7.832  -7.217  8.346   0.50 50.36  ? 64  ASN A CG  1 
ATOM   472  O  OD1 A ASN A 1 65  ? -10.708 -6.962  6.770   0.50 49.67  ? 64  ASN A OD1 1 
ATOM   473  O  OD1 B ASN A 1 65  ? -8.609  -6.413  8.869   0.50 47.99  ? 64  ASN A OD1 1 
ATOM   474  N  ND2 A ASN A 1 65  ? -9.968  -8.790  5.712   0.50 45.83  ? 64  ASN A ND2 1 
ATOM   475  N  ND2 B ASN A 1 65  ? -6.955  -7.917  9.051   0.50 42.45  ? 64  ASN A ND2 1 
ATOM   476  N  N   . ARG A 1 66  ? -5.371  -5.781  6.015   1.00 52.31  ? 65  ARG A N   1 
ATOM   477  C  CA  . ARG A 1 66  ? -4.109  -5.140  6.414   1.00 54.32  ? 65  ARG A CA  1 
ATOM   478  C  C   . ARG A 1 66  ? -4.036  -3.694  5.909   1.00 54.36  ? 65  ARG A C   1 
ATOM   479  O  O   . ARG A 1 66  ? -3.687  -2.789  6.669   1.00 55.30  ? 65  ARG A O   1 
ATOM   480  C  CB  . ARG A 1 66  ? -2.912  -5.917  5.845   1.00 55.77  ? 65  ARG A CB  1 
ATOM   481  C  CG  . ARG A 1 66  ? -1.511  -5.348  6.124   1.00 60.79  ? 65  ARG A CG  1 
ATOM   482  C  CD  . ARG A 1 66  ? -1.102  -5.472  7.586   1.00 73.35  ? 65  ARG A CD  1 
ATOM   483  N  NE  . ARG A 1 66  ? 0.341   -5.231  7.777   1.00 83.68  ? 65  ARG A NE  1 
ATOM   484  C  CZ  . ARG A 1 66  ? 1.026   -5.425  8.915   1.00 88.64  ? 65  ARG A CZ  1 
ATOM   485  N  NH1 . ARG A 1 66  ? 0.428   -5.877  10.029  1.00 91.55  ? 65  ARG A NH1 1 
ATOM   486  N  NH2 . ARG A 1 66  ? 2.341   -5.174  8.943   1.00 88.42  ? 65  ARG A NH2 1 
ATOM   487  N  N   . VAL A 1 67  ? -4.327  -3.504  4.620   1.00 53.56  ? 66  VAL A N   1 
ATOM   488  C  CA  . VAL A 1 67  ? -4.285  -2.183  3.988   1.00 52.57  ? 66  VAL A CA  1 
ATOM   489  C  C   . VAL A 1 67  ? -5.436  -1.296  4.505   1.00 53.14  ? 66  VAL A C   1 
ATOM   490  O  O   . VAL A 1 67  ? -5.210  -0.110  4.763   1.00 51.46  ? 66  VAL A O   1 
ATOM   491  C  CB  . VAL A 1 67  ? -4.252  -2.272  2.446   1.00 52.55  ? 66  VAL A CB  1 
ATOM   492  C  CG1 . VAL A 1 67  ? -4.305  -0.872  1.823   1.00 52.81  ? 66  VAL A CG1 1 
ATOM   493  C  CG2 . VAL A 1 67  ? -2.984  -3.028  1.988   1.00 47.43  ? 66  VAL A CG2 1 
ATOM   494  N  N   . ALA A 1 68  ? -6.643  -1.860  4.651   1.00 52.99  ? 67  ALA A N   1 
ATOM   495  C  CA  . ALA A 1 68  ? -7.778  -1.122  5.240   1.00 55.69  ? 67  ALA A CA  1 
ATOM   496  C  C   . ALA A 1 68  ? -7.423  -0.615  6.648   1.00 57.54  ? 67  ALA A C   1 
ATOM   497  O  O   . ALA A 1 68  ? -7.770  0.518   7.003   1.00 58.63  ? 67  ALA A O   1 
ATOM   498  C  CB  . ALA A 1 68  ? -9.047  -1.961  5.286   1.00 55.64  ? 67  ALA A CB  1 
ATOM   499  N  N   . PHE A 1 69  ? -6.698  -1.433  7.417   1.00 58.64  ? 68  PHE A N   1 
ATOM   500  C  CA  . PHE A 1 69  ? -6.249  -1.047  8.757   1.00 59.92  ? 68  PHE A CA  1 
ATOM   501  C  C   . PHE A 1 69  ? -5.187  0.052   8.706   1.00 58.85  ? 68  PHE A C   1 
ATOM   502  O  O   . PHE A 1 69  ? -5.371  1.106   9.307   1.00 56.59  ? 68  PHE A O   1 
ATOM   503  C  CB  . PHE A 1 69  ? -5.709  -2.248  9.540   1.00 60.80  ? 68  PHE A CB  1 
ATOM   504  C  CG  . PHE A 1 69  ? -5.397  -1.927  10.981  1.00 63.74  ? 68  PHE A CG  1 
ATOM   505  C  CD1 . PHE A 1 69  ? -6.441  -1.791  11.919  1.00 63.82  ? 68  PHE A CD1 1 
ATOM   506  C  CD2 . PHE A 1 69  ? -4.068  -1.730  11.403  1.00 65.31  ? 68  PHE A CD2 1 
ATOM   507  C  CE1 . PHE A 1 69  ? -6.167  -1.481  13.260  1.00 63.18  ? 68  PHE A CE1 1 
ATOM   508  C  CE2 . PHE A 1 69  ? -3.778  -1.418  12.753  1.00 64.03  ? 68  PHE A CE2 1 
ATOM   509  C  CZ  . PHE A 1 69  ? -4.832  -1.295  13.682  1.00 63.22  ? 68  PHE A CZ  1 
ATOM   510  N  N   . PHE A 1 70  ? -4.094  -0.228  7.996   1.00 58.98  ? 69  PHE A N   1 
ATOM   511  C  CA  . PHE A 1 70  ? -2.951  0.693   7.821   1.00 59.28  ? 69  PHE A CA  1 
ATOM   512  C  C   . PHE A 1 70  ? -3.419  2.087   7.348   1.00 59.23  ? 69  PHE A C   1 
ATOM   513  O  O   . PHE A 1 70  ? -2.998  3.091   7.926   1.00 58.08  ? 69  PHE A O   1 
ATOM   514  C  CB  . PHE A 1 70  ? -1.894  0.020   6.896   1.00 61.02  ? 69  PHE A CB  1 
ATOM   515  C  CG  . PHE A 1 70  ? -0.748  0.917   6.426   1.00 62.49  ? 69  PHE A CG  1 
ATOM   516  C  CD1 . PHE A 1 70  ? -0.011  1.704   7.329   1.00 69.22  ? 69  PHE A CD1 1 
ATOM   517  C  CD2 . PHE A 1 70  ? -0.334  0.886   5.073   1.00 66.89  ? 69  PHE A CD2 1 
ATOM   518  C  CE1 . PHE A 1 70  ? 1.085   2.518   6.880   1.00 68.14  ? 69  PHE A CE1 1 
ATOM   519  C  CE2 . PHE A 1 70  ? 0.761   1.686   4.612   1.00 66.06  ? 69  PHE A CE2 1 
ATOM   520  C  CZ  . PHE A 1 70  ? 1.469   2.501   5.521   1.00 64.50  ? 69  PHE A CZ  1 
ATOM   521  N  N   . SER A 1 71  ? -4.337  2.131   6.372   1.00 60.54  ? 70  SER A N   1 
ATOM   522  C  CA  . SER A 1 71  ? -4.873  3.400   5.837   1.00 62.31  ? 70  SER A CA  1 
ATOM   523  C  C   . SER A 1 71  ? -5.762  4.123   6.847   1.00 64.08  ? 70  SER A C   1 
ATOM   524  O  O   . SER A 1 71  ? -5.711  5.349   6.946   1.00 65.71  ? 70  SER A O   1 
ATOM   525  C  CB  . SER A 1 71  ? -5.589  3.225   4.470   1.00 62.08  ? 70  SER A CB  1 
ATOM   526  O  OG  . SER A 1 71  ? -6.874  2.635   4.547   1.00 59.03  ? 70  SER A OG  1 
ATOM   527  N  N   . ASN A 1 72  ? -6.565  3.375   7.594   1.00 66.77  ? 71  ASN A N   1 
ATOM   528  C  CA  . ASN A 1 72  ? -7.401  3.971   8.644   1.00 68.72  ? 71  ASN A CA  1 
ATOM   529  C  C   . ASN A 1 72  ? -6.547  4.522   9.816   1.00 69.17  ? 71  ASN A C   1 
ATOM   530  O  O   . ASN A 1 72  ? -6.905  5.554   10.387  1.00 69.95  ? 71  ASN A O   1 
ATOM   531  C  CB  . ASN A 1 72  ? -8.465  2.982   9.138   1.00 68.93  ? 71  ASN A CB  1 
ATOM   532  C  CG  . ASN A 1 72  ? -9.554  3.660   9.965   1.00 73.73  ? 71  ASN A CG  1 
ATOM   533  O  OD1 . ASN A 1 72  ? -9.778  3.302   11.121  1.00 70.47  ? 71  ASN A OD1 1 
ATOM   534  N  ND2 . ASN A 1 72  ? -10.213 4.663   9.382   1.00 78.10  ? 71  ASN A ND2 1 
ATOM   535  N  N   . GLU A 1 73  ? -5.438  3.849   10.162  1.00 69.79  ? 72  GLU A N   1 
ATOM   536  C  CA  . GLU A 1 73  ? -4.504  4.342   11.209  1.00 70.56  ? 72  GLU A CA  1 
ATOM   537  C  C   . GLU A 1 73  ? -3.693  5.573   10.756  1.00 70.68  ? 72  GLU A C   1 
ATOM   538  O  O   . GLU A 1 73  ? -3.163  6.296   11.595  1.00 70.29  ? 72  GLU A O   1 
ATOM   539  C  CB  . GLU A 1 73  ? -3.555  3.248   11.739  1.00 70.45  ? 72  GLU A CB  1 
ATOM   540  C  CG  . GLU A 1 73  ? -4.231  1.959   12.288  1.00 74.04  ? 72  GLU A CG  1 
ATOM   541  C  CD  . GLU A 1 73  ? -5.496  2.184   13.137  1.00 75.95  ? 72  GLU A CD  1 
ATOM   542  O  OE1 . GLU A 1 73  ? -5.389  2.712   14.270  1.00 68.35  ? 72  GLU A OE1 1 
ATOM   543  O  OE2 . GLU A 1 73  ? -6.595  1.791   12.670  1.00 75.62  ? 72  GLU A OE2 1 
ATOM   544  N  N   . VAL A 1 74  ? -3.569  5.786   9.444   1.00 71.13  ? 73  VAL A N   1 
ATOM   545  C  CA  . VAL A 1 74  ? -2.948  7.006   8.896   1.00 71.10  ? 73  VAL A CA  1 
ATOM   546  C  C   . VAL A 1 74  ? -3.918  8.193   9.092   1.00 72.91  ? 73  VAL A C   1 
ATOM   547  O  O   . VAL A 1 74  ? -3.490  9.266   9.533   1.00 73.26  ? 73  VAL A O   1 
ATOM   548  C  CB  . VAL A 1 74  ? -2.502  6.830   7.405   1.00 69.92  ? 73  VAL A CB  1 
ATOM   549  C  CG1 . VAL A 1 74  ? -2.125  8.158   6.780   1.00 65.69  ? 73  VAL A CG1 1 
ATOM   550  C  CG2 . VAL A 1 74  ? -1.331  5.854   7.321   1.00 64.14  ? 73  VAL A CG2 1 
ATOM   551  N  N   . LEU A 1 75  ? -5.203  7.986   8.774   1.00 75.13  ? 74  LEU A N   1 
ATOM   552  C  CA  . LEU A 1 75  ? -6.257  9.009   8.954   1.00 77.06  ? 74  LEU A CA  1 
ATOM   553  C  C   . LEU A 1 75  ? -6.470  9.412   10.427  1.00 79.52  ? 74  LEU A C   1 
ATOM   554  O  O   . LEU A 1 75  ? -6.682  10.603  10.704  1.00 80.41  ? 74  LEU A O   1 
ATOM   555  C  CB  . LEU A 1 75  ? -7.604  8.548   8.364   1.00 76.36  ? 74  LEU A CB  1 
ATOM   556  C  CG  . LEU A 1 75  ? -7.727  8.303   6.860   1.00 77.34  ? 74  LEU A CG  1 
ATOM   557  C  CD1 . LEU A 1 75  ? -9.081  7.678   6.535   1.00 74.57  ? 74  LEU A CD1 1 
ATOM   558  C  CD2 . LEU A 1 75  ? -7.525  9.600   6.079   1.00 76.99  ? 74  LEU A CD2 1 
ATOM   559  N  N   . LYS A 1 76  ? -6.437  8.438   11.351  1.00 81.24  ? 75  LYS A N   1 
ATOM   560  C  CA  . LYS A 1 76  ? -6.608  8.722   12.795  1.00 82.80  ? 75  LYS A CA  1 
ATOM   561  C  C   . LYS A 1 76  ? -5.364  9.423   13.390  1.00 84.73  ? 75  LYS A C   1 
ATOM   562  O  O   . LYS A 1 76  ? -5.513  10.287  14.253  1.00 85.24  ? 75  LYS A O   1 
ATOM   563  C  CB  . LYS A 1 76  ? -6.993  7.465   13.609  1.00 82.57  ? 75  LYS A CB  1 
ATOM   564  C  CG  . LYS A 1 76  ? -5.874  6.473   13.877  1.00 80.66  ? 75  LYS A CG  1 
ATOM   565  N  N   . GLU A 1 77  ? -4.162  9.055   12.926  1.00 86.89  ? 76  GLU A N   1 
ATOM   566  C  CA  . GLU A 1 77  ? -2.886  9.677   13.371  1.00 88.49  ? 76  GLU A CA  1 
ATOM   567  C  C   . GLU A 1 77  ? -2.621  11.091  12.784  1.00 87.77  ? 76  GLU A C   1 
ATOM   568  O  O   . GLU A 1 77  ? -1.749  11.818  13.288  1.00 87.91  ? 76  GLU A O   1 
ATOM   569  C  CB  . GLU A 1 77  ? -1.694  8.735   13.076  1.00 89.73  ? 76  GLU A CB  1 
ATOM   570  C  CG  . GLU A 1 77  ? -0.317  9.180   13.654  1.00 94.64  ? 76  GLU A CG  1 
ATOM   571  C  CD  . GLU A 1 77  ? 0.793   8.141   13.526  1.00 100.16 ? 76  GLU A CD  1 
ATOM   572  O  OE1 . GLU A 1 77  ? 0.562   7.052   12.947  1.00 104.23 ? 76  GLU A OE1 1 
ATOM   573  O  OE2 . GLU A 1 77  ? 1.914   8.429   14.007  1.00 100.59 ? 76  GLU A OE2 1 
ATOM   574  N  N   . SER A 1 78  ? -3.368  11.478  11.742  1.00 86.85  ? 77  SER A N   1 
ATOM   575  C  CA  . SER A 1 78  ? -3.226  12.793  11.081  1.00 86.39  ? 77  SER A CA  1 
ATOM   576  C  C   . SER A 1 78  ? -3.479  13.976  12.045  1.00 86.00  ? 77  SER A C   1 
ATOM   577  O  O   . SER A 1 78  ? -4.571  14.084  12.621  1.00 86.10  ? 77  SER A O   1 
ATOM   578  C  CB  . SER A 1 78  ? -4.173  12.873  9.871   1.00 86.38  ? 77  SER A CB  1 
ATOM   579  O  OG  . SER A 1 78  ? -3.828  11.912  8.891   1.00 84.56  ? 77  SER A OG  1 
ATOM   580  N  N   . GLU A 1 79  ? -2.458  14.826  12.234  1.00 84.80  ? 78  GLU A N   1 
ATOM   581  C  CA  . GLU A 1 79  ? -2.539  15.992  13.136  1.00 83.49  ? 78  GLU A CA  1 
ATOM   582  C  C   . GLU A 1 79  ? -3.460  17.062  12.539  1.00 82.11  ? 78  GLU A C   1 
ATOM   583  O  O   . GLU A 1 79  ? -3.319  17.416  11.368  1.00 81.23  ? 78  GLU A O   1 
ATOM   584  C  CB  . GLU A 1 79  ? -1.151  16.584  13.437  1.00 83.49  ? 78  GLU A CB  1 
ATOM   585  C  CG  . GLU A 1 79  ? -0.235  15.656  14.230  1.00 83.14  ? 78  GLU A CG  1 
ATOM   586  N  N   . GLU A 1 80  ? -4.380  17.570  13.360  1.00 81.12  ? 79  GLU A N   1 
ATOM   587  C  CA  . GLU A 1 80  ? -5.396  18.549  12.933  1.00 80.43  ? 79  GLU A CA  1 
ATOM   588  C  C   . GLU A 1 80  ? -4.762  19.887  12.510  1.00 77.39  ? 79  GLU A C   1 
ATOM   589  O  O   . GLU A 1 80  ? -3.962  20.464  13.255  1.00 77.24  ? 79  GLU A O   1 
ATOM   590  C  CB  . GLU A 1 80  ? -6.425  18.801  14.062  1.00 82.02  ? 79  GLU A CB  1 
ATOM   591  C  CG  . GLU A 1 80  ? -7.784  19.346  13.592  1.00 86.10  ? 79  GLU A CG  1 
ATOM   592  C  CD  . GLU A 1 80  ? -8.658  18.268  12.949  1.00 90.77  ? 79  GLU A CD  1 
ATOM   593  O  OE1 . GLU A 1 80  ? -9.027  17.299  13.654  1.00 93.05  ? 79  GLU A OE1 1 
ATOM   594  O  OE2 . GLU A 1 80  ? -8.992  18.398  11.750  1.00 92.02  ? 79  GLU A OE2 1 
ATOM   595  N  N   . GLY A 1 81  ? -5.113  20.357  11.312  1.00 73.49  ? 80  GLY A N   1 
ATOM   596  C  CA  . GLY A 1 81  ? -4.621  21.631  10.792  1.00 69.97  ? 80  GLY A CA  1 
ATOM   597  C  C   . GLY A 1 81  ? -3.249  21.664  10.140  1.00 66.37  ? 80  GLY A C   1 
ATOM   598  O  O   . GLY A 1 81  ? -2.753  22.767  9.868   1.00 66.50  ? 80  GLY A O   1 
ATOM   599  N  N   . LEU A 1 82  ? -2.620  20.499  9.909   1.00 61.96  ? 81  LEU A N   1 
ATOM   600  C  CA  . LEU A 1 82  ? -1.329  20.450  9.170   1.00 59.21  ? 81  LEU A CA  1 
ATOM   601  C  C   . LEU A 1 82  ? -1.542  20.886  7.745   1.00 53.77  ? 81  LEU A C   1 
ATOM   602  O  O   . LEU A 1 82  ? -2.554  20.509  7.140   1.00 53.05  ? 81  LEU A O   1 
ATOM   603  C  CB  . LEU A 1 82  ? -0.672  19.050  9.115   1.00 59.86  ? 81  LEU A CB  1 
ATOM   604  C  CG  . LEU A 1 82  ? 0.509   18.731  10.028  1.00 65.28  ? 81  LEU A CG  1 
ATOM   605  C  CD1 . LEU A 1 82  ? 0.982   17.293  9.748   1.00 64.88  ? 81  LEU A CD1 1 
ATOM   606  C  CD2 . LEU A 1 82  ? 1.656   19.729  9.810   1.00 62.78  ? 81  LEU A CD2 1 
ATOM   607  N  N   . ASN A 1 83  ? -0.589  21.645  7.204   1.00 48.72  ? 82  ASN A N   1 
ATOM   608  C  CA  . ASN A 1 83  ? -0.674  22.059  5.812   1.00 46.66  ? 82  ASN A CA  1 
ATOM   609  C  C   . ASN A 1 83  ? -0.405  20.855  4.892   1.00 46.02  ? 82  ASN A C   1 
ATOM   610  O  O   . ASN A 1 83  ? 0.132   19.831  5.337   1.00 46.43  ? 82  ASN A O   1 
ATOM   611  C  CB  . ASN A 1 83  ? 0.195   23.300  5.498   1.00 46.21  ? 82  ASN A CB  1 
ATOM   612  C  CG  . ASN A 1 83  ? 1.714   23.035  5.514   1.00 48.60  ? 82  ASN A CG  1 
ATOM   613  O  OD1 . ASN A 1 83  ? 2.177   21.898  5.567   1.00 48.63  ? 82  ASN A OD1 1 
ATOM   614  N  ND2 . ASN A 1 83  ? 2.492   24.117  5.406   1.00 43.66  ? 82  ASN A ND2 1 
ATOM   615  N  N   . SER A 1 84  ? -0.766  20.999  3.619   1.00 44.44  ? 83  SER A N   1 
ATOM   616  C  CA  . SER A 1 84  ? -0.667  19.917  2.643   1.00 43.27  ? 83  SER A CA  1 
ATOM   617  C  C   . SER A 1 84  ? 0.745   19.404  2.421   1.00 42.83  ? 83  SER A C   1 
ATOM   618  O  O   . SER A 1 84  ? 0.918   18.208  2.230   1.00 40.44  ? 83  SER A O   1 
ATOM   619  C  CB  . SER A 1 84  ? -1.278  20.333  1.296   1.00 43.09  ? 83  SER A CB  1 
ATOM   620  O  OG  . SER A 1 84  ? -0.555  21.406  0.710   1.00 46.66  ? 83  SER A OG  1 
ATOM   621  N  N   . ILE A 1 85  ? 1.731   20.309  2.449   1.00 44.48  ? 84  ILE A N   1 
ATOM   622  C  CA  . ILE A 1 85  ? 3.153   19.955  2.251   1.00 46.86  ? 84  ILE A CA  1 
ATOM   623  C  C   . ILE A 1 85  ? 3.635   19.037  3.368   1.00 45.93  ? 84  ILE A C   1 
ATOM   624  O  O   . ILE A 1 85  ? 4.254   17.998  3.089   1.00 43.99  ? 84  ILE A O   1 
ATOM   625  C  CB  . ILE A 1 85  ? 4.087   21.201  2.099   1.00 47.14  ? 84  ILE A CB  1 
ATOM   626  C  CG1 . ILE A 1 85  ? 3.873   21.861  0.724   1.00 48.18  ? 84  ILE A CG1 1 
ATOM   627  C  CG2 . ILE A 1 85  ? 5.559   20.814  2.210   1.00 46.08  ? 84  ILE A CG2 1 
ATOM   628  C  CD1 . ILE A 1 85  ? 4.565   23.236  0.564   1.00 49.66  ? 84  ILE A CD1 1 
ATOM   629  N  N   . GLU A 1 86  ? 3.314   19.388  4.608   1.00 46.71  ? 85  GLU A N   1 
ATOM   630  C  CA  . GLU A 1 86  ? 3.693   18.536  5.736   1.00 49.24  ? 85  GLU A CA  1 
ATOM   631  C  C   . GLU A 1 86  ? 2.919   17.220  5.743   1.00 46.64  ? 85  GLU A C   1 
ATOM   632  O  O   . GLU A 1 86  ? 3.512   16.181  6.055   1.00 45.72  ? 85  GLU A O   1 
ATOM   633  C  CB  . GLU A 1 86  ? 3.604   19.274  7.096   1.00 51.40  ? 85  GLU A CB  1 
ATOM   634  C  CG  . GLU A 1 86  ? 4.616   20.463  7.287   1.00 60.01  ? 85  GLU A CG  1 
ATOM   635  C  CD  . GLU A 1 86  ? 6.072   20.154  6.860   1.00 71.26  ? 85  GLU A CD  1 
ATOM   636  O  OE1 . GLU A 1 86  ? 6.593   19.056  7.176   1.00 75.05  ? 85  GLU A OE1 1 
ATOM   637  O  OE2 . GLU A 1 86  ? 6.694   21.023  6.201   1.00 79.64  ? 85  GLU A OE2 1 
ATOM   638  N  N   . ARG A 1 87  ? 1.634   17.245  5.363   1.00 44.86  ? 86  ARG A N   1 
ATOM   639  C  CA  . ARG A 1 87  ? 0.844   15.993  5.291   1.00 43.29  ? 86  ARG A CA  1 
ATOM   640  C  C   . ARG A 1 87  ? 1.416   15.053  4.231   1.00 43.97  ? 86  ARG A C   1 
ATOM   641  O  O   . ARG A 1 87  ? 1.486   13.851  4.457   1.00 43.94  ? 86  ARG A O   1 
ATOM   642  C  CB  . ARG A 1 87  ? -0.647  16.218  5.018   1.00 42.17  ? 86  ARG A CB  1 
ATOM   643  C  CG  . ARG A 1 87  ? -1.398  16.976  6.090   1.00 42.37  ? 86  ARG A CG  1 
ATOM   644  C  CD  . ARG A 1 87  ? -2.840  16.444  6.238   1.00 51.87  ? 86  ARG A CD  1 
ATOM   645  N  NE  . ARG A 1 87  ? -3.737  16.700  5.112   1.00 50.29  ? 86  ARG A NE  1 
ATOM   646  C  CZ  . ARG A 1 87  ? -4.744  15.918  4.694   1.00 49.92  ? 86  ARG A CZ  1 
ATOM   647  N  NH1 . ARG A 1 87  ? -4.957  14.686  5.153   1.00 49.93  ? 86  ARG A NH1 1 
ATOM   648  N  NH2 . ARG A 1 87  ? -5.488  16.336  3.679   1.00 60.06  ? 86  ARG A NH2 1 
ATOM   649  N  N   . LEU A 1 88  ? 1.838   15.610  3.096   1.00 45.09  ? 87  LEU A N   1 
ATOM   650  C  CA  . LEU A 1 88  ? 2.434   14.823  2.013   1.00 47.89  ? 87  LEU A CA  1 
ATOM   651  C  C   . LEU A 1 88  ? 3.756   14.182  2.434   1.00 51.16  ? 87  LEU A C   1 
ATOM   652  O  O   . LEU A 1 88  ? 3.961   12.989  2.203   1.00 52.23  ? 87  LEU A O   1 
ATOM   653  C  CB  . LEU A 1 88  ? 2.666   15.678  0.769   1.00 46.57  ? 87  LEU A CB  1 
ATOM   654  C  CG  . LEU A 1 88  ? 3.202   14.957  -0.476  1.00 49.18  ? 87  LEU A CG  1 
ATOM   655  C  CD1 . LEU A 1 88  ? 2.291   13.793  -0.879  1.00 44.15  ? 87  LEU A CD1 1 
ATOM   656  C  CD2 . LEU A 1 88  ? 3.352   15.955  -1.583  1.00 48.43  ? 87  LEU A CD2 1 
ATOM   657  N  N   . LYS A 1 89  ? 4.655   14.991  3.003   1.00 53.79  ? 88  LYS A N   1 
ATOM   658  C  CA  . LYS A 1 89  ? 5.942   14.496  3.526   1.00 54.99  ? 88  LYS A CA  1 
ATOM   659  C  C   . LYS A 1 89  ? 5.750   13.346  4.525   1.00 54.24  ? 88  LYS A C   1 
ATOM   660  O  O   . LYS A 1 89  ? 6.380   12.308  4.370   1.00 53.78  ? 88  LYS A O   1 
ATOM   661  C  CB  . LYS A 1 89  ? 6.763   15.621  4.160   1.00 56.52  ? 88  LYS A CB  1 
ATOM   662  C  CG  . LYS A 1 89  ? 7.570   16.440  3.159   1.00 60.54  ? 88  LYS A CG  1 
ATOM   663  C  CD  . LYS A 1 89  ? 8.310   17.573  3.873   1.00 66.24  ? 88  LYS A CD  1 
ATOM   664  C  CE  . LYS A 1 89  ? 9.614   17.879  3.185   1.00 72.93  ? 88  LYS A CE  1 
ATOM   665  N  NZ  . LYS A 1 89  ? 10.250  19.160  3.627   1.00 76.20  ? 88  LYS A NZ  1 
ATOM   666  N  N   . LYS A 1 90  ? 4.849   13.548  5.493   1.00 53.63  ? 89  LYS A N   1 
ATOM   667  C  CA  . LYS A 1 90  ? 4.487   12.555  6.513   1.00 54.78  ? 89  LYS A CA  1 
ATOM   668  C  C   . LYS A 1 90  ? 3.963   11.229  5.927   1.00 56.12  ? 89  LYS A C   1 
ATOM   669  O  O   . LYS A 1 90  ? 4.409   10.154  6.327   1.00 58.29  ? 89  LYS A O   1 
ATOM   670  C  CB  . LYS A 1 90  ? 3.437   13.167  7.461   1.00 55.10  ? 89  LYS A CB  1 
ATOM   671  C  CG  . LYS A 1 90  ? 2.905   12.280  8.603   1.00 61.68  ? 89  LYS A CG  1 
ATOM   672  C  CD  . LYS A 1 90  ? 2.060   13.118  9.584   1.00 69.58  ? 89  LYS A CD  1 
ATOM   673  C  CE  . LYS A 1 90  ? 1.217   12.269  10.552  1.00 74.09  ? 89  LYS A CE  1 
ATOM   674  N  NZ  . LYS A 1 90  ? 2.004   11.361  11.421  1.00 74.66  ? 89  LYS A NZ  1 
ATOM   675  N  N   . ILE A 1 91  ? 3.026   11.314  4.983   1.00 56.63  ? 90  ILE A N   1 
ATOM   676  C  CA  . ILE A 1 91  ? 2.409   10.122  4.371   1.00 54.67  ? 90  ILE A CA  1 
ATOM   677  C  C   . ILE A 1 91  ? 3.373   9.373   3.434   1.00 54.67  ? 90  ILE A C   1 
ATOM   678  O  O   . ILE A 1 91  ? 3.281   8.157   3.338   1.00 54.27  ? 90  ILE A O   1 
ATOM   679  C  CB  . ILE A 1 91  ? 1.033   10.452  3.666   1.00 55.57  ? 90  ILE A CB  1 
ATOM   680  C  CG1 . ILE A 1 91  ? 0.134   9.199   3.631   1.00 52.17  ? 90  ILE A CG1 1 
ATOM   681  C  CG2 . ILE A 1 91  ? 1.249   11.125  2.268   1.00 47.08  ? 90  ILE A CG2 1 
ATOM   682  C  CD1 . ILE A 1 91  ? -1.270  9.427   3.134   1.00 48.01  ? 90  ILE A CD1 1 
ATOM   683  N  N   . LEU A 1 92  ? 4.274   10.091  2.757   1.00 54.91  ? 91  LEU A N   1 
ATOM   684  C  CA  . LEU A 1 92  ? 5.291   9.458   1.904   1.00 58.89  ? 91  LEU A CA  1 
ATOM   685  C  C   . LEU A 1 92  ? 6.230   8.537   2.716   1.00 62.28  ? 91  LEU A C   1 
ATOM   686  O  O   . LEU A 1 92  ? 6.615   7.474   2.221   1.00 64.24  ? 91  LEU A O   1 
ATOM   687  C  CB  . LEU A 1 92  ? 6.095   10.490  1.080   1.00 57.77  ? 91  LEU A CB  1 
ATOM   688  C  CG  . LEU A 1 92  ? 5.412   11.119  -0.153  1.00 58.54  ? 91  LEU A CG  1 
ATOM   689  C  CD1 . LEU A 1 92  ? 6.187   12.334  -0.658  1.00 52.16  ? 91  LEU A CD1 1 
ATOM   690  C  CD2 . LEU A 1 92  ? 5.219   10.125  -1.291  1.00 47.21  ? 91  LEU A CD2 1 
ATOM   691  N  N   . LEU A 1 93  ? 6.550   8.924   3.957   1.00 65.51  ? 92  LEU A N   1 
ATOM   692  C  CA  . LEU A 1 93  ? 7.383   8.097   4.854   1.00 67.60  ? 92  LEU A CA  1 
ATOM   693  C  C   . LEU A 1 93  ? 6.658   6.895   5.496   1.00 69.55  ? 92  LEU A C   1 
ATOM   694  O  O   . LEU A 1 93  ? 7.317   6.074   6.134   1.00 70.33  ? 92  LEU A O   1 
ATOM   695  C  CB  . LEU A 1 93  ? 8.037   8.954   5.947   1.00 66.70  ? 92  LEU A CB  1 
ATOM   696  C  CG  . LEU A 1 93  ? 8.911   10.121  5.477   1.00 67.08  ? 92  LEU A CG  1 
ATOM   697  C  CD1 . LEU A 1 93  ? 9.483   10.867  6.686   1.00 65.43  ? 92  LEU A CD1 1 
ATOM   698  C  CD2 . LEU A 1 93  ? 10.027  9.678   4.527   1.00 66.45  ? 92  LEU A CD2 1 
ATOM   699  N  N   . ALA A 1 94  ? 5.335   6.778   5.329   1.00 72.55  ? 93  ALA A N   1 
ATOM   700  C  CA  . ALA A 1 94  ? 4.568   5.645   5.876   1.00 74.81  ? 93  ALA A CA  1 
ATOM   701  C  C   . ALA A 1 94  ? 4.908   4.312   5.167   1.00 78.36  ? 93  ALA A C   1 
ATOM   702  O  O   . ALA A 1 94  ? 5.297   4.296   3.981   1.00 78.21  ? 93  ALA A O   1 
ATOM   703  C  CB  . ALA A 1 94  ? 3.057   5.921   5.817   1.00 73.94  ? 93  ALA A CB  1 
ATOM   704  N  N   . GLY A 1 95  ? 4.781   3.214   5.924   1.00 81.77  ? 94  GLY A N   1 
ATOM   705  C  CA  . GLY A 1 95  ? 5.067   1.845   5.446   1.00 84.12  ? 94  GLY A CA  1 
ATOM   706  C  C   . GLY A 1 95  ? 4.643   0.777   6.461   1.00 86.25  ? 94  GLY A C   1 
ATOM   707  O  O   . GLY A 1 95  ? 4.888   0.946   7.669   1.00 85.25  ? 94  GLY A O   1 
ATOM   708  N  N   . ILE A 1 96  ? 4.011   -0.303  5.963   1.00 88.76  ? 95  ILE A N   1 
ATOM   709  C  CA  . ILE A 1 96  ? 3.476   -1.443  6.784   1.00 89.26  ? 95  ILE A CA  1 
ATOM   710  C  C   . ILE A 1 96  ? 4.394   -1.965  7.918   1.00 90.41  ? 95  ILE A C   1 
ATOM   711  O  O   . ILE A 1 96  ? 3.981   -2.075  9.080   1.00 90.33  ? 95  ILE A O   1 
ATOM   712  C  CB  . ILE A 1 96  ? 3.048   -2.681  5.894   1.00 89.31  ? 95  ILE A CB  1 
ATOM   713  C  CG1 . ILE A 1 96  ? 4.213   -3.156  5.000   1.00 90.51  ? 95  ILE A CG1 1 
ATOM   714  C  CG2 . ILE A 1 96  ? 1.797   -2.362  5.063   1.00 82.93  ? 95  ILE A CG2 1 
ATOM   715  C  CD1 . ILE A 1 96  ? 4.007   -4.532  4.398   1.00 91.22  ? 95  ILE A CD1 1 
ATOM   716  N  N   . ILE A 1 108 ? 11.659  -15.028 -1.036  1.00 98.15  ? 107 ILE A N   1 
ATOM   717  C  CA  . ILE A 1 108 ? 11.929  -15.465 -2.407  1.00 97.93  ? 107 ILE A CA  1 
ATOM   718  C  C   . ILE A 1 108 ? 11.105  -14.626 -3.412  1.00 97.68  ? 107 ILE A C   1 
ATOM   719  O  O   . ILE A 1 108 ? 10.038  -14.084 -3.066  1.00 97.46  ? 107 ILE A O   1 
ATOM   720  C  CB  . ILE A 1 108 ? 11.624  -17.003 -2.643  1.00 97.61  ? 107 ILE A CB  1 
ATOM   721  C  CG1 . ILE A 1 108 ? 11.938  -17.876 -1.412  1.00 97.53  ? 107 ILE A CG1 1 
ATOM   722  C  CG2 . ILE A 1 108 ? 12.378  -17.520 -3.876  1.00 97.41  ? 107 ILE A CG2 1 
ATOM   723  C  CD1 . ILE A 1 108 ? 10.843  -17.892 -0.332  1.00 94.42  ? 107 ILE A CD1 1 
ATOM   724  N  N   . ASN A 1 109 ? 11.631  -14.504 -4.638  1.00 96.41  ? 108 ASN A N   1 
ATOM   725  C  CA  . ASN A 1 109 ? 10.952  -13.832 -5.759  1.00 94.38  ? 108 ASN A CA  1 
ATOM   726  C  C   . ASN A 1 109 ? 10.495  -14.888 -6.771  1.00 90.86  ? 108 ASN A C   1 
ATOM   727  O  O   . ASN A 1 109 ? 10.965  -14.939 -7.914  1.00 90.75  ? 108 ASN A O   1 
ATOM   728  C  CB  . ASN A 1 109 ? 11.832  -12.731 -6.402  1.00 95.35  ? 108 ASN A CB  1 
ATOM   729  C  CG  . ASN A 1 109 ? 11.898  -11.442 -5.569  1.00 98.06  ? 108 ASN A CG  1 
ATOM   730  O  OD1 . ASN A 1 109 ? 11.224  -11.301 -4.537  1.00 100.19 ? 108 ASN A OD1 1 
ATOM   731  N  ND2 . ASN A 1 109 ? 12.706  -10.483 -6.034  1.00 99.23  ? 108 ASN A ND2 1 
ATOM   732  N  N   . SER A 1 110 ? 9.593   -15.753 -6.302  1.00 86.69  ? 109 SER A N   1 
ATOM   733  C  CA  . SER A 1 110 ? 8.951   -16.764 -7.141  1.00 82.98  ? 109 SER A CA  1 
ATOM   734  C  C   . SER A 1 110 ? 7.725   -16.085 -7.793  1.00 81.00  ? 109 SER A C   1 
ATOM   735  O  O   . SER A 1 110 ? 7.241   -15.084 -7.247  1.00 78.70  ? 109 SER A O   1 
ATOM   736  C  CB  . SER A 1 110 ? 8.520   -17.980 -6.309  1.00 82.77  ? 109 SER A CB  1 
ATOM   737  O  OG  . SER A 1 110 ? 7.548   -17.633 -5.339  1.00 76.89  ? 109 SER A OG  1 
ATOM   738  N  N   . PRO A 1 111 ? 7.225   -16.607 -8.951  1.00 79.74  ? 110 PRO A N   1 
ATOM   739  C  CA  . PRO A 1 111 ? 6.024   -16.076 -9.636  1.00 78.28  ? 110 PRO A CA  1 
ATOM   740  C  C   . PRO A 1 111 ? 4.773   -15.828 -8.758  1.00 75.68  ? 110 PRO A C   1 
ATOM   741  O  O   . PRO A 1 111 ? 4.153   -14.759 -8.875  1.00 76.80  ? 110 PRO A O   1 
ATOM   742  C  CB  . PRO A 1 111 ? 5.723   -17.149 -10.690 1.00 78.86  ? 110 PRO A CB  1 
ATOM   743  C  CG  . PRO A 1 111 ? 7.035   -17.685 -11.030 1.00 80.24  ? 110 PRO A CG  1 
ATOM   744  C  CD  . PRO A 1 111 ? 7.795   -17.729 -9.728  1.00 80.80  ? 110 PRO A CD  1 
ATOM   745  N  N   . SER A 1 112 ? 4.430   -16.789 -7.896  1.00 71.70  ? 111 SER A N   1 
ATOM   746  C  CA  . SER A 1 112 ? 3.293   -16.639 -6.968  1.00 70.10  ? 111 SER A CA  1 
ATOM   747  C  C   . SER A 1 112 ? 3.588   -15.576 -5.896  1.00 67.06  ? 111 SER A C   1 
ATOM   748  O  O   . SER A 1 112 ? 2.743   -14.724 -5.649  1.00 67.52  ? 111 SER A O   1 
ATOM   749  C  CB  . SER A 1 112 ? 2.864   -17.982 -6.357  1.00 70.30  ? 111 SER A CB  1 
ATOM   750  O  OG  . SER A 1 112 ? 3.967   -18.689 -5.834  1.00 72.22  ? 111 SER A OG  1 
ATOM   751  N  N   . ASN A 1 113 ? 4.785   -15.586 -5.302  1.00 64.32  ? 112 ASN A N   1 
ATOM   752  C  CA  . ASN A 1 113 ? 5.194   -14.530 -4.323  1.00 62.01  ? 112 ASN A CA  1 
ATOM   753  C  C   . ASN A 1 113 ? 5.186   -13.124 -4.914  1.00 58.68  ? 112 ASN A C   1 
ATOM   754  O  O   . ASN A 1 113 ? 4.840   -12.158 -4.210  1.00 55.19  ? 112 ASN A O   1 
ATOM   755  C  CB  . ASN A 1 113 ? 6.564   -14.822 -3.691  1.00 62.11  ? 112 ASN A CB  1 
ATOM   756  C  CG  . ASN A 1 113 ? 6.530   -16.014 -2.749  1.00 65.28  ? 112 ASN A CG  1 
ATOM   757  O  OD1 . ASN A 1 113 ? 5.464   -16.560 -2.454  1.00 66.75  ? 112 ASN A OD1 1 
ATOM   758  N  ND2 . ASN A 1 113 ? 7.703   -16.430 -2.277  1.00 68.53  ? 112 ASN A ND2 1 
ATOM   759  N  N   . LYS A 1 114 ? 5.568   -13.020 -6.190  1.00 56.20  ? 113 LYS A N   1 
ATOM   760  C  CA  . LYS A 1 114 ? 5.457   -11.764 -6.907  1.00 56.77  ? 113 LYS A CA  1 
ATOM   761  C  C   . LYS A 1 114 ? 3.954   -11.362 -7.053  1.00 55.11  ? 113 LYS A C   1 
ATOM   762  O  O   . LYS A 1 114 ? 3.660   -10.166 -6.983  1.00 51.41  ? 113 LYS A O   1 
ATOM   763  C  CB  . LYS A 1 114 ? 6.224   -11.779 -8.244  1.00 57.13  ? 113 LYS A CB  1 
ATOM   764  C  CG  . LYS A 1 114 ? 7.732   -11.978 -8.095  1.00 61.17  ? 113 LYS A CG  1 
ATOM   765  C  CD  . LYS A 1 114 ? 8.568   -11.463 -9.270  1.00 66.82  ? 113 LYS A CD  1 
ATOM   766  C  CE  . LYS A 1 114 ? 8.902   -9.966  -9.137  1.00 72.63  ? 113 LYS A CE  1 
ATOM   767  N  NZ  . LYS A 1 114 ? 9.765   -9.448  -10.280 1.00 69.89  ? 113 LYS A NZ  1 
ATOM   768  N  N   . ILE A 1 115 ? 3.018   -12.329 -7.192  1.00 56.93  ? 114 ILE A N   1 
ATOM   769  C  CA  . ILE A 1 115 ? 1.562   -11.994 -7.244  1.00 57.90  ? 114 ILE A CA  1 
ATOM   770  C  C   . ILE A 1 115 ? 1.067   -11.436 -5.906  1.00 54.15  ? 114 ILE A C   1 
ATOM   771  O  O   . ILE A 1 115 ? 0.307   -10.467 -5.903  1.00 57.21  ? 114 ILE A O   1 
ATOM   772  C  CB  . ILE A 1 115 ? 0.564   -13.136 -7.727  1.00 60.39  ? 114 ILE A CB  1 
ATOM   773  C  CG1 . ILE A 1 115 ? -0.776  -12.530 -8.185  1.00 58.35  ? 114 ILE A CG1 1 
ATOM   774  C  CG2 . ILE A 1 115 ? 0.199   -14.203 -6.622  1.00 63.35  ? 114 ILE A CG2 1 
ATOM   775  C  CD1 . ILE A 1 115 ? -0.717  -11.606 -9.331  1.00 55.31  ? 114 ILE A CD1 1 
ATOM   776  N  N   . PHE A 1 116 ? 1.487   -12.040 -4.799  1.00 49.38  ? 115 PHE A N   1 
ATOM   777  C  CA  . PHE A 1 116 ? 1.115   -11.546 -3.473  1.00 46.89  ? 115 PHE A CA  1 
ATOM   778  C  C   . PHE A 1 116 ? 1.594   -10.082 -3.306  1.00 45.52  ? 115 PHE A C   1 
ATOM   779  O  O   . PHE A 1 116 ? 0.827   -9.215  -2.897  1.00 41.06  ? 115 PHE A O   1 
ATOM   780  C  CB  . PHE A 1 116 ? 1.674   -12.431 -2.363  1.00 46.29  ? 115 PHE A CB  1 
ATOM   781  C  CG  . PHE A 1 116 ? 1.141   -12.084 -0.999  1.00 49.44  ? 115 PHE A CG  1 
ATOM   782  C  CD1 . PHE A 1 116 ? -0.087  -12.584 -0.578  1.00 46.82  ? 115 PHE A CD1 1 
ATOM   783  C  CD2 . PHE A 1 116 ? 1.838   -11.223 -0.150  1.00 48.89  ? 115 PHE A CD2 1 
ATOM   784  C  CE1 . PHE A 1 116 ? -0.609  -12.246 0.690   1.00 49.59  ? 115 PHE A CE1 1 
ATOM   785  C  CE2 . PHE A 1 116 ? 1.320   -10.880 1.123   1.00 49.90  ? 115 PHE A CE2 1 
ATOM   786  C  CZ  . PHE A 1 116 ? 0.102   -11.399 1.538   1.00 46.55  ? 115 PHE A CZ  1 
ATOM   787  N  N   . HIS A 1 117 ? 2.844   -9.825  -3.684  1.00 45.33  ? 116 HIS A N   1 
ATOM   788  C  CA  . HIS A 1 117 ? 3.412   -8.476  -3.641  1.00 45.03  ? 116 HIS A CA  1 
ATOM   789  C  C   . HIS A 1 117 ? 2.658   -7.520  -4.557  1.00 43.00  ? 116 HIS A C   1 
ATOM   790  O  O   . HIS A 1 117 ? 2.327   -6.409  -4.147  1.00 42.12  ? 116 HIS A O   1 
ATOM   791  C  CB  . HIS A 1 117 ? 4.888   -8.506  -3.992  1.00 45.55  ? 116 HIS A CB  1 
ATOM   792  C  CG  . HIS A 1 117 ? 5.565   -7.196  -3.803  1.00 46.77  ? 116 HIS A CG  1 
ATOM   793  N  ND1 . HIS A 1 117 ? 5.988   -6.750  -2.570  1.00 57.58  ? 116 HIS A ND1 1 
ATOM   794  C  CD2 . HIS A 1 117 ? 5.875   -6.221  -4.684  1.00 46.50  ? 116 HIS A CD2 1 
ATOM   795  C  CE1 . HIS A 1 117 ? 6.538   -5.557  -2.702  1.00 54.90  ? 116 HIS A CE1 1 
ATOM   796  N  NE2 . HIS A 1 117 ? 6.482   -5.216  -3.977  1.00 53.69  ? 116 HIS A NE2 1 
ATOM   797  N  N   . GLN A 1 118 ? 2.333   -7.968  -5.769  1.00 43.59  ? 117 GLN A N   1 
ATOM   798  C  CA  . GLN A 1 118 ? 1.575   -7.120  -6.716  1.00 44.39  ? 117 GLN A CA  1 
ATOM   799  C  C   . GLN A 1 118 ? 0.193   -6.749  -6.177  1.00 43.33  ? 117 GLN A C   1 
ATOM   800  O  O   . GLN A 1 118 ? -0.229  -5.585  -6.276  1.00 43.41  ? 117 GLN A O   1 
ATOM   801  C  CB  . GLN A 1 118 ? 1.410   -7.800  -8.080  1.00 46.18  ? 117 GLN A CB  1 
ATOM   802  C  CG  . GLN A 1 118 ? 0.917   -6.830  -9.184  1.00 48.22  ? 117 GLN A CG  1 
ATOM   803  C  CD  . GLN A 1 118 ? 0.550   -7.547  -10.470 1.00 49.71  ? 117 GLN A CD  1 
ATOM   804  O  OE1 . GLN A 1 118 ? -0.414  -8.318  -10.522 1.00 57.75  ? 117 GLN A OE1 1 
ATOM   805  N  NE2 . GLN A 1 118 ? 1.271   -7.257  -11.509 1.00 50.74  ? 117 GLN A NE2 1 
ATOM   806  N  N   . LYS A 1 119 ? -0.518  -7.754  -5.663  1.00 39.58  ? 118 LYS A N   1 
ATOM   807  C  CA  . LYS A 1 119 ? -1.834  -7.549  -5.039  1.00 40.42  ? 118 LYS A CA  1 
ATOM   808  C  C   . LYS A 1 119 ? -1.784  -6.500  -3.940  1.00 36.61  ? 118 LYS A C   1 
ATOM   809  O  O   . LYS A 1 119 ? -2.699  -5.688  -3.819  1.00 40.77  ? 118 LYS A O   1 
ATOM   810  C  CB  . LYS A 1 119 ? -2.371  -8.863  -4.432  1.00 40.47  ? 118 LYS A CB  1 
ATOM   811  C  CG  . LYS A 1 119 ? -2.916  -9.891  -5.428  1.00 45.52  ? 118 LYS A CG  1 
ATOM   812  C  CD  . LYS A 1 119 ? -3.200  -11.221 -4.677  1.00 48.47  ? 118 LYS A CD  1 
ATOM   813  C  CE  . LYS A 1 119 ? -3.896  -12.256 -5.525  1.00 50.22  ? 118 LYS A CE  1 
ATOM   814  N  NZ  . LYS A 1 119 ? -5.262  -11.832 -5.891  1.00 52.30  ? 118 LYS A NZ  1 
ATOM   815  N  N   . LEU A 1 120 ? -0.721  -6.555  -3.135  1.00 38.56  ? 119 LEU A N   1 
ATOM   816  C  CA  . LEU A 1 120 ? -0.497  -5.626  -2.030  1.00 39.99  ? 119 LEU A CA  1 
ATOM   817  C  C   . LEU A 1 120 ? -0.249  -4.209  -2.557  1.00 40.43  ? 119 LEU A C   1 
ATOM   818  O  O   . LEU A 1 120 ? -0.783  -3.273  -1.997  1.00 40.50  ? 119 LEU A O   1 
ATOM   819  C  CB  . LEU A 1 120 ? 0.698   -6.074  -1.153  1.00 40.18  ? 119 LEU A CB  1 
ATOM   820  C  CG  . LEU A 1 120 ? 1.047   -5.231  0.085   1.00 43.75  ? 119 LEU A CG  1 
ATOM   821  C  CD1 . LEU A 1 120 ? -0.170  -5.165  1.050   1.00 43.41  ? 119 LEU A CD1 1 
ATOM   822  C  CD2 . LEU A 1 120 ? 2.301   -5.734  0.807   1.00 45.53  ? 119 LEU A CD2 1 
HETATM 823  N  N   . MSE A 1 121 ? 0.583   -4.074  -3.604  1.00 42.13  ? 120 MSE A N   1 
HETATM 824  C  CA  . MSE A 1 121 ? 0.866   -2.763  -4.215  1.00 42.67  ? 120 MSE A CA  1 
HETATM 825  C  C   . MSE A 1 121 ? -0.421  -2.160  -4.732  1.00 43.40  ? 120 MSE A C   1 
HETATM 826  O  O   . MSE A 1 121 ? -0.701  -1.010  -4.446  1.00 46.26  ? 120 MSE A O   1 
HETATM 827  C  CB  . MSE A 1 121 ? 1.872   -2.855  -5.358  1.00 42.24  ? 120 MSE A CB  1 
HETATM 828  C  CG  . MSE A 1 121 ? 3.266   -3.327  -5.004  1.00 42.80  ? 120 MSE A CG  1 
HETATM 829  SE SE  . MSE A 1 121 ? 4.164   -2.490  -3.461  0.75 53.12  ? 120 MSE A SE  1 
HETATM 830  C  CE  . MSE A 1 121 ? 3.363   -3.418  -1.909  1.00 46.60  ? 120 MSE A CE  1 
ATOM   831  N  N   . VAL A 1 122 ? -1.234  -2.965  -5.418  1.00 43.26  ? 121 VAL A N   1 
ATOM   832  C  CA  . VAL A 1 122 ? -2.500  -2.500  -5.982  1.00 41.94  ? 121 VAL A CA  1 
ATOM   833  C  C   . VAL A 1 122 ? -3.486  -2.055  -4.895  1.00 44.78  ? 121 VAL A C   1 
ATOM   834  O  O   . VAL A 1 122 ? -4.164  -1.026  -5.069  1.00 47.02  ? 121 VAL A O   1 
ATOM   835  C  CB  . VAL A 1 122 ? -3.137  -3.560  -6.919  1.00 43.10  ? 121 VAL A CB  1 
ATOM   836  C  CG1 . VAL A 1 122 ? -4.523  -3.161  -7.370  1.00 41.20  ? 121 VAL A CG1 1 
ATOM   837  C  CG2 . VAL A 1 122 ? -2.241  -3.790  -8.136  1.00 41.10  ? 121 VAL A CG2 1 
ATOM   838  N  N   . ALA A 1 123 ? -3.534  -2.793  -3.780  1.00 44.04  ? 122 ALA A N   1 
ATOM   839  C  CA  . ALA A 1 123 ? -4.438  -2.444  -2.666  1.00 43.63  ? 122 ALA A CA  1 
ATOM   840  C  C   . ALA A 1 123 ? -3.972  -1.173  -1.975  1.00 42.07  ? 122 ALA A C   1 
ATOM   841  O  O   . ALA A 1 123 ? -4.801  -0.363  -1.625  1.00 44.80  ? 122 ALA A O   1 
ATOM   842  C  CB  . ALA A 1 123 ? -4.589  -3.589  -1.645  1.00 39.52  ? 122 ALA A CB  1 
ATOM   843  N  N   . ILE A 1 124 ? -2.665  -1.030  -1.750  1.00 43.39  ? 123 ILE A N   1 
ATOM   844  C  CA  . ILE A 1 124 ? -2.113  0.195   -1.157  1.00 44.78  ? 123 ILE A CA  1 
ATOM   845  C  C   . ILE A 1 124 ? -2.468  1.418   -2.026  1.00 43.67  ? 123 ILE A C   1 
ATOM   846  O  O   . ILE A 1 124 ? -2.936  2.418   -1.514  1.00 44.80  ? 123 ILE A O   1 
ATOM   847  C  CB  . ILE A 1 124 ? -0.577  0.112   -0.935  1.00 46.40  ? 123 ILE A CB  1 
ATOM   848  C  CG1 . ILE A 1 124 ? -0.250  -0.855  0.215   1.00 43.36  ? 123 ILE A CG1 1 
ATOM   849  C  CG2 . ILE A 1 124 ? 0.014   1.519   -0.593  1.00 42.01  ? 123 ILE A CG2 1 
ATOM   850  C  CD1 . ILE A 1 124 ? 1.229   -1.171  0.342   1.00 44.03  ? 123 ILE A CD1 1 
ATOM   851  N  N   . ILE A 1 125 ? -2.287  1.292   -3.336  1.00 44.63  ? 124 ILE A N   1 
ATOM   852  C  CA  . ILE A 1 125 ? -2.599  2.368   -4.284  1.00 44.54  ? 124 ILE A CA  1 
ATOM   853  C  C   . ILE A 1 125 ? -4.075  2.753   -4.189  1.00 47.15  ? 124 ILE A C   1 
ATOM   854  O  O   . ILE A 1 125 ? -4.393  3.934   -4.020  1.00 45.87  ? 124 ILE A O   1 
ATOM   855  C  CB  . ILE A 1 125 ? -2.223  1.993   -5.737  1.00 44.43  ? 124 ILE A CB  1 
ATOM   856  C  CG1 . ILE A 1 125 ? -0.695  1.883   -5.848  1.00 44.98  ? 124 ILE A CG1 1 
ATOM   857  C  CG2 . ILE A 1 125 ? -2.743  3.031   -6.748  1.00 42.93  ? 124 ILE A CG2 1 
ATOM   858  C  CD1 . ILE A 1 125 ? -0.198  1.298   -7.117  1.00 47.45  ? 124 ILE A CD1 1 
ATOM   859  N  N   . LYS A 1 126 ? -4.953  1.755   -4.229  1.00 48.42  ? 125 LYS A N   1 
ATOM   860  C  CA  . LYS A 1 126 ? -6.399  2.011   -4.220  1.00 50.38  ? 125 LYS A CA  1 
ATOM   861  C  C   . LYS A 1 126 ? -6.896  2.588   -2.886  1.00 49.00  ? 125 LYS A C   1 
ATOM   862  O  O   . LYS A 1 126 ? -7.747  3.474   -2.895  1.00 49.43  ? 125 LYS A O   1 
ATOM   863  C  CB  . LYS A 1 126 ? -7.179  0.771   -4.718  1.00 52.12  ? 125 LYS A CB  1 
ATOM   864  C  CG  . LYS A 1 126 ? -6.874  0.478   -6.240  1.00 55.78  ? 125 LYS A CG  1 
ATOM   865  C  CD  . LYS A 1 126 ? -7.295  -0.918  -6.734  1.00 65.49  ? 125 LYS A CD  1 
ATOM   866  C  CE  . LYS A 1 126 ? -8.784  -1.083  -6.958  1.00 65.26  ? 125 LYS A CE  1 
ATOM   867  N  NZ  . LYS A 1 126 ? -9.243  -0.258  -8.107  1.00 74.58  ? 125 LYS A NZ  1 
ATOM   868  N  N   . TYR A 1 127 ? -6.345  2.126   -1.763  1.00 48.38  ? 126 TYR A N   1 
ATOM   869  C  CA  . TYR A 1 127 ? -6.726  2.669   -0.442  1.00 47.97  ? 126 TYR A CA  1 
ATOM   870  C  C   . TYR A 1 127 ? -6.106  4.036   -0.136  1.00 46.37  ? 126 TYR A C   1 
ATOM   871  O  O   . TYR A 1 127 ? -6.765  4.873   0.491   1.00 44.32  ? 126 TYR A O   1 
ATOM   872  C  CB  . TYR A 1 127 ? -6.429  1.688   0.710   1.00 50.10  ? 126 TYR A CB  1 
ATOM   873  C  CG  . TYR A 1 127 ? -7.507  0.636   0.912   1.00 52.69  ? 126 TYR A CG  1 
ATOM   874  C  CD1 . TYR A 1 127 ? -7.485  -0.579  0.209   1.00 55.67  ? 126 TYR A CD1 1 
ATOM   875  C  CD2 . TYR A 1 127 ? -8.561  0.854   1.819   1.00 53.69  ? 126 TYR A CD2 1 
ATOM   876  C  CE1 . TYR A 1 127 ? -8.485  -1.567  0.406   1.00 61.78  ? 126 TYR A CE1 1 
ATOM   877  C  CE2 . TYR A 1 127 ? -9.575  -0.119  2.019   1.00 57.86  ? 126 TYR A CE2 1 
ATOM   878  C  CZ  . TYR A 1 127 ? -9.523  -1.331  1.307   1.00 61.79  ? 126 TYR A CZ  1 
ATOM   879  O  OH  . TYR A 1 127 ? -10.491 -2.289  1.475   1.00 60.19  ? 126 TYR A OH  1 
ATOM   880  N  N   . PHE A 1 128 ? -4.861  4.273   -0.556  1.00 45.85  ? 127 PHE A N   1 
ATOM   881  C  CA  . PHE A 1 128 ? -4.210  5.566   -0.265  1.00 45.70  ? 127 PHE A CA  1 
ATOM   882  C  C   . PHE A 1 128 ? -4.496  6.705   -1.243  1.00 43.73  ? 127 PHE A C   1 
ATOM   883  O  O   . PHE A 1 128 ? -4.367  7.874   -0.863  1.00 41.91  ? 127 PHE A O   1 
ATOM   884  C  CB  . PHE A 1 128 ? -2.720  5.386   -0.009  1.00 48.03  ? 127 PHE A CB  1 
ATOM   885  C  CG  . PHE A 1 128 ? -2.428  4.822   1.355   1.00 51.14  ? 127 PHE A CG  1 
ATOM   886  C  CD1 . PHE A 1 128 ? -2.600  3.457   1.619   1.00 53.54  ? 127 PHE A CD1 1 
ATOM   887  C  CD2 . PHE A 1 128 ? -2.006  5.660   2.391   1.00 54.64  ? 127 PHE A CD2 1 
ATOM   888  C  CE1 . PHE A 1 128 ? -2.355  2.928   2.898   1.00 57.52  ? 127 PHE A CE1 1 
ATOM   889  C  CE2 . PHE A 1 128 ? -1.747  5.146   3.669   1.00 58.29  ? 127 PHE A CE2 1 
ATOM   890  C  CZ  . PHE A 1 128 ? -1.922  3.774   3.925   1.00 57.54  ? 127 PHE A CZ  1 
ATOM   891  N  N   . ALA A 1 129 ? -4.926  6.376   -2.461  1.00 42.98  ? 128 ALA A N   1 
ATOM   892  C  CA  . ALA A 1 129 ? -5.214  7.396   -3.492  1.00 43.31  ? 128 ALA A CA  1 
ATOM   893  C  C   . ALA A 1 129 ? -6.158  8.528   -3.023  1.00 41.64  ? 128 ALA A C   1 
ATOM   894  O  O   . ALA A 1 129 ? -5.838  9.687   -3.278  1.00 43.62  ? 128 ALA A O   1 
ATOM   895  C  CB  . ALA A 1 129 ? -5.719  6.758   -4.785  1.00 43.62  ? 128 ALA A CB  1 
ATOM   896  N  N   . PRO A 1 130 ? -7.311  8.197   -2.382  1.00 38.02  ? 129 PRO A N   1 
ATOM   897  C  CA  . PRO A 1 130 ? -8.189  9.253   -1.844  1.00 40.58  ? 129 PRO A CA  1 
ATOM   898  C  C   . PRO A 1 130 ? -7.564  10.130  -0.755  1.00 42.48  ? 129 PRO A C   1 
ATOM   899  O  O   . PRO A 1 130 ? -7.946  11.298  -0.620  1.00 43.50  ? 129 PRO A O   1 
ATOM   900  C  CB  . PRO A 1 130 ? -9.401  8.492   -1.260  1.00 38.44  ? 129 PRO A CB  1 
ATOM   901  C  CG  . PRO A 1 130 ? -9.217  7.083   -1.561  1.00 40.98  ? 129 PRO A CG  1 
ATOM   902  C  CD  . PRO A 1 130 ? -7.907  6.850   -2.238  1.00 38.46  ? 129 PRO A CD  1 
ATOM   903  N  N   . ILE A 1 131 ? -6.634  9.565   0.017   1.00 42.21  ? 130 ILE A N   1 
ATOM   904  C  CA  . ILE A 1 131 ? -5.949  10.312  1.069   1.00 42.05  ? 130 ILE A CA  1 
ATOM   905  C  C   . ILE A 1 131 ? -4.994  11.325  0.374   1.00 40.48  ? 130 ILE A C   1 
ATOM   906  O  O   . ILE A 1 131 ? -5.024  12.517  0.666   1.00 39.12  ? 130 ILE A O   1 
ATOM   907  C  CB  . ILE A 1 131 ? -5.222  9.386   2.079   1.00 41.57  ? 130 ILE A CB  1 
ATOM   908  C  CG1 . ILE A 1 131 ? -6.215  8.386   2.723   1.00 45.42  ? 130 ILE A CG1 1 
ATOM   909  C  CG2 . ILE A 1 131 ? -4.566  10.222  3.188   1.00 47.31  ? 130 ILE A CG2 1 
ATOM   910  C  CD1 . ILE A 1 131 ? -5.571  7.297   3.584   1.00 37.08  ? 130 ILE A CD1 1 
ATOM   911  N  N   . TYR A 1 132 ? -4.180  10.838  -0.558  1.00 39.55  ? 131 TYR A N   1 
ATOM   912  C  CA  . TYR A 1 132 ? -3.300  11.704  -1.339  1.00 39.45  ? 131 TYR A CA  1 
ATOM   913  C  C   . TYR A 1 132 ? -4.088  12.717  -2.175  1.00 39.60  ? 131 TYR A C   1 
ATOM   914  O  O   . TYR A 1 132 ? -3.653  13.853  -2.305  1.00 39.65  ? 131 TYR A O   1 
ATOM   915  C  CB  . TYR A 1 132 ? -2.420  10.899  -2.272  1.00 41.11  ? 131 TYR A CB  1 
ATOM   916  C  CG  . TYR A 1 132 ? -1.177  10.236  -1.691  1.00 40.65  ? 131 TYR A CG  1 
ATOM   917  C  CD1 . TYR A 1 132 ? -1.258  9.284   -0.664  1.00 44.98  ? 131 TYR A CD1 1 
ATOM   918  C  CD2 . TYR A 1 132 ? 0.082   10.463  -2.272  1.00 48.38  ? 131 TYR A CD2 1 
ATOM   919  C  CE1 . TYR A 1 132 ? -0.095  8.627   -0.186  1.00 45.12  ? 131 TYR A CE1 1 
ATOM   920  C  CE2 . TYR A 1 132 ? 1.233   9.824   -1.791  1.00 47.48  ? 131 TYR A CE2 1 
ATOM   921  C  CZ  . TYR A 1 132 ? 1.139   8.909   -0.760  1.00 46.32  ? 131 TYR A CZ  1 
ATOM   922  O  OH  . TYR A 1 132 ? 2.279   8.274   -0.320  1.00 47.76  ? 131 TYR A OH  1 
ATOM   923  N  N   . ALA A 1 133 ? -5.227  12.301  -2.742  1.00 38.17  ? 132 ALA A N   1 
ATOM   924  C  CA  . ALA A 1 133 ? -6.107  13.211  -3.511  1.00 37.29  ? 132 ALA A CA  1 
ATOM   925  C  C   . ALA A 1 133 ? -6.580  14.367  -2.619  1.00 37.06  ? 132 ALA A C   1 
ATOM   926  O  O   . ALA A 1 133 ? -6.577  15.529  -3.031  1.00 36.43  ? 132 ALA A O   1 
ATOM   927  C  CB  . ALA A 1 133 ? -7.309  12.470  -4.097  1.00 34.95  ? 132 ALA A CB  1 
ATOM   928  N  N   . ASP A 1 134 ? -6.923  14.037  -1.381  1.00 37.48  ? 133 ASP A N   1 
ATOM   929  C  CA  . ASP A 1 134 ? -7.355  15.035  -0.411  1.00 37.37  ? 133 ASP A CA  1 
ATOM   930  C  C   . ASP A 1 134 ? -6.224  16.025  -0.084  1.00 37.97  ? 133 ASP A C   1 
ATOM   931  O  O   . ASP A 1 134 ? -6.447  17.243  -0.016  1.00 38.10  ? 133 ASP A O   1 
ATOM   932  C  CB  . ASP A 1 134 ? -7.863  14.375  0.870   1.00 38.83  ? 133 ASP A CB  1 
ATOM   933  C  CG  . ASP A 1 134 ? -8.718  15.320  1.684   1.00 44.96  ? 133 ASP A CG  1 
ATOM   934  O  OD1 . ASP A 1 134 ? -9.764  15.753  1.159   1.00 58.64  ? 133 ASP A OD1 1 
ATOM   935  O  OD2 . ASP A 1 134 ? -8.359  15.640  2.832   1.00 56.28  ? 133 ASP A OD2 1 
ATOM   936  N  N   . ILE A 1 135 ? -5.032  15.487  0.134   1.00 36.63  ? 134 ILE A N   1 
ATOM   937  C  CA  . ILE A 1 135 ? -3.827  16.293  0.380   1.00 38.14  ? 134 ILE A CA  1 
ATOM   938  C  C   . ILE A 1 135 ? -3.556  17.213  -0.828  1.00 37.93  ? 134 ILE A C   1 
ATOM   939  O  O   . ILE A 1 135 ? -3.299  18.401  -0.646  1.00 37.70  ? 134 ILE A O   1 
ATOM   940  C  CB  . ILE A 1 135 ? -2.570  15.379  0.670   1.00 38.33  ? 134 ILE A CB  1 
ATOM   941  C  CG1 . ILE A 1 135 ? -2.722  14.645  2.016   1.00 39.35  ? 134 ILE A CG1 1 
ATOM   942  C  CG2 . ILE A 1 135 ? -1.264  16.195  0.677   1.00 35.85  ? 134 ILE A CG2 1 
ATOM   943  C  CD1 . ILE A 1 135 ? -1.782  13.435  2.158   1.00 35.50  ? 134 ILE A CD1 1 
ATOM   944  N  N   . ILE A 1 136 ? -3.626  16.662  -2.046  1.00 37.32  ? 135 ILE A N   1 
ATOM   945  C  CA  . ILE A 1 136 ? -3.426  17.441  -3.275  1.00 37.14  ? 135 ILE A CA  1 
ATOM   946  C  C   . ILE A 1 136 ? -4.464  18.569  -3.389  1.00 38.37  ? 135 ILE A C   1 
ATOM   947  O  O   . ILE A 1 136 ? -4.099  19.735  -3.644  1.00 38.01  ? 135 ILE A O   1 
ATOM   948  C  CB  . ILE A 1 136 ? -3.415  16.549  -4.546  1.00 38.91  ? 135 ILE A CB  1 
ATOM   949  C  CG1 . ILE A 1 136 ? -2.149  15.696  -4.566  1.00 38.52  ? 135 ILE A CG1 1 
ATOM   950  C  CG2 . ILE A 1 136 ? -3.445  17.404  -5.801  1.00 34.55  ? 135 ILE A CG2 1 
ATOM   951  C  CD1 . ILE A 1 136 ? -2.154  14.578  -5.629  1.00 38.39  ? 135 ILE A CD1 1 
ATOM   952  N  N   . SER A 1 137 ? -5.733  18.233  -3.147  1.00 36.51  ? 136 SER A N   1 
ATOM   953  C  CA  . SER A 1 137 ? -6.795  19.236  -3.160  1.00 36.15  ? 136 SER A CA  1 
ATOM   954  C  C   . SER A 1 137 ? -6.586  20.324  -2.124  1.00 37.28  ? 136 SER A C   1 
ATOM   955  O  O   . SER A 1 137 ? -6.874  21.499  -2.403  1.00 39.66  ? 136 SER A O   1 
ATOM   956  C  CB  . SER A 1 137 ? -8.156  18.596  -2.979  1.00 35.94  ? 136 SER A CB  1 
ATOM   957  O  OG  . SER A 1 137 ? -8.373  17.748  -4.077  1.00 43.20  ? 136 SER A OG  1 
ATOM   958  N  N   . GLN A 1 138 ? -6.124  19.940  -0.928  1.00 36.02  ? 137 GLN A N   1 
ATOM   959  C  CA  . GLN A 1 138 ? -5.802  20.917  0.113   1.00 34.46  ? 137 GLN A CA  1 
ATOM   960  C  C   . GLN A 1 138 ? -4.705  21.900  -0.375  1.00 34.05  ? 137 GLN A C   1 
ATOM   961  O  O   . GLN A 1 138 ? -4.805  23.104  -0.165  1.00 35.94  ? 137 GLN A O   1 
ATOM   962  C  CB  . GLN A 1 138 ? -5.375  20.219  1.421   1.00 34.99  ? 137 GLN A CB  1 
ATOM   963  C  CG  . GLN A 1 138 ? -4.979  21.185  2.550   1.00 35.40  ? 137 GLN A CG  1 
ATOM   964  C  CD  . GLN A 1 138 ? -4.591  20.497  3.843   1.00 39.79  ? 137 GLN A CD  1 
ATOM   965  O  OE1 . GLN A 1 138 ? -4.712  19.295  3.986   1.00 50.18  ? 137 GLN A OE1 1 
ATOM   966  N  NE2 . GLN A 1 138 ? -4.131  21.279  4.798   1.00 43.49  ? 137 GLN A NE2 1 
ATOM   967  N  N   . GLY A 1 139 ? -3.662  21.361  -0.983  1.00 32.89  ? 138 GLY A N   1 
ATOM   968  C  CA  . GLY A 1 139 ? -2.572  22.162  -1.536  1.00 31.91  ? 138 GLY A CA  1 
ATOM   969  C  C   . GLY A 1 139 ? -2.956  23.070  -2.680  1.00 33.61  ? 138 GLY A C   1 
ATOM   970  O  O   . GLY A 1 139 ? -2.378  24.145  -2.808  1.00 34.10  ? 138 GLY A O   1 
ATOM   971  N  N   . ASN A 1 140 ? -3.874  22.621  -3.545  1.00 34.63  ? 139 ASN A N   1 
ATOM   972  C  CA  . ASN A 1 140 ? -4.450  23.478  -4.597  1.00 34.86  ? 139 ASN A CA  1 
ATOM   973  C  C   . ASN A 1 140 ? -5.155  24.655  -3.941  1.00 33.64  ? 139 ASN A C   1 
ATOM   974  O  O   . ASN A 1 140 ? -5.032  25.767  -4.407  1.00 35.25  ? 139 ASN A O   1 
ATOM   975  C  CB  . ASN A 1 140 ? -5.498  22.736  -5.478  1.00 35.68  ? 139 ASN A CB  1 
ATOM   976  C  CG  . ASN A 1 140 ? -4.883  21.860  -6.554  1.00 33.32  ? 139 ASN A CG  1 
ATOM   977  O  OD1 . ASN A 1 140 ? -3.715  22.024  -6.922  1.00 31.97  ? 139 ASN A OD1 1 
ATOM   978  N  ND2 . ASN A 1 140 ? -5.702  20.936  -7.110  1.00 34.55  ? 139 ASN A ND2 1 
ATOM   979  N  N   . GLU A 1 141 ? -5.896  24.390  -2.864  1.00 35.13  ? 140 GLU A N   1 
ATOM   980  C  CA  . GLU A 1 141 ? -6.605  25.438  -2.130  1.00 35.02  ? 140 GLU A CA  1 
ATOM   981  C  C   . GLU A 1 141 ? -5.649  26.392  -1.404  1.00 34.54  ? 140 GLU A C   1 
ATOM   982  O  O   . GLU A 1 141 ? -5.861  27.599  -1.419  1.00 34.33  ? 140 GLU A O   1 
ATOM   983  C  CB  . GLU A 1 141 ? -7.641  24.829  -1.169  1.00 37.15  ? 140 GLU A CB  1 
ATOM   984  C  CG  . GLU A 1 141 ? -8.444  25.838  -0.339  1.00 43.61  ? 140 GLU A CG  1 
ATOM   985  C  CD  . GLU A 1 141 ? -9.107  26.967  -1.161  1.00 55.49  ? 140 GLU A CD  1 
ATOM   986  O  OE1 . GLU A 1 141 ? -9.533  26.729  -2.325  1.00 59.70  ? 140 GLU A OE1 1 
ATOM   987  O  OE2 . GLU A 1 141 ? -9.207  28.092  -0.611  1.00 59.06  ? 140 GLU A OE2 1 
ATOM   988  N  N   . GLU A 1 142 ? -4.608  25.853  -0.768  1.00 35.42  ? 141 GLU A N   1 
ATOM   989  C  CA  . GLU A 1 142 ? -3.565  26.676  -0.103  1.00 34.81  ? 141 GLU A CA  1 
ATOM   990  C  C   . GLU A 1 142 ? -2.780  27.530  -1.099  1.00 34.31  ? 141 GLU A C   1 
ATOM   991  O  O   . GLU A 1 142 ? -2.296  28.601  -0.741  1.00 36.51  ? 141 GLU A O   1 
ATOM   992  C  CB  . GLU A 1 142 ? -2.552  25.795  0.637   1.00 35.00  ? 141 GLU A CB  1 
ATOM   993  C  CG  . GLU A 1 142 ? -3.074  25.217  1.926   1.00 33.88  ? 141 GLU A CG  1 
ATOM   994  C  CD  . GLU A 1 142 ? -2.260  24.040  2.470   1.00 39.67  ? 141 GLU A CD  1 
ATOM   995  O  OE1 . GLU A 1 142 ? -1.243  23.629  1.876   1.00 38.76  ? 141 GLU A OE1 1 
ATOM   996  O  OE2 . GLU A 1 142 ? -2.663  23.493  3.525   1.00 46.60  ? 141 GLU A OE2 1 
ATOM   997  N  N   . GLY A 1 143 ? -2.657  27.035  -2.323  1.00 33.69  ? 142 GLY A N   1 
ATOM   998  C  CA  . GLY A 1 143 ? -1.930  27.696  -3.404  1.00 34.70  ? 142 GLY A CA  1 
ATOM   999  C  C   . GLY A 1 143 ? -0.505  27.215  -3.548  1.00 34.96  ? 142 GLY A C   1 
ATOM   1000 O  O   . GLY A 1 143 ? 0.280   27.884  -4.205  1.00 35.27  ? 142 GLY A O   1 
ATOM   1001 N  N   . VAL A 1 144 ? -0.187  26.057  -2.961  1.00 35.85  ? 143 VAL A N   1 
ATOM   1002 C  CA  . VAL A 1 144 ? 1.171   25.455  -2.985  1.00 36.06  ? 143 VAL A CA  1 
ATOM   1003 C  C   . VAL A 1 144 ? 1.369   24.467  -4.116  1.00 36.13  ? 143 VAL A C   1 
ATOM   1004 O  O   . VAL A 1 144 ? 2.522   24.198  -4.502  1.00 36.61  ? 143 VAL A O   1 
ATOM   1005 C  CB  . VAL A 1 144 ? 1.581   24.847  -1.592  1.00 37.90  ? 143 VAL A CB  1 
ATOM   1006 C  CG1 . VAL A 1 144 ? 1.575   25.960  -0.528  1.00 29.22  ? 143 VAL A CG1 1 
ATOM   1007 C  CG2 . VAL A 1 144 ? 0.689   23.667  -1.188  1.00 35.28  ? 143 VAL A CG2 1 
ATOM   1008 N  N   . PHE A 1 145 ? 0.262   23.911  -4.617  1.00 35.90  ? 144 PHE A N   1 
ATOM   1009 C  CA  . PHE A 1 145 ? 0.254   23.069  -5.808  1.00 37.07  ? 144 PHE A CA  1 
ATOM   1010 C  C   . PHE A 1 145 ? -0.724  23.668  -6.813  1.00 36.00  ? 144 PHE A C   1 
ATOM   1011 O  O   . PHE A 1 145 ? -1.499  24.569  -6.477  1.00 34.72  ? 144 PHE A O   1 
ATOM   1012 C  CB  . PHE A 1 145 ? -0.251  21.625  -5.531  1.00 37.84  ? 144 PHE A CB  1 
ATOM   1013 C  CG  . PHE A 1 145 ? 0.354   20.933  -4.335  1.00 37.09  ? 144 PHE A CG  1 
ATOM   1014 C  CD1 . PHE A 1 145 ? 1.700   21.072  -3.998  1.00 38.01  ? 144 PHE A CD1 1 
ATOM   1015 C  CD2 . PHE A 1 145 ? -0.431  20.031  -3.597  1.00 39.27  ? 144 PHE A CD2 1 
ATOM   1016 C  CE1 . PHE A 1 145 ? 2.246   20.386  -2.894  1.00 40.55  ? 144 PHE A CE1 1 
ATOM   1017 C  CE2 . PHE A 1 145 ? 0.094   19.339  -2.509  1.00 37.32  ? 144 PHE A CE2 1 
ATOM   1018 C  CZ  . PHE A 1 145 ? 1.449   19.515  -2.156  1.00 42.28  ? 144 PHE A CZ  1 
ATOM   1019 N  N   . LYS A 1 146 ? -0.640  23.163  -8.040  1.00 36.81  ? 145 LYS A N   1 
ATOM   1020 C  CA  A LYS A 1 146 ? -1.566  23.508  -9.120  0.50 37.53  ? 145 LYS A CA  1 
ATOM   1021 C  CA  B LYS A 1 146 ? -1.592  23.489  -9.100  0.50 37.46  ? 145 LYS A CA  1 
ATOM   1022 C  C   . LYS A 1 146 ? -1.764  22.249  -9.974  1.00 36.19  ? 145 LYS A C   1 
ATOM   1023 O  O   . LYS A 1 146 ? -1.147  22.102  -11.015 1.00 37.36  ? 145 LYS A O   1 
ATOM   1024 C  CB  A LYS A 1 146 ? -1.073  24.733  -9.921  0.50 36.51  ? 145 LYS A CB  1 
ATOM   1025 C  CB  B LYS A 1 146 ? -1.200  24.742  -9.888  0.50 36.46  ? 145 LYS A CB  1 
ATOM   1026 C  CG  A LYS A 1 146 ? -2.091  25.276  -10.962 0.50 37.51  ? 145 LYS A CG  1 
ATOM   1027 C  CG  B LYS A 1 146 ? -2.288  25.164  -10.911 0.50 36.48  ? 145 LYS A CG  1 
ATOM   1028 C  CD  A LYS A 1 146 ? -1.713  26.699  -11.431 0.50 37.88  ? 145 LYS A CD  1 
ATOM   1029 C  CD  B LYS A 1 146 ? -2.221  26.650  -11.272 0.50 35.66  ? 145 LYS A CD  1 
ATOM   1030 C  CE  A LYS A 1 146 ? -2.642  27.265  -12.510 0.50 30.59  ? 145 LYS A CE  1 
ATOM   1031 C  CE  B LYS A 1 146 ? -0.903  27.012  -11.932 0.50 35.03  ? 145 LYS A CE  1 
ATOM   1032 N  NZ  A LYS A 1 146 ? -2.474  26.708  -13.882 0.50 36.52  ? 145 LYS A NZ  1 
ATOM   1033 N  NZ  B LYS A 1 146 ? -0.781  26.374  -13.302 0.50 28.07  ? 145 LYS A NZ  1 
ATOM   1034 N  N   . VAL A 1 147 ? -2.614  21.332  -9.487  1.00 38.39  ? 146 VAL A N   1 
ATOM   1035 C  CA  . VAL A 1 147 ? -2.894  20.024  -10.140 1.00 36.86  ? 146 VAL A CA  1 
ATOM   1036 C  C   . VAL A 1 147 ? -4.322  19.950  -10.690 1.00 36.44  ? 146 VAL A C   1 
ATOM   1037 O  O   . VAL A 1 147 ? -5.286  20.045  -9.903  1.00 34.18  ? 146 VAL A O   1 
ATOM   1038 C  CB  . VAL A 1 147 ? -2.684  18.900  -9.119  1.00 36.64  ? 146 VAL A CB  1 
ATOM   1039 C  CG1 . VAL A 1 147 ? -3.033  17.530  -9.704  1.00 36.33  ? 146 VAL A CG1 1 
ATOM   1040 C  CG2 . VAL A 1 147 ? -1.245  18.928  -8.578  1.00 35.57  ? 146 VAL A CG2 1 
ATOM   1041 N  N   . LYS A 1 148 ? -4.464  19.743  -12.011 1.00 37.11  ? 147 LYS A N   1 
ATOM   1042 C  CA  . LYS A 1 148 ? -5.817  19.684  -12.652 1.00 40.44  ? 147 LYS A CA  1 
ATOM   1043 C  C   . LYS A 1 148 ? -6.678  18.499  -12.237 1.00 37.63  ? 147 LYS A C   1 
ATOM   1044 O  O   . LYS A 1 148 ? -7.868  18.665  -12.091 1.00 37.65  ? 147 LYS A O   1 
ATOM   1045 C  CB  . LYS A 1 148 ? -5.767  19.606  -14.181 1.00 43.09  ? 147 LYS A CB  1 
ATOM   1046 C  CG  . LYS A 1 148 ? -5.174  20.737  -14.939 1.00 56.46  ? 147 LYS A CG  1 
ATOM   1047 C  CD  . LYS A 1 148 ? -5.560  20.598  -16.448 1.00 66.99  ? 147 LYS A CD  1 
ATOM   1048 C  CE  . LYS A 1 148 ? -4.706  21.475  -17.386 1.00 75.07  ? 147 LYS A CE  1 
ATOM   1049 N  NZ  . LYS A 1 148 ? -4.608  22.896  -16.977 1.00 83.63  ? 147 LYS A NZ  1 
ATOM   1050 N  N   . TYR A 1 149 ? -6.060  17.321  -12.079 1.00 39.41  ? 148 TYR A N   1 
ATOM   1051 C  CA  . TYR A 1 149 ? -6.742  16.040  -11.768 1.00 39.11  ? 148 TYR A CA  1 
ATOM   1052 C  C   . TYR A 1 149 ? -6.259  15.429  -10.440 1.00 38.57  ? 148 TYR A C   1 
ATOM   1053 O  O   . TYR A 1 149 ? -5.400  14.568  -10.456 1.00 38.98  ? 148 TYR A O   1 
ATOM   1054 C  CB  . TYR A 1 149 ? -6.504  15.061  -12.930 1.00 38.61  ? 148 TYR A CB  1 
ATOM   1055 C  CG  . TYR A 1 149 ? -6.803  15.677  -14.270 1.00 40.57  ? 148 TYR A CG  1 
ATOM   1056 C  CD1 . TYR A 1 149 ? -8.103  16.069  -14.597 1.00 42.08  ? 148 TYR A CD1 1 
ATOM   1057 C  CD2 . TYR A 1 149 ? -5.779  15.916  -15.203 1.00 42.78  ? 148 TYR A CD2 1 
ATOM   1058 C  CE1 . TYR A 1 149 ? -8.390  16.679  -15.846 1.00 47.22  ? 148 TYR A CE1 1 
ATOM   1059 C  CE2 . TYR A 1 149 ? -6.049  16.513  -16.453 1.00 44.93  ? 148 TYR A CE2 1 
ATOM   1060 C  CZ  . TYR A 1 149 ? -7.357  16.897  -16.770 1.00 47.16  ? 148 TYR A CZ  1 
ATOM   1061 O  OH  . TYR A 1 149 ? -7.621  17.496  -17.991 1.00 46.72  ? 148 TYR A OH  1 
ATOM   1062 N  N   . PRO A 1 150 ? -6.787  15.888  -9.279  1.00 40.01  ? 149 PRO A N   1 
ATOM   1063 C  CA  . PRO A 1 150 ? -6.228  15.407  -7.966  1.00 38.98  ? 149 PRO A CA  1 
ATOM   1064 C  C   . PRO A 1 150 ? -6.171  13.872  -7.695  1.00 40.35  ? 149 PRO A C   1 
ATOM   1065 O  O   . PRO A 1 150 ? -5.105  13.373  -7.291  1.00 37.32  ? 149 PRO A O   1 
ATOM   1066 C  CB  . PRO A 1 150 ? -7.078  16.146  -6.933  1.00 40.63  ? 149 PRO A CB  1 
ATOM   1067 C  CG  . PRO A 1 150 ? -7.527  17.404  -7.680  1.00 40.69  ? 149 PRO A CG  1 
ATOM   1068 C  CD  . PRO A 1 150 ? -7.843  16.895  -9.063  1.00 40.99  ? 149 PRO A CD  1 
ATOM   1069 N  N   . LEU A 1 151 ? -7.270  13.147  -7.944  1.00 39.88  ? 150 LEU A N   1 
ATOM   1070 C  CA  . LEU A 1 151 ? -7.304  11.686  -7.715  1.00 39.20  ? 150 LEU A CA  1 
ATOM   1071 C  C   . LEU A 1 151 ? -6.407  10.935  -8.722  1.00 40.34  ? 150 LEU A C   1 
ATOM   1072 O  O   . LEU A 1 151 ? -5.646  10.076  -8.307  1.00 39.02  ? 150 LEU A O   1 
ATOM   1073 C  CB  . LEU A 1 151 ? -8.727  11.123  -7.732  1.00 40.46  ? 150 LEU A CB  1 
ATOM   1074 C  CG  . LEU A 1 151 ? -8.936  9.646   -7.383  1.00 41.46  ? 150 LEU A CG  1 
ATOM   1075 C  CD1 . LEU A 1 151 ? -8.299  9.274   -6.035  1.00 39.50  ? 150 LEU A CD1 1 
ATOM   1076 C  CD2 . LEU A 1 151 ? -10.452 9.314   -7.385  1.00 32.87  ? 150 LEU A CD2 1 
ATOM   1077 N  N   . GLU A 1 152 ? -6.485  11.271  -10.014 1.00 38.23  ? 151 GLU A N   1 
ATOM   1078 C  CA  . GLU A 1 152 ? -5.619  10.620  -11.006 1.00 40.17  ? 151 GLU A CA  1 
ATOM   1079 C  C   . GLU A 1 152 ? -4.156  10.871  -10.702 1.00 40.26  ? 151 GLU A C   1 
ATOM   1080 O  O   . GLU A 1 152 ? -3.349  9.961   -10.823 1.00 42.19  ? 151 GLU A O   1 
ATOM   1081 C  CB  . GLU A 1 152 ? -5.934  11.055  -12.452 1.00 38.90  ? 151 GLU A CB  1 
ATOM   1082 C  CG  . GLU A 1 152 ? -7.371  10.781  -12.903 1.00 41.57  ? 151 GLU A CG  1 
ATOM   1083 C  CD  . GLU A 1 152 ? -7.800  9.351   -12.680 1.00 51.56  ? 151 GLU A CD  1 
ATOM   1084 O  OE1 . GLU A 1 152 ? -6.968  8.444   -12.926 1.00 47.11  ? 151 GLU A OE1 1 
ATOM   1085 O  OE2 . GLU A 1 152 ? -8.950  9.136   -12.227 1.00 56.47  ? 151 GLU A OE2 1 
ATOM   1086 N  N   . THR A 1 153 ? -3.814  12.095  -10.313 1.00 39.60  ? 152 THR A N   1 
ATOM   1087 C  CA  . THR A 1 153 ? -2.428  12.436  -9.948  1.00 41.58  ? 152 THR A CA  1 
ATOM   1088 C  C   . THR A 1 153 ? -1.976  11.664  -8.715  1.00 40.73  ? 152 THR A C   1 
ATOM   1089 O  O   . THR A 1 153 ? -0.859  11.175  -8.704  1.00 39.25  ? 152 THR A O   1 
ATOM   1090 C  CB  . THR A 1 153 ? -2.222  13.965  -9.828  1.00 41.45  ? 152 THR A CB  1 
ATOM   1091 O  OG1 . THR A 1 153 ? -2.440  14.545  -11.123 1.00 45.00  ? 152 THR A OG1 1 
ATOM   1092 C  CG2 . THR A 1 153 ? -0.841  14.316  -9.339  1.00 38.55  ? 152 THR A CG2 1 
ATOM   1093 N  N   . ALA A 1 154 ? -2.841  11.552  -7.703  1.00 40.57  ? 153 ALA A N   1 
ATOM   1094 C  CA  . ALA A 1 154 ? -2.574  10.712  -6.519  1.00 41.86  ? 153 ALA A CA  1 
ATOM   1095 C  C   . ALA A 1 154 ? -2.233  9.257   -6.912  1.00 39.65  ? 153 ALA A C   1 
ATOM   1096 O  O   . ALA A 1 154 ? -1.233  8.707   -6.457  1.00 39.91  ? 153 ALA A O   1 
ATOM   1097 C  CB  . ALA A 1 154 ? -3.759  10.728  -5.555  1.00 39.75  ? 153 ALA A CB  1 
ATOM   1098 N  N   . GLU A 1 155 ? -3.041  8.677   -7.800  1.00 38.42  ? 154 GLU A N   1 
ATOM   1099 C  CA  . GLU A 1 155 ? -2.840  7.301   -8.299  1.00 38.18  ? 154 GLU A CA  1 
ATOM   1100 C  C   . GLU A 1 155 ? -1.541  7.195   -9.090  1.00 38.59  ? 154 GLU A C   1 
ATOM   1101 O  O   . GLU A 1 155 ? -0.841  6.196   -8.985  1.00 42.48  ? 154 GLU A O   1 
ATOM   1102 C  CB  . GLU A 1 155 ? -4.009  6.856   -9.175  1.00 38.18  ? 154 GLU A CB  1 
ATOM   1103 C  CG  . GLU A 1 155 ? -5.355  6.778   -8.408  1.00 43.28  ? 154 GLU A CG  1 
ATOM   1104 C  CD  . GLU A 1 155 ? -6.564  6.562   -9.317  1.00 39.16  ? 154 GLU A CD  1 
ATOM   1105 O  OE1 . GLU A 1 155 ? -6.385  6.455   -10.544 1.00 47.71  ? 154 GLU A OE1 1 
ATOM   1106 O  OE2 . GLU A 1 155 ? -7.696  6.450   -8.790  1.00 46.66  ? 154 GLU A OE2 1 
ATOM   1107 N  N   . ILE A 1 156 ? -1.223  8.235   -9.860  1.00 37.76  ? 155 ILE A N   1 
ATOM   1108 C  CA  . ILE A 1 156 ? 0.040   8.330   -10.648 1.00 37.81  ? 155 ILE A CA  1 
ATOM   1109 C  C   . ILE A 1 156 ? 1.264   8.307   -9.724  1.00 38.61  ? 155 ILE A C   1 
ATOM   1110 O  O   . ILE A 1 156 ? 2.157   7.500   -9.914  1.00 39.31  ? 155 ILE A O   1 
ATOM   1111 C  CB  . ILE A 1 156 ? 0.021   9.575   -11.616 1.00 38.66  ? 155 ILE A CB  1 
ATOM   1112 C  CG1 . ILE A 1 156 ? -0.941  9.267   -12.775 1.00 37.25  ? 155 ILE A CG1 1 
ATOM   1113 C  CG2 . ILE A 1 156 ? 1.438   9.922   -12.137 1.00 37.81  ? 155 ILE A CG2 1 
ATOM   1114 C  CD1 . ILE A 1 156 ? -1.270  10.410  -13.763 1.00 35.02  ? 155 ILE A CD1 1 
ATOM   1115 N  N   . ILE A 1 157 ? 1.251   9.137   -8.688  1.00 39.54  ? 156 ILE A N   1 
ATOM   1116 C  CA  . ILE A 1 157 ? 2.335   9.202   -7.706  1.00 40.31  ? 156 ILE A CA  1 
ATOM   1117 C  C   . ILE A 1 157 ? 2.559   7.860   -6.991  1.00 42.10  ? 156 ILE A C   1 
ATOM   1118 O  O   . ILE A 1 157 ? 3.700   7.412   -6.861  1.00 42.51  ? 156 ILE A O   1 
ATOM   1119 C  CB  . ILE A 1 157 ? 2.046   10.302  -6.663  1.00 41.26  ? 156 ILE A CB  1 
ATOM   1120 C  CG1 . ILE A 1 157 ? 2.087   11.696  -7.328  1.00 44.97  ? 156 ILE A CG1 1 
ATOM   1121 C  CG2 . ILE A 1 157 ? 3.041   10.223  -5.477  1.00 40.24  ? 156 ILE A CG2 1 
ATOM   1122 C  CD1 . ILE A 1 157 ? 1.599   12.886  -6.394  1.00 34.99  ? 156 ILE A CD1 1 
ATOM   1123 N  N   . LEU A 1 158 ? 1.462   7.256   -6.515  1.00 42.02  ? 157 LEU A N   1 
ATOM   1124 C  CA  . LEU A 1 158 ? 1.483   5.952   -5.829  1.00 41.24  ? 157 LEU A CA  1 
ATOM   1125 C  C   . LEU A 1 158 ? 1.968   4.824   -6.738  1.00 42.06  ? 157 LEU A C   1 
ATOM   1126 O  O   . LEU A 1 158 ? 2.703   3.945   -6.294  1.00 41.42  ? 157 LEU A O   1 
ATOM   1127 C  CB  . LEU A 1 158 ? 0.115   5.635   -5.191  1.00 41.98  ? 157 LEU A CB  1 
ATOM   1128 C  CG  . LEU A 1 158 ? -0.246  6.538   -4.005  1.00 37.51  ? 157 LEU A CG  1 
ATOM   1129 C  CD1 . LEU A 1 158 ? -1.745  6.603   -3.691  1.00 39.70  ? 157 LEU A CD1 1 
ATOM   1130 C  CD2 . LEU A 1 158 ? 0.558   6.112   -2.789  1.00 41.37  ? 157 LEU A CD2 1 
ATOM   1131 N  N   . THR A 1 159 ? 1.575   4.853   -8.008  1.00 43.03  ? 158 THR A N   1 
ATOM   1132 C  CA  . THR A 1 159 ? 2.094   3.890   -8.990  1.00 42.02  ? 158 THR A CA  1 
ATOM   1133 C  C   . THR A 1 159 ? 3.609   3.999   -9.109  1.00 42.35  ? 158 THR A C   1 
ATOM   1134 O  O   . THR A 1 159 ? 4.299   2.985   -9.157  1.00 41.17  ? 158 THR A O   1 
ATOM   1135 C  CB  . THR A 1 159 ? 1.449   4.091   -10.362 1.00 44.58  ? 158 THR A CB  1 
ATOM   1136 O  OG1 . THR A 1 159 ? 0.046   3.870   -10.215 1.00 34.51  ? 158 THR A OG1 1 
ATOM   1137 C  CG2 . THR A 1 159 ? 1.987   3.110   -11.422 1.00 36.08  ? 158 THR A CG2 1 
ATOM   1138 N  N   . LEU A 1 160 ? 4.132   5.224   -9.162  1.00 41.70  ? 159 LEU A N   1 
ATOM   1139 C  CA  . LEU A 1 160 ? 5.582   5.422   -9.227  1.00 42.80  ? 159 LEU A CA  1 
ATOM   1140 C  C   . LEU A 1 160 ? 6.276   4.974   -7.940  1.00 40.98  ? 159 LEU A C   1 
ATOM   1141 O  O   . LEU A 1 160 ? 7.291   4.292   -8.008  1.00 41.30  ? 159 LEU A O   1 
ATOM   1142 C  CB  . LEU A 1 160 ? 5.951   6.871   -9.593  1.00 42.25  ? 159 LEU A CB  1 
ATOM   1143 C  CG  . LEU A 1 160 ? 5.473   7.301   -10.996 1.00 42.11  ? 159 LEU A CG  1 
ATOM   1144 C  CD1 . LEU A 1 160 ? 5.744   8.810   -11.268 1.00 37.89  ? 159 LEU A CD1 1 
ATOM   1145 C  CD2 . LEU A 1 160 ? 6.074   6.446   -12.083 1.00 37.04  ? 159 LEU A CD2 1 
ATOM   1146 N  N   . SER A 1 161 ? 5.707   5.289   -6.776  1.00 40.82  ? 160 SER A N   1 
ATOM   1147 C  CA  . SER A 1 161 ? 6.356   4.898   -5.521  1.00 41.23  ? 160 SER A CA  1 
ATOM   1148 C  C   . SER A 1 161 ? 6.292   3.379   -5.251  1.00 42.33  ? 160 SER A C   1 
ATOM   1149 O  O   . SER A 1 161 ? 7.155   2.855   -4.578  1.00 43.69  ? 160 SER A O   1 
ATOM   1150 C  CB  . SER A 1 161 ? 5.836   5.732   -4.333  1.00 39.79  ? 160 SER A CB  1 
ATOM   1151 O  OG  . SER A 1 161 ? 4.487   5.499   -4.101  1.00 47.80  ? 160 SER A OG  1 
ATOM   1152 N  N   . HIS A 1 162 ? 5.304   2.686   -5.818  1.00 43.20  ? 161 HIS A N   1 
ATOM   1153 C  CA  . HIS A 1 162 ? 5.100   1.243   -5.602  1.00 44.44  ? 161 HIS A CA  1 
ATOM   1154 C  C   . HIS A 1 162 ? 5.453   0.298   -6.731  1.00 45.03  ? 161 HIS A C   1 
ATOM   1155 O  O   . HIS A 1 162 ? 5.458   -0.923  -6.488  1.00 44.60  ? 161 HIS A O   1 
ATOM   1156 C  CB  . HIS A 1 162 ? 3.676   1.010   -5.122  1.00 44.32  ? 161 HIS A CB  1 
ATOM   1157 C  CG  . HIS A 1 162 ? 3.425   1.642   -3.801  1.00 41.92  ? 161 HIS A CG  1 
ATOM   1158 N  ND1 . HIS A 1 162 ? 3.094   2.967   -3.674  1.00 50.59  ? 161 HIS A ND1 1 
ATOM   1159 C  CD2 . HIS A 1 162 ? 3.555   1.162   -2.544  1.00 51.16  ? 161 HIS A CD2 1 
ATOM   1160 C  CE1 . HIS A 1 162 ? 2.996   3.272   -2.394  1.00 47.41  ? 161 HIS A CE1 1 
ATOM   1161 N  NE2 . HIS A 1 162 ? 3.277   2.196   -1.685  1.00 39.44  ? 161 HIS A NE2 1 
ATOM   1162 N  N   . PHE A 1 163 ? 5.723   0.834   -7.932  1.00 40.93  ? 162 PHE A N   1 
ATOM   1163 C  CA  . PHE A 1 163 ? 6.177   0.042   -9.063  1.00 40.98  ? 162 PHE A CA  1 
ATOM   1164 C  C   . PHE A 1 163 ? 7.552   0.521   -9.485  1.00 41.90  ? 162 PHE A C   1 
ATOM   1165 O  O   . PHE A 1 163 ? 8.499   -0.261  -9.398  1.00 45.47  ? 162 PHE A O   1 
ATOM   1166 C  CB  . PHE A 1 163 ? 5.153   0.009   -10.207 1.00 38.19  ? 162 PHE A CB  1 
ATOM   1167 C  CG  . PHE A 1 163 ? 3.894   -0.754  -9.848  1.00 42.77  ? 162 PHE A CG  1 
ATOM   1168 C  CD1 . PHE A 1 163 ? 3.895   -2.150  -9.844  1.00 50.91  ? 162 PHE A CD1 1 
ATOM   1169 C  CD2 . PHE A 1 163 ? 2.729   -0.103  -9.482  1.00 39.77  ? 162 PHE A CD2 1 
ATOM   1170 C  CE1 . PHE A 1 163 ? 2.743   -2.883  -9.489  1.00 50.57  ? 162 PHE A CE1 1 
ATOM   1171 C  CE2 . PHE A 1 163 ? 1.581   -0.826  -9.145  1.00 41.47  ? 162 PHE A CE2 1 
ATOM   1172 C  CZ  . PHE A 1 163 ? 1.592   -2.218  -9.133  1.00 37.94  ? 162 PHE A CZ  1 
ATOM   1173 N  N   . TYR A 1 164 ? 7.694   1.804   -9.851  1.00 39.31  ? 163 TYR A N   1 
ATOM   1174 C  CA  . TYR A 1 164 ? 8.983   2.336   -10.309 1.00 37.27  ? 163 TYR A CA  1 
ATOM   1175 C  C   . TYR A 1 164 ? 10.096  2.252   -9.245  1.00 36.92  ? 163 TYR A C   1 
ATOM   1176 O  O   . TYR A 1 164 ? 11.199  1.863   -9.565  1.00 35.86  ? 163 TYR A O   1 
ATOM   1177 C  CB  . TYR A 1 164 ? 8.828   3.749   -10.934 1.00 37.76  ? 163 TYR A CB  1 
ATOM   1178 C  CG  . TYR A 1 164 ? 10.113  4.515   -11.132 1.00 37.44  ? 163 TYR A CG  1 
ATOM   1179 C  CD1 . TYR A 1 164 ? 11.005  4.194   -12.158 1.00 39.29  ? 163 TYR A CD1 1 
ATOM   1180 C  CD2 . TYR A 1 164 ? 10.457  5.551   -10.262 1.00 41.95  ? 163 TYR A CD2 1 
ATOM   1181 C  CE1 . TYR A 1 164 ? 12.199  4.896   -12.316 1.00 36.51  ? 163 TYR A CE1 1 
ATOM   1182 C  CE2 . TYR A 1 164 ? 11.656  6.251   -10.402 1.00 38.71  ? 163 TYR A CE2 1 
ATOM   1183 C  CZ  . TYR A 1 164 ? 12.505  5.928   -11.438 1.00 39.65  ? 163 TYR A CZ  1 
ATOM   1184 O  OH  . TYR A 1 164 ? 13.650  6.648   -11.564 1.00 39.40  ? 163 TYR A OH  1 
ATOM   1185 N  N   . LEU A 1 165 ? 9.800   2.577   -7.994  1.00 36.08  ? 164 LEU A N   1 
ATOM   1186 C  CA  . LEU A 1 165 ? 10.792  2.506   -6.911  1.00 39.00  ? 164 LEU A CA  1 
ATOM   1187 C  C   . LEU A 1 165 ? 10.985  1.092   -6.274  1.00 42.75  ? 164 LEU A C   1 
ATOM   1188 O  O   . LEU A 1 165 ? 11.752  0.965   -5.320  1.00 42.75  ? 164 LEU A O   1 
ATOM   1189 C  CB  . LEU A 1 165 ? 10.465  3.567   -5.837  1.00 40.41  ? 164 LEU A CB  1 
ATOM   1190 C  CG  . LEU A 1 165 ? 10.591  5.040   -6.232  1.00 38.98  ? 164 LEU A CG  1 
ATOM   1191 C  CD1 . LEU A 1 165 ? 10.168  5.935   -5.051  1.00 37.86  ? 164 LEU A CD1 1 
ATOM   1192 C  CD2 . LEU A 1 165 ? 12.016  5.380   -6.706  1.00 40.53  ? 164 LEU A CD2 1 
ATOM   1193 N  N   . ASP A 1 166 ? 10.315  0.056   -6.808  1.00 42.83  ? 165 ASP A N   1 
ATOM   1194 C  CA  . ASP A 1 166 ? 10.424  -1.316  -6.333  1.00 43.35  ? 165 ASP A CA  1 
ATOM   1195 C  C   . ASP A 1 166 ? 11.622  -1.990  -7.017  1.00 45.01  ? 165 ASP A C   1 
ATOM   1196 O  O   . ASP A 1 166 ? 11.506  -2.505  -8.141  1.00 41.67  ? 165 ASP A O   1 
ATOM   1197 C  CB  . ASP A 1 166 ? 9.108   -2.069  -6.591  1.00 43.86  ? 165 ASP A CB  1 
ATOM   1198 C  CG  . ASP A 1 166 ? 9.077   -3.484  -5.991  1.00 43.53  ? 165 ASP A CG  1 
ATOM   1199 O  OD1 . ASP A 1 166 ? 10.122  -4.016  -5.574  1.00 50.31  ? 165 ASP A OD1 1 
ATOM   1200 O  OD2 . ASP A 1 166 ? 7.987   -4.094  -5.996  1.00 50.14  ? 165 ASP A OD2 1 
ATOM   1201 N  N   . GLU A 1 167 ? 12.762  -2.028  -6.311  1.00 47.73  ? 166 GLU A N   1 
ATOM   1202 C  CA  . GLU A 1 167 ? 13.973  -2.631  -6.882  1.00 50.07  ? 166 GLU A CA  1 
ATOM   1203 C  C   . GLU A 1 167 ? 13.894  -4.114  -7.156  1.00 51.14  ? 166 GLU A C   1 
ATOM   1204 O  O   . GLU A 1 167 ? 14.560  -4.569  -8.072  1.00 52.41  ? 166 GLU A O   1 
ATOM   1205 C  CB  . GLU A 1 167 ? 15.251  -2.293  -6.116  1.00 51.97  ? 166 GLU A CB  1 
ATOM   1206 C  CG  . GLU A 1 167 ? 15.428  -2.744  -4.689  1.00 58.73  ? 166 GLU A CG  1 
ATOM   1207 C  CD  . GLU A 1 167 ? 16.911  -2.648  -4.277  1.00 66.49  ? 166 GLU A CD  1 
ATOM   1208 O  OE1 . GLU A 1 167 ? 17.710  -3.484  -4.759  1.00 72.08  ? 166 GLU A OE1 1 
ATOM   1209 O  OE2 . GLU A 1 167 ? 17.278  -1.747  -3.486  1.00 69.38  ? 166 GLU A OE2 1 
ATOM   1210 N  N   . ASP A 1 168 ? 13.081  -4.845  -6.394  1.00 50.97  ? 167 ASP A N   1 
ATOM   1211 C  CA  . ASP A 1 168 ? 12.847  -6.271  -6.649  1.00 54.72  ? 167 ASP A CA  1 
ATOM   1212 C  C   . ASP A 1 168 ? 11.993  -6.505  -7.901  1.00 53.66  ? 167 ASP A C   1 
ATOM   1213 O  O   . ASP A 1 168 ? 12.223  -7.502  -8.602  1.00 54.42  ? 167 ASP A O   1 
ATOM   1214 C  CB  . ASP A 1 168 ? 12.188  -6.977  -5.443  1.00 57.50  ? 167 ASP A CB  1 
ATOM   1215 C  CG  . ASP A 1 168 ? 13.126  -7.117  -4.232  1.00 65.65  ? 167 ASP A CG  1 
ATOM   1216 O  OD1 . ASP A 1 168 ? 14.345  -6.806  -4.305  1.00 76.19  ? 167 ASP A OD1 1 
ATOM   1217 O  OD2 . ASP A 1 168 ? 12.625  -7.580  -3.187  1.00 76.44  ? 167 ASP A OD2 1 
ATOM   1218 N  N   . LEU A 1 169 ? 11.013  -5.624  -8.176  1.00 50.35  ? 168 LEU A N   1 
ATOM   1219 C  CA  . LEU A 1 169 ? 10.196  -5.752  -9.397  1.00 47.64  ? 168 LEU A CA  1 
ATOM   1220 C  C   . LEU A 1 169 ? 11.103  -5.662  -10.637 1.00 47.53  ? 168 LEU A C   1 
ATOM   1221 O  O   . LEU A 1 169 ? 11.145  -6.602  -11.451 1.00 48.35  ? 168 LEU A O   1 
ATOM   1222 C  CB  . LEU A 1 169 ? 9.078   -4.701  -9.462  1.00 47.50  ? 168 LEU A CB  1 
ATOM   1223 C  CG  . LEU A 1 169 ? 8.206   -4.652  -10.736 1.00 43.75  ? 168 LEU A CG  1 
ATOM   1224 C  CD1 . LEU A 1 169 ? 7.467   -5.974  -10.927 1.00 46.11  ? 168 LEU A CD1 1 
ATOM   1225 C  CD2 . LEU A 1 169 ? 7.228   -3.479  -10.717 1.00 42.40  ? 168 LEU A CD2 1 
ATOM   1226 N  N   . PHE A 1 170 ? 11.860  -4.568  -10.735 1.00 45.07  ? 169 PHE A N   1 
ATOM   1227 C  CA  . PHE A 1 170 ? 12.738  -4.311  -11.883 1.00 46.31  ? 169 PHE A CA  1 
ATOM   1228 C  C   . PHE A 1 170 ? 14.165  -4.850  -11.813 1.00 47.90  ? 169 PHE A C   1 
ATOM   1229 O  O   . PHE A 1 170 ? 14.893  -4.756  -12.806 1.00 46.87  ? 169 PHE A O   1 
ATOM   1230 C  CB  . PHE A 1 170 ? 12.789  -2.804  -12.139 1.00 46.09  ? 169 PHE A CB  1 
ATOM   1231 C  CG  . PHE A 1 170 ? 11.505  -2.252  -12.660 1.00 43.00  ? 169 PHE A CG  1 
ATOM   1232 C  CD1 . PHE A 1 170 ? 11.206  -2.379  -14.012 1.00 40.60  ? 169 PHE A CD1 1 
ATOM   1233 C  CD2 . PHE A 1 170 ? 10.577  -1.632  -11.814 1.00 44.45  ? 169 PHE A CD2 1 
ATOM   1234 C  CE1 . PHE A 1 170 ? 10.004  -1.893  -14.533 1.00 42.50  ? 169 PHE A CE1 1 
ATOM   1235 C  CE2 . PHE A 1 170 ? 9.374   -1.134  -12.333 1.00 47.39  ? 169 PHE A CE2 1 
ATOM   1236 C  CZ  . PHE A 1 170 ? 9.091   -1.273  -13.705 1.00 46.22  ? 169 PHE A CZ  1 
ATOM   1237 N  N   . LYS A 1 171 ? 14.551  -5.425  -10.671 1.00 48.55  ? 170 LYS A N   1 
ATOM   1238 C  CA  . LYS A 1 171 ? 15.915  -5.898  -10.428 1.00 49.97  ? 170 LYS A CA  1 
ATOM   1239 C  C   . LYS A 1 171 ? 16.898  -4.732  -10.622 1.00 50.56  ? 170 LYS A C   1 
ATOM   1240 O  O   . LYS A 1 171 ? 17.934  -4.871  -11.291 1.00 51.94  ? 170 LYS A O   1 
ATOM   1241 C  CB  . LYS A 1 171 ? 16.236  -7.140  -11.279 1.00 50.17  ? 170 LYS A CB  1 
ATOM   1242 C  CG  . LYS A 1 171 ? 15.297  -8.317  -11.024 1.00 51.94  ? 170 LYS A CG  1 
ATOM   1243 C  CD  . LYS A 1 171 ? 15.510  -9.418  -12.056 1.00 60.57  ? 170 LYS A CD  1 
ATOM   1244 N  N   . TRP A 1 172 ? 16.537  -3.570  -10.060 1.00 50.43  ? 171 TRP A N   1 
ATOM   1245 C  CA  . TRP A 1 172 ? 17.369  -2.374  -10.150 1.00 50.61  ? 171 TRP A CA  1 
ATOM   1246 C  C   . TRP A 1 172 ? 18.615  -2.592  -9.291  1.00 52.19  ? 171 TRP A C   1 
ATOM   1247 O  O   . TRP A 1 172 ? 18.537  -3.261  -8.263  1.00 52.84  ? 171 TRP A O   1 
ATOM   1248 C  CB  . TRP A 1 172 ? 16.664  -1.098  -9.626  1.00 49.17  ? 171 TRP A CB  1 
ATOM   1249 C  CG  . TRP A 1 172 ? 15.423  -0.569  -10.349 1.00 49.46  ? 171 TRP A CG  1 
ATOM   1250 C  CD1 . TRP A 1 172 ? 14.278  -0.094  -9.757  1.00 46.40  ? 171 TRP A CD1 1 
ATOM   1251 C  CD2 . TRP A 1 172 ? 15.228  -0.412  -11.775 1.00 44.49  ? 171 TRP A CD2 1 
ATOM   1252 N  NE1 . TRP A 1 172 ? 13.387  0.339   -10.721 1.00 46.45  ? 171 TRP A NE1 1 
ATOM   1253 C  CE2 . TRP A 1 172 ? 13.945  0.173   -11.963 1.00 48.97  ? 171 TRP A CE2 1 
ATOM   1254 C  CE3 . TRP A 1 172 ? 16.022  -0.684  -12.913 1.00 45.16  ? 171 TRP A CE3 1 
ATOM   1255 C  CZ2 . TRP A 1 172 ? 13.412  0.446   -13.244 1.00 45.60  ? 171 TRP A CZ2 1 
ATOM   1256 C  CZ3 . TRP A 1 172 ? 15.492  -0.410  -14.186 1.00 47.25  ? 171 TRP A CZ3 1 
ATOM   1257 C  CH2 . TRP A 1 172 ? 14.189  0.141   -14.336 1.00 43.71  ? 171 TRP A CH2 1 
ATOM   1258 N  N   . LYS A 1 173 ? 19.737  -2.006  -9.697  1.00 53.77  ? 172 LYS A N   1 
ATOM   1259 C  CA  . LYS A 1 173 ? 20.984  -2.095  -8.921  1.00 56.58  ? 172 LYS A CA  1 
ATOM   1260 C  C   . LYS A 1 173 ? 20.852  -1.213  -7.673  1.00 57.90  ? 172 LYS A C   1 
ATOM   1261 O  O   . LYS A 1 173 ? 20.328  -0.092  -7.769  1.00 58.38  ? 172 LYS A O   1 
ATOM   1262 C  CB  . LYS A 1 173 ? 22.197  -1.619  -9.721  1.00 56.50  ? 172 LYS A CB  1 
ATOM   1263 C  CG  . LYS A 1 173 ? 22.474  -2.343  -11.027 1.00 60.04  ? 172 LYS A CG  1 
ATOM   1264 C  CD  . LYS A 1 173 ? 23.710  -1.739  -11.674 1.00 64.05  ? 172 LYS A CD  1 
ATOM   1265 C  CE  . LYS A 1 173 ? 23.998  -2.315  -13.050 1.00 68.22  ? 172 LYS A CE  1 
ATOM   1266 N  NZ  . LYS A 1 173 ? 25.222  -1.678  -13.643 1.00 67.74  ? 172 LYS A NZ  1 
ATOM   1267 N  N   . LYS A 1 174 ? 21.370  -1.704  -6.539  1.00 58.14  ? 173 LYS A N   1 
ATOM   1268 C  CA  A LYS A 1 174 ? 21.338  -1.000  -5.235  0.50 58.03  ? 173 LYS A CA  1 
ATOM   1269 C  CA  B LYS A 1 174 ? 21.271  -0.982  -5.260  0.50 57.87  ? 173 LYS A CA  1 
ATOM   1270 C  C   . LYS A 1 174 ? 21.969  0.383   -5.331  1.00 57.46  ? 173 LYS A C   1 
ATOM   1271 O  O   . LYS A 1 174 ? 21.509  1.327   -4.693  1.00 57.34  ? 173 LYS A O   1 
ATOM   1272 C  CB  A LYS A 1 174 ? 22.101  -1.803  -4.164  0.50 58.33  ? 173 LYS A CB  1 
ATOM   1273 C  CB  B LYS A 1 174 ? 21.776  -1.830  -4.071  0.50 58.17  ? 173 LYS A CB  1 
ATOM   1274 C  CG  A LYS A 1 174 ? 22.040  -1.243  -2.714  0.50 59.05  ? 173 LYS A CG  1 
ATOM   1275 C  CG  B LYS A 1 174 ? 21.231  -3.283  -4.053  0.50 57.69  ? 173 LYS A CG  1 
ATOM   1276 C  CD  A LYS A 1 174 ? 23.104  -1.860  -1.798  0.50 61.42  ? 173 LYS A CD  1 
ATOM   1277 C  CD  B LYS A 1 174 ? 21.094  -3.896  -2.662  0.50 59.44  ? 173 LYS A CD  1 
ATOM   1278 C  CE  A LYS A 1 174 ? 24.501  -1.306  -2.077  0.50 58.68  ? 173 LYS A CE  1 
ATOM   1279 C  CE  B LYS A 1 174 ? 19.856  -3.358  -1.936  0.50 59.61  ? 173 LYS A CE  1 
ATOM   1280 N  NZ  A LYS A 1 174 ? 25.497  -1.866  -1.144  0.50 55.96  ? 173 LYS A NZ  1 
ATOM   1281 N  NZ  B LYS A 1 174 ? 19.602  -4.057  -0.655  0.50 61.95  ? 173 LYS A NZ  1 
ATOM   1282 N  N   . GLU A 1 175 ? 23.049  0.486   -6.118  1.00 57.94  ? 174 GLU A N   1 
ATOM   1283 C  CA  . GLU A 1 175 ? 23.754  1.764   -6.301  1.00 58.79  ? 174 GLU A CA  1 
ATOM   1284 C  C   . GLU A 1 175 ? 23.006  2.773   -7.191  1.00 57.42  ? 174 GLU A C   1 
ATOM   1285 O  O   . GLU A 1 175 ? 23.417  3.937   -7.246  1.00 56.65  ? 174 GLU A O   1 
ATOM   1286 C  CB  . GLU A 1 175 ? 25.211  1.600   -6.786  1.00 60.50  ? 174 GLU A CB  1 
ATOM   1287 C  CG  . GLU A 1 175 ? 25.465  1.030   -8.201  1.00 67.10  ? 174 GLU A CG  1 
ATOM   1288 C  CD  . GLU A 1 175 ? 25.756  -0.471  -8.233  1.00 72.97  ? 174 GLU A CD  1 
ATOM   1289 O  OE1 . GLU A 1 175 ? 25.132  -1.246  -7.471  1.00 72.69  ? 174 GLU A OE1 1 
ATOM   1290 O  OE2 . GLU A 1 175 ? 26.624  -0.866  -9.047  1.00 78.02  ? 174 GLU A OE2 1 
ATOM   1291 N  N   . ASP A 1 176 ? 21.956  2.331   -7.899  1.00 55.67  ? 175 ASP A N   1 
ATOM   1292 C  CA  . ASP A 1 176 ? 21.115  3.215   -8.730  1.00 53.91  ? 175 ASP A CA  1 
ATOM   1293 C  C   . ASP A 1 176 ? 19.889  3.774   -7.994  1.00 52.08  ? 175 ASP A C   1 
ATOM   1294 O  O   . ASP A 1 176 ? 19.277  4.712   -8.484  1.00 50.11  ? 175 ASP A O   1 
ATOM   1295 C  CB  . ASP A 1 176 ? 20.647  2.494   -10.012 1.00 54.95  ? 175 ASP A CB  1 
ATOM   1296 C  CG  . ASP A 1 176 ? 21.779  2.237   -11.010 1.00 55.93  ? 175 ASP A CG  1 
ATOM   1297 O  OD1 . ASP A 1 176 ? 22.668  3.094   -11.173 1.00 59.44  ? 175 ASP A OD1 1 
ATOM   1298 O  OD2 . ASP A 1 176 ? 21.757  1.182   -11.675 1.00 61.32  ? 175 ASP A OD2 1 
HETATM 1299 N  N   . MSE A 1 177 ? 19.555  3.233   -6.821  1.00 51.79  ? 176 MSE A N   1 
HETATM 1300 C  CA  . MSE A 1 177 ? 18.350  3.644   -6.076  1.00 51.65  ? 176 MSE A CA  1 
HETATM 1301 C  C   . MSE A 1 177 ? 18.321  5.094   -5.616  1.00 50.47  ? 176 MSE A C   1 
HETATM 1302 O  O   . MSE A 1 177 ? 17.255  5.683   -5.524  1.00 49.58  ? 176 MSE A O   1 
HETATM 1303 C  CB  . MSE A 1 177 ? 18.099  2.708   -4.875  1.00 50.94  ? 176 MSE A CB  1 
HETATM 1304 C  CG  . MSE A 1 177 ? 17.816  1.257   -5.269  1.00 56.00  ? 176 MSE A CG  1 
HETATM 1305 SE SE  . MSE A 1 177 ? 16.380  1.106   -6.609  0.75 59.67  ? 176 MSE A SE  1 
HETATM 1306 C  CE  . MSE A 1 177 ? 14.881  1.927   -5.616  1.00 53.53  ? 176 MSE A CE  1 
ATOM   1307 N  N   . SER A 1 178 ? 19.494  5.646   -5.321  1.00 50.69  ? 177 SER A N   1 
ATOM   1308 C  CA  . SER A 1 178 ? 19.636  7.042   -4.922  1.00 49.56  ? 177 SER A CA  1 
ATOM   1309 C  C   . SER A 1 178 ? 19.189  7.974   -6.056  1.00 47.46  ? 177 SER A C   1 
ATOM   1310 O  O   . SER A 1 178 ? 18.486  8.956   -5.797  1.00 48.40  ? 177 SER A O   1 
ATOM   1311 C  CB  . SER A 1 178 ? 21.091  7.307   -4.492  1.00 50.30  ? 177 SER A CB  1 
ATOM   1312 O  OG  . SER A 1 178 ? 21.282  8.646   -4.088  1.00 57.96  ? 177 SER A OG  1 
ATOM   1313 N  N   . LEU A 1 179 ? 19.582  7.661   -7.295  1.00 45.29  ? 178 LEU A N   1 
ATOM   1314 C  CA  . LEU A 1 179 ? 19.170  8.450   -8.472  1.00 45.42  ? 178 LEU A CA  1 
ATOM   1315 C  C   . LEU A 1 179 ? 17.650  8.336   -8.767  1.00 44.10  ? 178 LEU A C   1 
ATOM   1316 O  O   . LEU A 1 179 ? 17.029  9.302   -9.221  1.00 42.90  ? 178 LEU A O   1 
ATOM   1317 C  CB  . LEU A 1 179 ? 19.985  8.082   -9.726  1.00 46.06  ? 178 LEU A CB  1 
ATOM   1318 C  CG  . LEU A 1 179 ? 19.647  8.837   -11.045 1.00 49.51  ? 178 LEU A CG  1 
ATOM   1319 C  CD1 . LEU A 1 179 ? 19.573  10.361  -10.885 1.00 45.85  ? 178 LEU A CD1 1 
ATOM   1320 C  CD2 . LEU A 1 179 ? 20.631  8.477   -12.160 1.00 52.69  ? 178 LEU A CD2 1 
ATOM   1321 N  N   . LYS A 1 180 ? 17.079  7.166   -8.500  1.00 42.62  ? 179 LYS A N   1 
ATOM   1322 C  CA  . LYS A 1 180 ? 15.655  6.921   -8.706  1.00 44.67  ? 179 LYS A CA  1 
ATOM   1323 C  C   . LYS A 1 180 ? 14.797  7.714   -7.734  1.00 45.87  ? 179 LYS A C   1 
ATOM   1324 O  O   . LYS A 1 180 ? 13.734  8.216   -8.113  1.00 43.27  ? 179 LYS A O   1 
ATOM   1325 C  CB  . LYS A 1 180 ? 15.337  5.425   -8.640  1.00 46.43  ? 179 LYS A CB  1 
ATOM   1326 C  CG  . LYS A 1 180 ? 16.074  4.696   -9.759  1.00 49.46  ? 179 LYS A CG  1 
ATOM   1327 C  CD  . LYS A 1 180 ? 15.640  3.309   -10.050 1.00 49.19  ? 179 LYS A CD  1 
ATOM   1328 C  CE  . LYS A 1 180 ? 16.545  2.755   -11.172 1.00 50.54  ? 179 LYS A CE  1 
ATOM   1329 N  NZ  . LYS A 1 180 ? 16.092  3.206   -12.480 1.00 48.59  ? 179 LYS A NZ  1 
ATOM   1330 N  N   . LEU A 1 181 ? 15.268  7.829   -6.492  1.00 47.21  ? 180 LEU A N   1 
ATOM   1331 C  CA  . LEU A 1 181 ? 14.587  8.622   -5.467  1.00 48.13  ? 180 LEU A CA  1 
ATOM   1332 C  C   . LEU A 1 181 ? 14.659  10.101  -5.821  1.00 45.37  ? 180 LEU A C   1 
ATOM   1333 O  O   . LEU A 1 181 ? 13.677  10.815  -5.685  1.00 44.27  ? 180 LEU A O   1 
ATOM   1334 C  CB  . LEU A 1 181 ? 15.184  8.356   -4.076  1.00 49.43  ? 180 LEU A CB  1 
ATOM   1335 C  CG  . LEU A 1 181 ? 14.414  8.897   -2.869  1.00 58.54  ? 180 LEU A CG  1 
ATOM   1336 C  CD1 . LEU A 1 181 ? 12.944  8.422   -2.860  1.00 56.20  ? 180 LEU A CD1 1 
ATOM   1337 C  CD2 . LEU A 1 181 ? 15.131  8.475   -1.573  1.00 60.17  ? 180 LEU A CD2 1 
ATOM   1338 N  N   . THR A 1 182 ? 15.823  10.546  -6.290  1.00 44.19  ? 181 THR A N   1 
ATOM   1339 C  CA  . THR A 1 182 ? 16.007  11.913  -6.758  1.00 42.82  ? 181 THR A CA  1 
ATOM   1340 C  C   . THR A 1 182 ? 15.092  12.194  -7.945  1.00 43.41  ? 181 THR A C   1 
ATOM   1341 O  O   . THR A 1 182 ? 14.417  13.216  -7.949  1.00 41.83  ? 181 THR A O   1 
ATOM   1342 C  CB  . THR A 1 182 ? 17.466  12.163  -7.159  1.00 43.26  ? 181 THR A CB  1 
ATOM   1343 O  OG1 . THR A 1 182 ? 18.290  12.014  -6.000  1.00 48.38  ? 181 THR A OG1 1 
ATOM   1344 C  CG2 . THR A 1 182 ? 17.670  13.543  -7.771  1.00 41.55  ? 181 THR A CG2 1 
ATOM   1345 N  N   . ALA A 1 183 ? 15.079  11.287  -8.933  1.00 41.78  ? 182 ALA A N   1 
ATOM   1346 C  CA  . ALA A 1 183 ? 14.222  11.416  -10.130 1.00 40.61  ? 182 ALA A CA  1 
ATOM   1347 C  C   . ALA A 1 183 ? 12.738  11.388  -9.757  1.00 39.63  ? 182 ALA A C   1 
ATOM   1348 O  O   . ALA A 1 183 ? 11.926  12.100  -10.353 1.00 41.37  ? 182 ALA A O   1 
ATOM   1349 C  CB  . ALA A 1 183 ? 14.545  10.324  -11.164 1.00 38.34  ? 182 ALA A CB  1 
ATOM   1350 N  N   . PHE A 1 184 ? 12.382  10.550  -8.787  1.00 40.42  ? 183 PHE A N   1 
ATOM   1351 C  CA  . PHE A 1 184 ? 11.004  10.507  -8.257  1.00 39.34  ? 183 PHE A CA  1 
ATOM   1352 C  C   . PHE A 1 184 ? 10.592  11.881  -7.647  1.00 41.04  ? 183 PHE A C   1 
ATOM   1353 O  O   . PHE A 1 184 ? 9.489   12.381  -7.912  1.00 42.03  ? 183 PHE A O   1 
ATOM   1354 C  CB  . PHE A 1 184 ? 10.879  9.395   -7.214  1.00 38.12  ? 183 PHE A CB  1 
ATOM   1355 C  CG  . PHE A 1 184 ? 9.582   9.400   -6.484  1.00 37.88  ? 183 PHE A CG  1 
ATOM   1356 C  CD1 . PHE A 1 184 ? 8.438   8.870   -7.079  1.00 39.09  ? 183 PHE A CD1 1 
ATOM   1357 C  CD2 . PHE A 1 184 ? 9.489   9.945   -5.204  1.00 42.15  ? 183 PHE A CD2 1 
ATOM   1358 C  CE1 . PHE A 1 184 ? 7.192   8.869   -6.411  1.00 40.84  ? 183 PHE A CE1 1 
ATOM   1359 C  CE2 . PHE A 1 184 ? 8.256   9.963   -4.526  1.00 39.52  ? 183 PHE A CE2 1 
ATOM   1360 C  CZ  . PHE A 1 184 ? 7.103   9.423   -5.137  1.00 38.75  ? 183 PHE A CZ  1 
ATOM   1361 N  N   . LYS A 1 185 ? 11.464  12.464  -6.827  1.00 41.87  ? 184 LYS A N   1 
ATOM   1362 C  CA  . LYS A 1 185 ? 11.195  13.778  -6.194  1.00 44.15  ? 184 LYS A CA  1 
ATOM   1363 C  C   . LYS A 1 185 ? 11.047  14.898  -7.225  1.00 42.60  ? 184 LYS A C   1 
ATOM   1364 O  O   . LYS A 1 185 ? 10.170  15.755  -7.104  1.00 41.31  ? 184 LYS A O   1 
ATOM   1365 C  CB  . LYS A 1 185 ? 12.275  14.141  -5.149  1.00 45.30  ? 184 LYS A CB  1 
ATOM   1366 C  CG  . LYS A 1 185 ? 12.205  13.287  -3.840  1.00 58.67  ? 184 LYS A CG  1 
ATOM   1367 C  CD  . LYS A 1 185 ? 13.382  13.595  -2.848  1.00 67.23  ? 184 LYS A CD  1 
ATOM   1368 C  CE  . LYS A 1 185 ? 13.314  12.729  -1.563  1.00 71.32  ? 184 LYS A CE  1 
ATOM   1369 N  NZ  . LYS A 1 185 ? 14.383  13.059  -0.524  1.00 70.63  ? 184 LYS A NZ  1 
ATOM   1370 N  N   . GLU A 1 186 ? 11.914  14.868  -8.232  1.00 42.23  ? 185 GLU A N   1 
ATOM   1371 C  CA  . GLU A 1 186 ? 11.879  15.796  -9.363  1.00 44.47  ? 185 GLU A CA  1 
ATOM   1372 C  C   . GLU A 1 186 ? 10.518  15.704  -10.089 1.00 43.03  ? 185 GLU A C   1 
ATOM   1373 O  O   . GLU A 1 186 ? 9.884   16.730  -10.382 1.00 41.06  ? 185 GLU A O   1 
ATOM   1374 C  CB  . GLU A 1 186 ? 13.037  15.455  -10.319 1.00 46.09  ? 185 GLU A CB  1 
ATOM   1375 C  CG  . GLU A 1 186 ? 13.106  16.212  -11.649 1.00 51.56  ? 185 GLU A CG  1 
ATOM   1376 C  CD  . GLU A 1 186 ? 13.487  17.682  -11.512 1.00 58.40  ? 185 GLU A CD  1 
ATOM   1377 O  OE1 . GLU A 1 186 ? 13.978  18.110  -10.435 1.00 63.60  ? 185 GLU A OE1 1 
ATOM   1378 O  OE2 . GLU A 1 186 ? 13.317  18.399  -12.520 1.00 54.99  ? 185 GLU A OE2 1 
ATOM   1379 N  N   . THR A 1 187 ? 10.087  14.474  -10.350 1.00 40.25  ? 186 THR A N   1 
ATOM   1380 C  CA  . THR A 1 187 ? 8.813   14.193  -11.019 1.00 40.61  ? 186 THR A CA  1 
ATOM   1381 C  C   . THR A 1 187 ? 7.665   14.710  -10.169 1.00 39.25  ? 186 THR A C   1 
ATOM   1382 O  O   . THR A 1 187 ? 6.803   15.380  -10.678 1.00 37.25  ? 186 THR A O   1 
ATOM   1383 C  CB  . THR A 1 187 ? 8.639   12.678  -11.290 1.00 41.84  ? 186 THR A CB  1 
ATOM   1384 O  OG1 . THR A 1 187 ? 9.708   12.232  -12.142 1.00 43.16  ? 186 THR A OG1 1 
ATOM   1385 C  CG2 . THR A 1 187 ? 7.291   12.367  -11.944 1.00 38.07  ? 186 THR A CG2 1 
ATOM   1386 N  N   . LEU A 1 188 ? 7.718   14.443  -8.867  1.00 40.51  ? 187 LEU A N   1 
ATOM   1387 C  CA  A LEU A 1 188 ? 6.689   14.897  -7.922  0.50 39.46  ? 187 LEU A CA  1 
ATOM   1388 C  CA  B LEU A 1 188 ? 6.684   14.924  -7.940  0.50 40.18  ? 187 LEU A CA  1 
ATOM   1389 C  C   . LEU A 1 188 ? 6.564   16.435  -7.998  1.00 39.80  ? 187 LEU A C   1 
ATOM   1390 O  O   . LEU A 1 188 ? 5.460   16.971  -8.095  1.00 40.29  ? 187 LEU A O   1 
ATOM   1391 C  CB  A LEU A 1 188 ? 7.024   14.394  -6.500  0.50 38.37  ? 187 LEU A CB  1 
ATOM   1392 C  CB  B LEU A 1 188 ? 6.932   14.475  -6.492  0.50 40.14  ? 187 LEU A CB  1 
ATOM   1393 C  CG  A LEU A 1 188 ? 6.032   14.491  -5.339  0.50 37.07  ? 187 LEU A CG  1 
ATOM   1394 C  CG  B LEU A 1 188 ? 6.552   13.056  -6.100  0.50 40.76  ? 187 LEU A CG  1 
ATOM   1395 C  CD1 A LEU A 1 188 ? 4.787   13.712  -5.634  0.50 30.55  ? 187 LEU A CD1 1 
ATOM   1396 C  CD1 B LEU A 1 188 ? 6.772   12.884  -4.611  0.50 47.01  ? 187 LEU A CD1 1 
ATOM   1397 C  CD2 A LEU A 1 188 ? 6.679   13.953  -4.069  0.50 35.47  ? 187 LEU A CD2 1 
ATOM   1398 C  CD2 B LEU A 1 188 ? 5.123   12.809  -6.385  0.50 41.35  ? 187 LEU A CD2 1 
ATOM   1399 N  N   . ILE A 1 189 ? 7.698   17.120  -7.987  1.00 41.59  ? 188 ILE A N   1 
ATOM   1400 C  CA  . ILE A 1 189 ? 7.739   18.592  -8.081  1.00 42.39  ? 188 ILE A CA  1 
ATOM   1401 C  C   . ILE A 1 189 ? 7.072   19.095  -9.366  1.00 42.04  ? 188 ILE A C   1 
ATOM   1402 O  O   . ILE A 1 189 ? 6.264   20.026  -9.302  1.00 41.74  ? 188 ILE A O   1 
ATOM   1403 C  CB  . ILE A 1 189 ? 9.200   19.137  -7.904  1.00 44.62  ? 188 ILE A CB  1 
ATOM   1404 C  CG1 . ILE A 1 189 ? 9.598   19.003  -6.435  1.00 46.72  ? 188 ILE A CG1 1 
ATOM   1405 C  CG2 . ILE A 1 189 ? 9.347   20.615  -8.328  1.00 43.22  ? 188 ILE A CG2 1 
ATOM   1406 C  CD1 . ILE A 1 189 ? 11.053  19.126  -6.187  1.00 50.89  ? 188 ILE A CD1 1 
ATOM   1407 N  N   . LYS A 1 190 ? 7.375   18.462  -10.502 1.00 41.15  ? 189 LYS A N   1 
ATOM   1408 C  CA  . LYS A 1 190 ? 6.790   18.862  -11.791 1.00 40.52  ? 189 LYS A CA  1 
ATOM   1409 C  C   . LYS A 1 190 ? 5.295   18.625  -11.863 1.00 38.76  ? 189 LYS A C   1 
ATOM   1410 O  O   . LYS A 1 190 ? 4.544   19.507  -12.290 1.00 39.16  ? 189 LYS A O   1 
ATOM   1411 C  CB  . LYS A 1 190 ? 7.462   18.121  -12.963 1.00 39.37  ? 189 LYS A CB  1 
ATOM   1412 C  CG  . LYS A 1 190 ? 8.942   18.443  -13.176 1.00 45.80  ? 189 LYS A CG  1 
ATOM   1413 C  CD  . LYS A 1 190 ? 9.166   19.894  -13.512 1.00 51.24  ? 189 LYS A CD  1 
ATOM   1414 C  CE  . LYS A 1 190 ? 10.643  20.243  -13.595 1.00 58.20  ? 189 LYS A CE  1 
ATOM   1415 N  NZ  . LYS A 1 190 ? 10.804  21.726  -13.743 1.00 52.04  ? 189 LYS A NZ  1 
ATOM   1416 N  N   . ILE A 1 191 ? 4.873   17.441  -11.427 1.00 38.77  ? 190 ILE A N   1 
ATOM   1417 C  CA  A ILE A 1 191 ? 3.475   16.991  -11.436 0.50 40.71  ? 190 ILE A CA  1 
ATOM   1418 C  CA  B ILE A 1 191 ? 3.453   17.103  -11.561 0.50 40.26  ? 190 ILE A CA  1 
ATOM   1419 C  C   . ILE A 1 191 ? 2.568   17.854  -10.543 1.00 40.41  ? 190 ILE A C   1 
ATOM   1420 O  O   . ILE A 1 191 ? 1.407   18.137  -10.872 1.00 41.42  ? 190 ILE A O   1 
ATOM   1421 C  CB  A ILE A 1 191 ? 3.386   15.480  -10.966 0.50 41.19  ? 190 ILE A CB  1 
ATOM   1422 C  CB  B ILE A 1 191 ? 3.188   15.568  -11.719 0.50 40.90  ? 190 ILE A CB  1 
ATOM   1423 C  CG1 A ILE A 1 191 ? 3.941   14.533  -12.045 0.50 45.76  ? 190 ILE A CG1 1 
ATOM   1424 C  CG1 B ILE A 1 191 ? 3.337   14.775  -10.413 0.50 39.30  ? 190 ILE A CG1 1 
ATOM   1425 C  CG2 A ILE A 1 191 ? 1.955   15.086  -10.619 0.50 39.11  ? 190 ILE A CG2 1 
ATOM   1426 C  CG2 B ILE A 1 191 ? 4.099   15.010  -12.838 0.50 41.20  ? 190 ILE A CG2 1 
ATOM   1427 C  CD1 A ILE A 1 191 ? 3.929   13.014  -11.643 0.50 38.65  ? 190 ILE A CD1 1 
ATOM   1428 C  CD1 B ILE A 1 191 ? 3.024   13.262  -10.597 0.50 34.82  ? 190 ILE A CD1 1 
ATOM   1429 N  N   . LEU A 1 192 ? 3.107   18.220  -9.380  1.00 37.96  ? 191 LEU A N   1 
ATOM   1430 C  CA  . LEU A 1 192 ? 2.389   19.017  -8.384  1.00 38.34  ? 191 LEU A CA  1 
ATOM   1431 C  C   . LEU A 1 192 ? 2.447   20.522  -8.639  1.00 38.02  ? 191 LEU A C   1 
ATOM   1432 O  O   . LEU A 1 192 ? 1.657   21.279  -8.065  1.00 38.44  ? 191 LEU A O   1 
ATOM   1433 C  CB  . LEU A 1 192 ? 2.944   18.752  -6.983  1.00 39.87  ? 191 LEU A CB  1 
ATOM   1434 C  CG  . LEU A 1 192 ? 2.790   17.343  -6.391  1.00 38.17  ? 191 LEU A CG  1 
ATOM   1435 C  CD1 . LEU A 1 192 ? 3.564   17.267  -5.065  1.00 37.58  ? 191 LEU A CD1 1 
ATOM   1436 C  CD2 . LEU A 1 192 ? 1.362   17.022  -6.205  1.00 35.13  ? 191 LEU A CD2 1 
ATOM   1437 N  N   . ASP A 1 193 ? 3.363   20.940  -9.507  1.00 39.12  ? 192 ASP A N   1 
ATOM   1438 C  CA  . ASP A 1 193 ? 3.707   22.348  -9.732  1.00 39.58  ? 192 ASP A CA  1 
ATOM   1439 C  C   . ASP A 1 193 ? 4.072   22.998  -8.386  1.00 39.85  ? 192 ASP A C   1 
ATOM   1440 O  O   . ASP A 1 193 ? 3.604   24.072  -8.043  1.00 39.46  ? 192 ASP A O   1 
ATOM   1441 C  CB  . ASP A 1 193 ? 2.591   23.064  -10.487 1.00 42.36  ? 192 ASP A CB  1 
ATOM   1442 C  CG  . ASP A 1 193 ? 3.016   24.415  -11.061 1.00 47.54  ? 192 ASP A CG  1 
ATOM   1443 O  OD1 . ASP A 1 193 ? 4.163   24.871  -10.847 1.00 43.98  ? 192 ASP A OD1 1 
ATOM   1444 O  OD2 . ASP A 1 193 ? 2.157   25.018  -11.727 1.00 50.71  ? 192 ASP A OD2 1 
ATOM   1445 N  N   . ALA A 1 194 ? 4.921   22.308  -7.630  1.00 39.40  ? 193 ALA A N   1 
ATOM   1446 C  CA  . ALA A 1 194 ? 5.371   22.747  -6.306  1.00 38.88  ? 193 ALA A CA  1 
ATOM   1447 C  C   . ALA A 1 194 ? 6.708   23.447  -6.429  1.00 41.79  ? 193 ALA A C   1 
ATOM   1448 O  O   . ALA A 1 194 ? 7.381   23.340  -7.451  1.00 43.02  ? 193 ALA A O   1 
ATOM   1449 C  CB  . ALA A 1 194 ? 5.502   21.555  -5.379  1.00 36.88  ? 193 ALA A CB  1 
ATOM   1450 N  N   . ASP A 1 195 ? 7.069   24.184  -5.382  1.00 44.11  ? 194 ASP A N   1 
ATOM   1451 C  CA  . ASP A 1 195 ? 8.373   24.846  -5.287  1.00 46.33  ? 194 ASP A CA  1 
ATOM   1452 C  C   . ASP A 1 195 ? 9.484   23.806  -5.243  1.00 45.21  ? 194 ASP A C   1 
ATOM   1453 O  O   . ASP A 1 195 ? 9.316   22.737  -4.666  1.00 42.06  ? 194 ASP A O   1 
ATOM   1454 C  CB  . ASP A 1 195 ? 8.443   25.753  -4.053  1.00 47.26  ? 194 ASP A CB  1 
ATOM   1455 C  CG  . ASP A 1 195 ? 7.569   26.995  -4.183  1.00 52.19  ? 194 ASP A CG  1 
ATOM   1456 O  OD1 . ASP A 1 195 ? 7.128   27.342  -5.311  1.00 63.10  ? 194 ASP A OD1 1 
ATOM   1457 O  OD2 . ASP A 1 195 ? 7.343   27.640  -3.145  1.00 65.35  ? 194 ASP A OD2 1 
ATOM   1458 N  N   . GLU A 1 196 ? 10.615  24.138  -5.850  1.00 47.03  ? 195 GLU A N   1 
ATOM   1459 C  CA  . GLU A 1 196 ? 11.744  23.189  -5.976  1.00 52.33  ? 195 GLU A CA  1 
ATOM   1460 C  C   . GLU A 1 196 ? 12.352  22.693  -4.644  1.00 50.74  ? 195 GLU A C   1 
ATOM   1461 O  O   . GLU A 1 196 ? 12.831  21.581  -4.593  1.00 51.54  ? 195 GLU A O   1 
ATOM   1462 C  CB  . GLU A 1 196 ? 12.784  23.712  -7.010  1.00 52.39  ? 195 GLU A CB  1 
ATOM   1463 C  CG  . GLU A 1 196 ? 12.168  23.719  -8.440  1.00 58.82  ? 195 GLU A CG  1 
ATOM   1464 C  CD  . GLU A 1 196 ? 13.039  24.303  -9.569  1.00 64.30  ? 195 GLU A CD  1 
ATOM   1465 O  OE1 . GLU A 1 196 ? 14.207  24.721  -9.344  1.00 58.95  ? 195 GLU A OE1 1 
ATOM   1466 O  OE2 . GLU A 1 196 ? 12.508  24.350  -10.705 1.00 67.39  ? 195 GLU A OE2 1 
ATOM   1467 N  N   . ASP A 1 197 ? 12.216  23.464  -3.570  1.00 51.71  ? 196 ASP A N   1 
ATOM   1468 C  CA  . ASP A 1 197 ? 12.716  23.062  -2.236  1.00 56.69  ? 196 ASP A CA  1 
ATOM   1469 C  C   . ASP A 1 197 ? 11.699  22.291  -1.374  1.00 57.45  ? 196 ASP A C   1 
ATOM   1470 O  O   . ASP A 1 197 ? 11.986  22.000  -0.219  1.00 57.69  ? 196 ASP A O   1 
ATOM   1471 C  CB  . ASP A 1 197 ? 13.298  24.280  -1.461  1.00 57.34  ? 196 ASP A CB  1 
ATOM   1472 C  CG  . ASP A 1 197 ? 12.270  25.387  -1.178  1.00 65.42  ? 196 ASP A CG  1 
ATOM   1473 O  OD1 . ASP A 1 197 ? 11.163  25.341  -1.762  1.00 75.28  ? 196 ASP A OD1 1 
ATOM   1474 O  OD2 . ASP A 1 197 ? 12.594  26.323  -0.394  1.00 67.72  ? 196 ASP A OD2 1 
ATOM   1475 N  N   . THR A 1 198 ? 10.546  21.932  -1.941  1.00 59.39  ? 197 THR A N   1 
ATOM   1476 C  CA  . THR A 1 198 ? 9.470   21.260  -1.198  1.00 61.84  ? 197 THR A CA  1 
ATOM   1477 C  C   . THR A 1 198 ? 9.889   19.991  -0.429  1.00 65.75  ? 197 THR A C   1 
ATOM   1478 O  O   . THR A 1 198 ? 9.489   19.847  0.714   1.00 66.07  ? 197 THR A O   1 
ATOM   1479 C  CB  . THR A 1 198 ? 8.234   21.007  -2.129  1.00 60.27  ? 197 THR A CB  1 
ATOM   1480 O  OG1 . THR A 1 198 ? 7.694   22.274  -2.510  1.00 59.90  ? 197 THR A OG1 1 
ATOM   1481 C  CG2 . THR A 1 198 ? 7.141   20.203  -1.440  1.00 60.45  ? 197 THR A CG2 1 
ATOM   1482 N  N   . PHE A 1 199 ? 10.720  19.132  -1.025  1.00 70.01  ? 198 PHE A N   1 
ATOM   1483 C  CA  . PHE A 1 199 ? 11.133  17.848  -0.407  1.00 75.05  ? 198 PHE A CA  1 
ATOM   1484 C  C   . PHE A 1 199 ? 12.604  17.835  0.038   1.00 78.97  ? 198 PHE A C   1 
ATOM   1485 O  O   . PHE A 1 199 ? 13.338  16.875  -0.231  1.00 81.54  ? 198 PHE A O   1 
ATOM   1486 C  CB  . PHE A 1 199 ? 10.776  16.665  -1.337  1.00 75.37  ? 198 PHE A CB  1 
ATOM   1487 C  CG  . PHE A 1 199 ? 9.352   16.714  -1.825  1.00 76.91  ? 198 PHE A CG  1 
ATOM   1488 C  CD1 . PHE A 1 199 ? 8.296   16.414  -0.958  1.00 78.51  ? 198 PHE A CD1 1 
ATOM   1489 C  CD2 . PHE A 1 199 ? 9.055   17.127  -3.128  1.00 75.80  ? 198 PHE A CD2 1 
ATOM   1490 C  CE1 . PHE A 1 199 ? 6.955   16.500  -1.390  1.00 77.43  ? 198 PHE A CE1 1 
ATOM   1491 C  CE2 . PHE A 1 199 ? 7.723   17.216  -3.576  1.00 77.43  ? 198 PHE A CE2 1 
ATOM   1492 C  CZ  . PHE A 1 199 ? 6.671   16.907  -2.705  1.00 78.12  ? 198 PHE A CZ  1 
ATOM   1493 N  N   . ASP A 1 200 ? 13.002  18.902  0.740   1.00 81.57  ? 199 ASP A N   1 
ATOM   1494 C  CA  . ASP A 1 200 ? 14.356  19.071  1.281   1.00 83.78  ? 199 ASP A CA  1 
ATOM   1495 C  C   . ASP A 1 200 ? 14.294  19.307  2.797   1.00 84.80  ? 199 ASP A C   1 
ATOM   1496 O  O   . ASP A 1 200 ? 14.067  20.431  3.267   1.00 85.52  ? 199 ASP A O   1 
ATOM   1497 C  CB  . ASP A 1 200 ? 15.070  20.243  0.586   1.00 83.97  ? 199 ASP A CB  1 
ATOM   1498 C  CG  . ASP A 1 200 ? 15.326  20.005  -0.910  1.00 87.64  ? 199 ASP A CG  1 
ATOM   1499 O  OD1 . ASP A 1 200 ? 15.206  18.858  -1.399  1.00 93.06  ? 199 ASP A OD1 1 
ATOM   1500 O  OD2 . ASP A 1 200 ? 15.672  20.988  -1.609  1.00 90.58  ? 199 ASP A OD2 1 
HETATM 1501 NA NA  . NA  B 2 .   ? -10.149 6.797   -10.546 1.00 68.61  ? 203 NA  A NA  1 
HETATM 1502 C  C1  . EDO C 3 .   ? -11.410 -10.657 -0.264  1.00 81.81  ? 204 EDO A C1  1 
HETATM 1503 O  O1  . EDO C 3 .   ? -12.149 -11.575 -1.066  1.00 84.52  ? 204 EDO A O1  1 
HETATM 1504 C  C2  . EDO C 3 .   ? -12.378 -9.675  0.374   1.00 81.43  ? 204 EDO A C2  1 
HETATM 1505 O  O2  . EDO C 3 .   ? -11.795 -9.159  1.573   1.00 79.41  ? 204 EDO A O2  1 
HETATM 1506 C  C1  . EDO D 3 .   ? 1.729   4.794   1.436   1.00 75.95  ? 205 EDO A C1  1 
HETATM 1507 O  O1  . EDO D 3 .   ? 1.729   6.207   1.685   1.00 69.24  ? 205 EDO A O1  1 
HETATM 1508 C  C2  . EDO D 3 .   ? 3.173   4.342   1.204   1.00 82.27  ? 205 EDO A C2  1 
HETATM 1509 O  O2  . EDO D 3 .   ? 3.357   2.933   1.466   1.00 85.90  ? 205 EDO A O2  1 
HETATM 1510 C  C1  . EDO E 3 .   ? -17.774 -25.349 8.710   1.00 81.51  ? 206 EDO A C1  1 
HETATM 1511 O  O1  . EDO E 3 .   ? -19.133 -25.254 8.276   1.00 82.05  ? 206 EDO A O1  1 
HETATM 1512 C  C2  . EDO E 3 .   ? -17.715 -25.721 10.189  1.00 82.29  ? 206 EDO A C2  1 
HETATM 1513 O  O2  . EDO E 3 .   ? -17.206 -27.050 10.374  1.00 77.65  ? 206 EDO A O2  1 
HETATM 1514 O  O   . HOH F 4 .   ? -0.336  12.784  6.497   1.00 59.21  ? 207 HOH A O   1 
HETATM 1515 O  O   . HOH F 4 .   ? -10.204 14.275  -7.969  1.00 47.32  ? 208 HOH A O   1 
HETATM 1516 O  O   . HOH F 4 .   ? 12.545  -1.259  -3.409  1.00 64.01  ? 209 HOH A O   1 
HETATM 1517 O  O   . HOH F 4 .   ? 21.999  4.079   -4.395  1.00 60.25  ? 210 HOH A O   1 
HETATM 1518 O  O   . HOH F 4 .   ? -7.567  -26.390 17.429  1.00 46.80  ? 211 HOH A O   1 
HETATM 1519 O  O   . HOH F 4 .   ? -10.328 11.955  -1.769  1.00 54.01  ? 212 HOH A O   1 
HETATM 1520 O  O   . HOH F 4 .   ? 5.310   21.774  -13.424 1.00 41.80  ? 213 HOH A O   1 
HETATM 1521 O  O   . HOH F 4 .   ? 5.766   -3.528  -7.260  1.00 47.09  ? 214 HOH A O   1 
HETATM 1522 O  O   . HOH F 4 .   ? 21.148  11.241  -6.461  1.00 71.46  ? 215 HOH A O   1 
HETATM 1523 O  O   . HOH F 4 .   ? -9.421  18.917  0.719   1.00 74.05  ? 216 HOH A O   1 
HETATM 1524 O  O   . HOH F 4 .   ? -2.921  -8.180  -8.947  1.00 48.07  ? 217 HOH A O   1 
HETATM 1525 O  O   . HOH F 4 .   ? -4.900  -6.942  -7.306  1.00 53.51  ? 218 HOH A O   1 
HETATM 1526 O  O   . HOH F 4 .   ? -6.071  -8.299  -3.366  1.00 54.20  ? 219 HOH A O   1 
HETATM 1527 O  O   . HOH F 4 .   ? -6.193  -19.947 -5.419  1.00 59.53  ? 220 HOH A O   1 
HETATM 1528 O  O   . HOH F 4 .   ? -6.708  -22.870 -3.422  1.00 62.09  ? 221 HOH A O   1 
HETATM 1529 O  O   . HOH F 4 .   ? 4.946   -13.850 0.461   1.00 70.00  ? 222 HOH A O   1 
HETATM 1530 O  O   . HOH F 4 .   ? 18.396  -4.619  -14.457 1.00 73.94  ? 223 HOH A O   1 
HETATM 1531 O  O   . HOH F 4 .   ? -5.509  18.216  -19.445 1.00 62.92  ? 224 HOH A O   1 
HETATM 1532 O  O   . HOH F 4 .   ? 22.104  6.291   -7.787  1.00 64.81  ? 225 HOH A O   1 
HETATM 1533 O  O   . HOH F 4 .   ? -0.488  -23.916 -1.602  1.00 61.30  ? 226 HOH A O   1 
HETATM 1534 O  O   . HOH F 4 .   ? 5.613   23.837  5.284   1.00 59.70  ? 227 HOH A O   1 
HETATM 1535 O  O   . HOH F 4 .   ? 4.085   6.802   -1.876  1.00 55.26  ? 228 HOH A O   1 
HETATM 1536 O  O   . HOH F 4 .   ? -11.498 -29.969 -0.098  1.00 66.26  ? 229 HOH A O   1 
HETATM 1537 O  O   . HOH F 4 .   ? 8.266   -11.059 -4.429  1.00 64.31  ? 230 HOH A O   1 
HETATM 1538 O  O   . HOH F 4 .   ? -2.762  -28.739 1.949   1.00 67.56  ? 231 HOH A O   1 
HETATM 1539 O  O   . HOH F 4 .   ? 4.918   24.594  -3.439  1.00 56.21  ? 232 HOH A O   1 
HETATM 1540 O  O   . HOH F 4 .   ? 1.496   23.568  2.499   1.00 56.44  ? 233 HOH A O   1 
HETATM 1541 O  O   . HOH F 4 .   ? 12.265  26.559  -4.350  1.00 62.46  ? 234 HOH A O   1 
HETATM 1542 O  O   . HOH F 4 .   ? -3.341  15.902  9.199   1.00 73.91  ? 235 HOH A O   1 
HETATM 1543 O  O   . HOH F 4 .   ? 10.699  13.026  -14.423 1.00 61.15  ? 236 HOH A O   1 
HETATM 1544 O  O   . HOH F 4 .   ? 6.073   16.285  7.672   1.00 69.00  ? 237 HOH A O   1 
HETATM 1545 O  O   . HOH F 4 .   ? 5.098   9.365   9.062   1.00 68.98  ? 238 HOH A O   1 
HETATM 1546 O  O   . HOH F 4 .   ? -16.249 -21.575 10.590  1.00 67.74  ? 239 HOH A O   1 
HETATM 1547 O  O   . HOH F 4 .   ? 12.569  19.334  -3.144  1.00 65.21  ? 240 HOH A O   1 
HETATM 1548 O  O   . HOH F 4 .   ? -3.414  -26.614 15.837  1.00 64.75  ? 241 HOH A O   1 
HETATM 1549 O  O   . HOH F 4 .   ? 26.564  -4.107  -13.821 1.00 76.33  ? 242 HOH A O   1 
HETATM 1550 O  O   . HOH F 4 .   ? 19.618  -0.580  -12.173 1.00 62.77  ? 243 HOH A O   1 
HETATM 1551 O  O   . HOH F 4 .   ? -10.340 17.852  -18.727 1.00 69.27  ? 244 HOH A O   1 
HETATM 1552 O  O   . HOH F 4 .   ? 7.347   22.865  -11.732 1.00 56.19  ? 245 HOH A O   1 
HETATM 1553 O  O   . HOH F 4 .   ? 10.518  15.707  -14.856 1.00 58.24  ? 246 HOH A O   1 
HETATM 1554 O  O   . HOH F 4 .   ? -14.159 -20.368 12.582  1.00 63.86  ? 247 HOH A O   1 
HETATM 1555 O  O   . HOH F 4 .   ? -2.952  12.456  6.301   1.00 61.40  ? 248 HOH A O   1 
HETATM 1556 O  O   . HOH F 4 .   ? -4.698  24.293  4.830   1.00 57.36  ? 249 HOH A O   1 
HETATM 1557 O  O   . HOH F 4 .   ? -20.673 -10.681 3.818   1.00 74.38  ? 250 HOH A O   1 
HETATM 1558 O  O   . HOH F 4 .   ? -2.800  -25.073 -0.564  1.00 69.13  ? 251 HOH A O   1 
HETATM 1559 O  O   . HOH F 4 .   ? 6.127   26.952  -8.055  1.00 62.93  ? 252 HOH A O   1 
HETATM 1560 O  O   . HOH F 4 .   ? -6.245  -28.139 12.241  1.00 54.22  ? 253 HOH A O   1 
HETATM 1561 O  O   . HOH F 4 .   ? -0.049  23.566  -13.042 1.00 52.91  ? 254 HOH A O   1 
HETATM 1562 O  O   . HOH F 4 .   ? -5.535  19.236  7.697   1.00 70.46  ? 255 HOH A O   1 
HETATM 1563 O  O   . HOH F 4 .   ? -6.660  24.900  2.920   1.00 68.83  ? 256 HOH A O   1 
HETATM 1564 O  O   . HOH F 4 .   ? -5.096  -6.017  -4.785  1.00 48.45  ? 257 HOH A O   1 
HETATM 1565 O  O   . HOH F 4 .   ? 12.318  -8.167  -13.283 1.00 57.16  ? 258 HOH A O   1 
HETATM 1566 O  O   . HOH F 4 .   ? 5.442   -8.311  -7.678  1.00 54.93  ? 259 HOH A O   1 
HETATM 1567 O  O   . HOH F 4 .   ? 9.108   22.470  -15.623 1.00 59.44  ? 260 HOH A O   1 
HETATM 1568 O  O   . HOH F 4 .   ? -7.845  -7.285  -1.439  1.00 71.06  ? 261 HOH A O   1 
HETATM 1569 O  O   . HOH F 4 .   ? -7.079  -4.042  -4.575  1.00 55.13  ? 262 HOH A O   1 
HETATM 1570 O  O   . HOH F 4 .   ? 4.532   -5.795  -7.905  1.00 54.95  ? 263 HOH A O   1 
HETATM 1571 O  O   . HOH F 4 .   ? 13.218  17.480  -15.043 1.00 50.20  ? 264 HOH A O   1 
HETATM 1572 O  O   . HOH F 4 .   ? 13.847  14.494  -14.905 1.00 44.03  ? 265 HOH A O   1 
HETATM 1573 O  O   . HOH F 4 .   ? -15.173 -28.647 10.766  1.00 41.06  ? 266 HOH A O   1 
HETATM 1574 O  O   . HOH F 4 .   ? -15.433 -30.461 8.851   1.00 45.40  ? 267 HOH A O   1 
HETATM 1575 O  O   . HOH F 4 .   ? -13.118 -30.113 7.792   1.00 42.47  ? 268 HOH A O   1 
HETATM 1576 O  O   . HOH F 4 .   ? -13.211 -32.304 5.516   1.00 56.04  ? 269 HOH A O   1 
HETATM 1577 O  O   . HOH F 4 .   ? -16.506 -33.083 8.237   1.00 41.31  ? 270 HOH A O   1 
HETATM 1578 O  O   . HOH F 4 .   ? -8.607  21.170  -6.424  1.00 51.63  ? 271 HOH A O   1 
HETATM 1579 O  O   . HOH F 4 .   ? -3.246  -23.852 17.406  1.00 54.93  ? 272 HOH A O   1 
HETATM 1580 O  O   . HOH F 4 .   ? 0.553   20.284  -12.329 1.00 46.99  ? 273 HOH A O   1 
HETATM 1581 O  O   . HOH F 4 .   ? -18.485 -11.539 2.474   1.00 74.38  ? 274 HOH A O   1 
HETATM 1582 O  O   . HOH F 4 .   ? -16.686 -15.819 0.686   1.00 75.96  ? 275 HOH A O   1 
HETATM 1583 O  O   . HOH F 4 .   ? -10.197 18.993  -5.877  1.00 58.74  ? 276 HOH A O   1 
HETATM 1584 O  O   . HOH F 4 .   ? -9.907  14.801  -3.991  1.00 65.83  ? 277 HOH A O   1 
HETATM 1585 O  O   . HOH F 4 .   ? -8.856  22.769  -4.232  1.00 60.06  ? 278 HOH A O   1 
HETATM 1586 O  O   . HOH F 4 .   ? -5.422  -25.168 18.576  1.00 53.95  ? 279 HOH A O   1 
HETATM 1587 O  O   . HOH F 4 .   ? 5.449   26.002  -13.117 0.50 37.13  ? 280 HOH A O   1 
HETATM 1588 O  O   . HOH F 4 .   ? -1.216  -16.167 12.861  1.00 74.65  ? 281 HOH A O   1 
HETATM 1589 O  O   . HOH F 4 .   ? -15.689 -9.767  5.069   1.00 67.92  ? 282 HOH A O   1 
HETATM 1590 O  O   . HOH F 4 .   ? -8.143  18.516  3.483   1.00 74.84  ? 283 HOH A O   1 
HETATM 1591 O  O   . HOH F 4 .   ? 10.328  22.392  -11.192 1.00 70.62  ? 284 HOH A O   1 
HETATM 1592 O  O   . HOH F 4 .   ? 8.029   25.542  -13.382 0.50 67.32  ? 285 HOH A O   1 
HETATM 1593 O  O   . HOH F 4 .   ? 14.054  15.387  1.871   1.00 77.74  ? 286 HOH A O   1 
HETATM 1594 O  O   . HOH F 4 .   ? 2.165   -12.245 -10.389 0.50 58.50  ? 287 HOH A O   1 
HETATM 1595 O  O   . HOH F 4 .   ? -9.146  4.601   -5.955  1.00 56.89  ? 288 HOH A O   1 
# 
